data_8CXG
#
_entry.id   8CXG
#
loop_
_entity.id
_entity.type
_entity.pdbx_description
1 polymer 'C8 scFv heavy chain'
2 polymer 'C8 scFv light chain'
3 polymer 'Ankyrin repeat family A protein 2,Envelope E protein'
4 polymer 'Membrane M protein'
#
loop_
_entity_poly.entity_id
_entity_poly.type
_entity_poly.pdbx_seq_one_letter_code
_entity_poly.pdbx_strand_id
1 'polypeptide(L)'
;EVQLVESGGGLVQPGGSLRLSCSASGFTFSTYSMHWVRQAPGKGLEYVSAITGEGDSAFYADSVKGRFTISRDNSKNTLY
FEMNSLRPEDTAVYYCVGGYSNFYYYYTMDVWGQGTTVTVSS
;
H,h,1
2 'polypeptide(L)'
;SEIVLTQSPATLSLSPGERATLSCRASQSISTFLAWYQHKPGQAPRLLIYDASTRATGVPARFSGSRSGTDFTLTISTLE
PEDFAVYYCQQRYNWPPYTFGQGTKVEIK
;
L,l,2
3 'polypeptide(L)'
;MDTSTNLDIGAQLIVEECPSTYSLTGMPDIKIEHPLDPNSEEGSAQGVAMGMKFILPNRFDMNVCSRFVKSLNEEDSKNI
QDQVNSDLEVASVLFKAECNIHTSPSPGIQVRHVYTPSTTKHFSPIKQSTTLTNKIRCIGVSNRDFVEGMSGGTWVDVVL
EHGGCVTVMAQDKPTVDIELVTTTVSNMAEVRSYCYEASISDMASDSRCPTQGEAYLDKQSDTQYVCKRTLVDRGWGNGC
GLFGKGSLVTCAKFACSKKMTGKSIQPENLEYRIMLSVHGSQHSGMIVNDTGHETDENRAKVEITPNSPRAEATLGGFGS
LGLDCEPRTGLDFSDLYYLTMNNKHWLVHKEWFHDIPLPWHAGADTGTPHWNNKEALVEFKDAHAKRQTVVVLGSQEGAV
HTALAGALEAEMDGAKGRLSSGHLKCRLKMDKLRLKGVSYSLCTAAFTFTKIPAETLHGTVTVEVQYAGTDGPCKVPAQM
AVDMQTLTPVGRLITANPVITESTENSKMMLELDPPFGDSYIVIGVGEKKITHHWHRSGSTIGKAFEATVRGAKRMAVLG
DTAWDFGSVGGALNSLGKGIHQIFGAAFKSLFGGMSWFSQILIGTLLMWLGLNTKNGSISLMCLALGGVLIFLSTAVSA
;
A,B,C
4 'polypeptide(L)'
;MKNPKKKSGGFRIVNMLKRGVARVSPFGGLKRLPAGLLLGHGPIRMVLAILAFLRFTAIKPSLGLINRWGSVGKKEAMEI
IKKFKKDLAAMLRIINARKEKKRRGADTSVGIVGLLLTTAMAAEVTRRGSAYYMYLDRNDAGEAISFPTTLGMNKCYIQI
MDLGHMCDATMSYECPMLDEGVEPDDVDCWCNTTSTWVVYGTCHHKKGEARRSRRAVTLPSHSTRKLQTRSQTWLESREY
TKHLIRVENWIFRNPGFALAAAAIAWLLGSSTSQKVIYLVMILLIAPAYSIRCIGVSNRDFVEGMSGGTWVDVVLEHGGC
VTVMAQDKPTVDIELVTTTVSNMAEVRSYCYEASISDMASDSRCPTQGEAYLDKQSDTQYVCKRTLVDRGWGNGCGLFGK
GSLVTCAKFACSKKMTGKSIQPENLEYRIMLSVHGSQHSGMIVNDTGHETDENRAKVEITPNSPRAEATLGGFGSLGLDC
EPRTGLDFSDLYYLTMNNKHWLVHKEWFHDIPLPWHAGADTGTPHWNNKEALVEFKDAHAKRQTVVVLGSQEGAVHTALA
GALEAEMDGAKGRLSSGHLKCRLKMDKLRLKGVSYSLCTAAFTFTKIPAETLHGTVTVEVQYAGTDGPCKVPAQMAVDMQ
TLTPVGRLITANPVITESTENSKMMLELDPPFGDSYIVIGVGEKKITHHWHRSGSTIGKAFEATVRGAKRMAVLGDTAWD
FGSVGGALNSLGKGIHQIFGAAFKSLFGGMSWFSQILIGTLLMWLGLNTKNGSISLMCLALGGVLIFLSTAVSADVGCSV
DFSKKETRCGTGVFVYNDVEAWRDRYKYHPDSPRRLAAAVKQAWEDGICGISSVSRMENIMWRSVEGELNAILEENGVQL
TVVVGSVKNPMWRGPQRLPVPVNELPHGWKAWGKSYFVRAAKTNNSFVVDGDTLKECPLKHRAWNSFLVEDHGFGVFHTS
VWLKVREDYSLECDPAVIGTAVKGKEAVHSDLGYWIESEKNDTWRLKRAHLIEMKTCEWPKSHTLWTDGIEESDLIIPKS
LAGPLSHHNTREGYRTQMKGPWHSEELEIRFEECPGTKVHVEETCGTRGPSLRSTTASGRVIEEWCCRECTMPPLSFRAK
DGCWYGMEIRPRKEPESNLVRSMVTAGSTDHMDHFSLGVLVILLMVQEGLKKRMTTKIIISTSMAVLVAMILGGFSMSDL
AKLAILMGATFAEMNTGGDVAHLALIAAFKVRPALLVSFIFRANWTPRESMLLALASCLLQTAISALEGDLMVLINGFAL
AWLAIRAMVVPRTDNITLAILAALTPLARGTLLVAWRAGLATCGGFMLLSLKGKGSVKKNLPFVMALGLTAVRLVDPINV
VGLLLLTRSGKRSWPPSEVLTAVGLICALAGGFAKADIEMAGPMAAVGLLIVSYVVSGKSVDMYIERAGDITWEKDAEVT
GNSPRLDVALDESGDFSLVEDDGPPMREIILKVVLMTICGMNPIAIPFAAGAWYVYVKTGKRSGALWDVPAPKEVKKGET
TDGVYRVMTRRLLGSTQVGVGVMQEGVFHTMWHVTKGSALRSGEGRLDPYWGDVKQDLVSYCGPWKLDAAWDGHSEVQLL
AVPPGERARNIQTLPGIFKTKDGDIGAVALDYPAGTSGSPILDKCGRVIGLYGNGVVIKNGSYVSAITQGRREEETPVEC
FEPSMLKKKQLTVLDLHPGAGKTRRVLPEIVREAIKTRLRTVILAPTRVVAAEMEEALRGLPVRYMTTAVNVTHSGTEIV
DLMCHATFTSRLLQPIRVPNYNLYIMDEAHFTDPSSIAARGYISTRVEMGEAAAIFMTATPPGTRDAFPDSNSPIMDTEV
EVPERAWSSGFDWVTDHSGKTVWFVPSVRNGNEIAACLTKAGKRVIQLSRKTFETEFQKTKHQEWDFVVTTDISEMGANF
KADRVIDSRRCLKPVILDGERVILAGPMPVTHASAAQRRGRIGRNPNKPGDEYLYGGGCAETDEDHAHWLEARMLLDNIY
LQDGLIASLYRPEADKVAAIEGEFKLRTEQRKTFVELMKRGDLPVWLAYQVASAGITYTDRRWCFDGTTNNTIMEDSVPA
EVWTRHGEKRVLKPRWMDARVCSDHAALKSFKEFAAGKRGAAFGVMEALGTLPGHMTERFQEAIDNLAVLMRAETGSRPY
KAAAAQLPETLETIMLLGLLGTVSLGIFFVLMRNKGIGKMGFGMVTLGASAWLMWLSEIEPARIACVLIVVFLLLVVLIP
EPEKQRSPQDNQMAIIIMVAVGLLGLITANELGWLERTKSDLSHLMGRREEGATIGFSMDIDLRPASAWAIYAALTTFIT
PAVQHAVTTSYNNYSLMAMATQAGVLFGMGKGMPFYAWDFGVPLLMMGCYSQLTPLTLIVAIILLVAHYMYLIPGLQAAA
ARAAQKRTAAGIMKNPVVDGIVVTDIDTMTIDPQVEKKMGQVLLIAVAVSSAILSRTAWGWGEAGALITAATSTLWEGSP
NKYWNSSTATSLCNIFRGSYLAGASLIYTVTRNAGLVKRRGGGTGETLGEKWKARLNQMSALEFYSYKKSGITEVCREEA
RRALKDGVATGGHAVSRGSAKLRWLVERGYLQPYGKVIDLGCGRGGWSYYAATIRKVQEVKGYTKGGPGHEEPVLVQSYG
WNIVRLKSGVDVFHMAAEPCDTLLCDIGESSSSPEVEEARTLRVLSMVGDWLEKRPGAFCIKVLCPYTSTMMETLERLQR
RYGGGLVRVPLSRNSTHEMYWVSGAKSNTIKSVSTTSQLLLGRMDGPRRPVKYEEDVNLGSGTRAVVSCAEAPNMKIIGN
RIERIRSEHAETWFFDENHPYRTWAYHGSYEAPTQGSASSLINGVVRLLSKPWDVVTGVTGIAMTDTTPYGQQRVFKEKV
DTRVPDPQEGTRQVMSMVSSWLWKELGKHKRPRVCTKEEFINKVRSNAALGAIFEEEKEWKTAVEAVNDPRFWALVDKER
EHHLRGECQSCVYNMMGKREKKQGEFGKAKGSRAIWYMWLGARFLEFEALGFLNEDHWMGRENSGGGVEGLGLQRLGYVL
EEMSRIPGGRMYADDTAGWDTRISRFDLENEALITNQMEKGHRALALAIIKYTYQNKVVKVLRPAEKGKTVMDIISRQDQ
RGSGQVVTYALNTFTNLVVQLIRNMEAEEVLEMQDLWLLRRSEKVTNWLQSNGWDRLKRMAVSGDDCVVKPIDDRFAHAL
RFLNDMGKVRKDTQEWKPSTGWDNWEEVPFCSHHFNKLHLKDGRSIVVPCRHQDELIGRARVSPGAGWSIRETACLAKSY
AQMWQLLYFHRRDLRLMANAICSSVPVDWVPTGRTTWSIHGKGEWMTTEDMLVVWNRVWIEENDHMEDKTLVTKWTDIPY
LGKREDLWCGSLIGHRPRTTWAENIKNTVNMVRRIIGDEEKYMDYLSTQVRYLGEEGSTPGVL
;
D,E,F
#
# COMPACT_ATOMS: atom_id res chain seq x y z
N VAL A 2 -16.49 58.55 -9.82
CA VAL A 2 -16.85 58.21 -11.19
C VAL A 2 -16.22 59.20 -12.15
N GLN A 3 -15.13 58.79 -12.79
CA GLN A 3 -14.39 59.67 -13.68
C GLN A 3 -13.65 58.85 -14.72
N LEU A 4 -13.38 59.48 -15.87
CA LEU A 4 -12.62 58.88 -16.95
C LEU A 4 -11.53 59.85 -17.36
N VAL A 5 -10.28 59.43 -17.23
CA VAL A 5 -9.13 60.27 -17.55
C VAL A 5 -8.48 59.72 -18.81
N GLU A 6 -8.42 60.54 -19.86
CA GLU A 6 -7.89 60.11 -21.14
C GLU A 6 -6.48 60.64 -21.34
N SER A 7 -5.69 59.88 -22.12
CA SER A 7 -4.30 60.23 -22.34
C SER A 7 -3.81 59.54 -23.60
N GLY A 8 -2.65 59.98 -24.08
CA GLY A 8 -2.00 59.39 -25.24
C GLY A 8 -2.07 60.22 -26.49
N GLY A 9 -2.81 61.33 -26.49
CA GLY A 9 -2.92 62.13 -27.69
C GLY A 9 -1.64 62.90 -27.98
N GLY A 10 -1.44 63.21 -29.24
CA GLY A 10 -0.25 63.94 -29.65
C GLY A 10 -0.18 64.07 -31.16
N LEU A 11 1.00 64.46 -31.62
CA LEU A 11 1.25 64.63 -33.05
C LEU A 11 1.76 63.33 -33.65
N VAL A 12 1.31 63.03 -34.87
CA VAL A 12 1.70 61.82 -35.57
C VAL A 12 1.74 62.09 -37.06
N GLN A 13 2.52 61.30 -37.77
CA GLN A 13 2.64 61.42 -39.21
C GLN A 13 1.55 60.61 -39.91
N PRO A 14 1.17 60.99 -41.13
CA PRO A 14 0.22 60.19 -41.89
C PRO A 14 0.73 58.76 -42.07
N GLY A 15 -0.18 57.81 -42.00
CA GLY A 15 0.18 56.41 -41.98
C GLY A 15 0.76 55.91 -40.67
N GLY A 16 1.07 56.80 -39.74
CA GLY A 16 1.63 56.41 -38.47
C GLY A 16 0.62 55.69 -37.59
N SER A 17 1.05 55.42 -36.35
CA SER A 17 0.24 54.70 -35.39
C SER A 17 0.23 55.46 -34.07
N LEU A 18 -0.73 55.11 -33.22
CA LEU A 18 -0.88 55.76 -31.92
C LEU A 18 -1.75 54.88 -31.04
N ARG A 19 -1.60 55.05 -29.73
CA ARG A 19 -2.39 54.30 -28.76
C ARG A 19 -2.92 55.26 -27.71
N LEU A 20 -4.24 55.34 -27.60
CA LEU A 20 -4.89 56.19 -26.62
C LEU A 20 -5.42 55.33 -25.47
N SER A 21 -5.33 55.87 -24.26
CA SER A 21 -5.76 55.16 -23.07
C SER A 21 -6.79 55.99 -22.30
N CYS A 22 -7.61 55.28 -21.53
CA CYS A 22 -8.71 55.90 -20.78
C CYS A 22 -8.84 55.13 -19.47
N SER A 23 -8.40 55.77 -18.38
CA SER A 23 -8.44 55.14 -17.07
C SER A 23 -9.74 55.51 -16.35
N ALA A 24 -10.44 54.50 -15.86
CA ALA A 24 -11.71 54.68 -15.19
C ALA A 24 -11.54 54.61 -13.68
N SER A 25 -12.34 55.39 -12.96
CA SER A 25 -12.30 55.38 -11.51
C SER A 25 -13.70 55.59 -10.95
N GLY A 26 -13.93 55.03 -9.77
CA GLY A 26 -15.15 55.29 -9.03
C GLY A 26 -16.32 54.39 -9.32
N PHE A 27 -16.13 53.32 -10.08
CA PHE A 27 -17.23 52.42 -10.38
C PHE A 27 -16.68 51.07 -10.80
N THR A 28 -17.56 50.08 -10.88
CA THR A 28 -17.21 48.73 -11.31
C THR A 28 -17.03 48.75 -12.82
N PHE A 29 -15.77 48.78 -13.26
CA PHE A 29 -15.49 48.96 -14.69
C PHE A 29 -16.09 47.85 -15.53
N SER A 30 -16.15 46.63 -15.00
CA SER A 30 -16.59 45.50 -15.81
C SER A 30 -18.05 45.60 -16.20
N THR A 31 -18.85 46.32 -15.42
CA THR A 31 -20.29 46.45 -15.70
C THR A 31 -20.61 47.63 -16.62
N TYR A 32 -19.60 48.30 -17.16
CA TYR A 32 -19.79 49.49 -17.96
C TYR A 32 -19.34 49.22 -19.39
N SER A 33 -20.25 49.42 -20.34
CA SER A 33 -19.86 49.41 -21.74
C SER A 33 -19.17 50.72 -22.08
N MET A 34 -18.07 50.61 -22.84
CA MET A 34 -17.24 51.76 -23.14
C MET A 34 -17.38 52.14 -24.60
N HIS A 35 -17.23 53.43 -24.88
CA HIS A 35 -17.42 53.94 -26.23
C HIS A 35 -16.40 55.04 -26.50
N TRP A 36 -16.02 55.17 -27.77
CA TRP A 36 -15.13 56.23 -28.24
C TRP A 36 -15.90 57.09 -29.23
N VAL A 37 -15.94 58.39 -28.97
CA VAL A 37 -16.60 59.37 -29.82
C VAL A 37 -15.62 60.50 -30.12
N ARG A 38 -15.45 60.83 -31.38
CA ARG A 38 -14.49 61.85 -31.77
C ARG A 38 -15.22 63.05 -32.38
N GLN A 39 -14.56 64.20 -32.31
CA GLN A 39 -15.08 65.44 -32.86
C GLN A 39 -13.97 66.15 -33.62
N ALA A 40 -14.12 66.27 -34.93
CA ALA A 40 -13.17 67.02 -35.74
C ALA A 40 -13.37 68.51 -35.49
N PRO A 41 -12.33 69.31 -35.72
CA PRO A 41 -12.46 70.77 -35.55
C PRO A 41 -13.55 71.33 -36.46
N GLY A 42 -14.46 72.08 -35.86
CA GLY A 42 -15.58 72.65 -36.62
C GLY A 42 -16.50 71.60 -37.21
N LYS A 43 -16.70 70.49 -36.51
CA LYS A 43 -17.55 69.41 -36.97
C LYS A 43 -18.33 68.85 -35.79
N GLY A 44 -19.43 68.15 -36.11
CA GLY A 44 -20.24 67.53 -35.09
C GLY A 44 -19.60 66.28 -34.52
N LEU A 45 -20.19 65.80 -33.43
CA LEU A 45 -19.71 64.59 -32.79
C LEU A 45 -19.93 63.38 -33.70
N GLU A 46 -18.99 62.43 -33.64
CA GLU A 46 -19.05 61.22 -34.45
C GLU A 46 -18.80 60.01 -33.57
N TYR A 47 -19.81 59.15 -33.43
CA TYR A 47 -19.70 57.92 -32.65
C TYR A 47 -18.93 56.90 -33.47
N VAL A 48 -17.70 56.58 -33.05
CA VAL A 48 -16.78 55.81 -33.87
C VAL A 48 -16.62 54.37 -33.36
N SER A 49 -16.53 54.16 -32.05
CA SER A 49 -16.24 52.78 -31.63
C SER A 49 -16.91 52.45 -30.31
N ALA A 50 -17.02 51.16 -30.02
CA ALA A 50 -17.62 50.72 -28.78
C ALA A 50 -17.15 49.32 -28.43
N ILE A 51 -17.17 49.00 -27.14
CA ILE A 51 -16.86 47.67 -26.64
C ILE A 51 -17.77 47.36 -25.45
N THR A 52 -18.18 46.11 -25.35
CA THR A 52 -19.05 45.66 -24.29
C THR A 52 -18.35 45.74 -22.93
N GLY A 53 -19.12 45.52 -21.88
CA GLY A 53 -18.55 45.56 -20.54
C GLY A 53 -17.52 44.47 -20.31
N GLU A 54 -17.77 43.28 -20.82
CA GLU A 54 -16.92 42.13 -20.56
C GLU A 54 -15.83 41.94 -21.62
N GLY A 55 -15.79 42.79 -22.65
CA GLY A 55 -14.80 42.66 -23.69
C GLY A 55 -15.12 41.63 -24.75
N ASP A 56 -16.27 40.96 -24.67
CA ASP A 56 -16.63 39.91 -25.62
C ASP A 56 -16.59 40.42 -27.06
N SER A 57 -17.34 41.48 -27.33
CA SER A 57 -17.55 41.94 -28.70
C SER A 57 -17.18 43.40 -28.83
N ALA A 58 -16.85 43.81 -30.05
CA ALA A 58 -16.44 45.18 -30.34
C ALA A 58 -17.12 45.66 -31.60
N PHE A 59 -17.38 46.96 -31.66
CA PHE A 59 -18.05 47.58 -32.80
C PHE A 59 -17.24 48.76 -33.29
N TYR A 60 -17.08 48.86 -34.61
CA TYR A 60 -16.34 49.92 -35.25
C TYR A 60 -17.20 50.55 -36.33
N ALA A 61 -17.23 51.88 -36.38
CA ALA A 61 -17.95 52.56 -37.44
C ALA A 61 -17.21 52.40 -38.76
N ASP A 62 -17.96 52.50 -39.87
CA ASP A 62 -17.38 52.31 -41.19
C ASP A 62 -16.20 53.24 -41.42
N SER A 63 -16.28 54.46 -40.90
CA SER A 63 -15.20 55.43 -41.11
C SER A 63 -13.88 54.99 -40.50
N VAL A 64 -13.90 54.07 -39.53
CA VAL A 64 -12.68 53.66 -38.85
C VAL A 64 -12.49 52.15 -38.94
N LYS A 65 -13.52 51.45 -39.41
CA LYS A 65 -13.48 50.00 -39.47
C LYS A 65 -12.29 49.50 -40.27
N GLY A 66 -11.44 48.72 -39.63
CA GLY A 66 -10.29 48.14 -40.30
C GLY A 66 -8.96 48.64 -39.78
N ARG A 67 -8.89 49.92 -39.44
CA ARG A 67 -7.64 50.52 -38.99
C ARG A 67 -7.51 50.59 -37.49
N PHE A 68 -8.60 50.84 -36.76
CA PHE A 68 -8.55 51.07 -35.33
C PHE A 68 -9.00 49.80 -34.60
N THR A 69 -8.48 49.62 -33.39
CA THR A 69 -8.82 48.46 -32.57
C THR A 69 -9.08 48.91 -31.14
N ILE A 70 -10.27 48.64 -30.65
CA ILE A 70 -10.63 48.96 -29.28
C ILE A 70 -10.43 47.73 -28.41
N SER A 71 -9.99 47.95 -27.17
CA SER A 71 -9.79 46.85 -26.24
C SER A 71 -9.92 47.38 -24.82
N ARG A 72 -9.96 46.46 -23.85
CA ARG A 72 -10.12 46.87 -22.47
C ARG A 72 -9.51 45.84 -21.54
N ASP A 73 -9.00 46.31 -20.41
CA ASP A 73 -8.50 45.48 -19.33
C ASP A 73 -9.29 45.84 -18.08
N ASN A 74 -10.12 44.90 -17.62
CA ASN A 74 -10.94 45.10 -16.43
C ASN A 74 -10.15 44.98 -15.15
N SER A 75 -8.96 44.38 -15.18
CA SER A 75 -8.14 44.32 -13.98
C SER A 75 -7.41 45.63 -13.73
N LYS A 76 -6.90 46.25 -14.80
CA LYS A 76 -6.26 47.55 -14.70
C LYS A 76 -7.24 48.70 -14.91
N ASN A 77 -8.53 48.40 -15.13
CA ASN A 77 -9.56 49.42 -15.34
C ASN A 77 -9.13 50.41 -16.43
N THR A 78 -8.74 49.89 -17.58
CA THR A 78 -8.21 50.75 -18.63
C THR A 78 -8.77 50.37 -19.98
N LEU A 79 -9.24 51.37 -20.71
CA LEU A 79 -9.71 51.21 -22.08
C LEU A 79 -8.63 51.70 -23.04
N TYR A 80 -8.46 50.99 -24.14
CA TYR A 80 -7.42 51.30 -25.11
C TYR A 80 -8.03 51.42 -26.49
N PHE A 81 -7.53 52.39 -27.27
CA PHE A 81 -7.97 52.61 -28.64
C PHE A 81 -6.74 52.70 -29.54
N GLU A 82 -6.24 51.53 -29.94
CA GLU A 82 -5.03 51.44 -30.76
C GLU A 82 -5.38 51.82 -32.19
N MET A 83 -4.98 53.00 -32.62
CA MET A 83 -5.33 53.52 -33.93
C MET A 83 -4.11 53.52 -34.83
N ASN A 84 -4.15 52.71 -35.88
CA ASN A 84 -3.06 52.57 -36.83
C ASN A 84 -3.48 53.13 -38.18
N SER A 85 -2.48 53.30 -39.06
CA SER A 85 -2.70 53.75 -40.44
C SER A 85 -3.46 55.08 -40.49
N LEU A 86 -3.10 55.98 -39.57
CA LEU A 86 -3.83 57.23 -39.42
C LEU A 86 -3.77 58.07 -40.68
N ARG A 87 -4.88 58.74 -40.97
CA ARG A 87 -5.05 59.68 -42.06
C ARG A 87 -5.27 61.07 -41.49
N PRO A 88 -5.01 62.12 -42.28
CA PRO A 88 -5.27 63.49 -41.77
C PRO A 88 -6.70 63.70 -41.34
N GLU A 89 -7.65 62.93 -41.88
CA GLU A 89 -9.05 63.06 -41.51
C GLU A 89 -9.34 62.63 -40.08
N ASP A 90 -8.39 61.98 -39.41
CA ASP A 90 -8.59 61.53 -38.03
C ASP A 90 -8.16 62.57 -37.00
N THR A 91 -7.67 63.72 -37.43
CA THR A 91 -7.30 64.78 -36.50
C THR A 91 -8.54 65.31 -35.82
N ALA A 92 -8.66 65.08 -34.52
CA ALA A 92 -9.88 65.38 -33.79
C ALA A 92 -9.64 65.23 -32.30
N VAL A 93 -10.63 65.65 -31.52
CA VAL A 93 -10.62 65.44 -30.08
C VAL A 93 -11.42 64.17 -29.81
N TYR A 94 -10.78 63.20 -29.15
CA TYR A 94 -11.41 61.92 -28.85
C TYR A 94 -11.85 61.90 -27.38
N TYR A 95 -13.08 61.49 -27.15
CA TYR A 95 -13.62 61.30 -25.80
C TYR A 95 -13.95 59.83 -25.61
N CYS A 96 -13.59 59.30 -24.44
CA CYS A 96 -14.06 57.99 -24.01
C CYS A 96 -15.23 58.20 -23.06
N VAL A 97 -16.32 57.50 -23.33
CA VAL A 97 -17.54 57.59 -22.52
C VAL A 97 -17.85 56.20 -22.01
N GLY A 98 -18.57 56.16 -20.89
CA GLY A 98 -18.91 54.88 -20.29
C GLY A 98 -20.32 54.86 -19.76
N GLY A 99 -20.99 53.73 -19.90
CA GLY A 99 -22.35 53.64 -19.40
C GLY A 99 -22.67 52.28 -18.82
N TYR A 100 -23.37 52.24 -17.70
CA TYR A 100 -23.73 50.96 -17.11
C TYR A 100 -24.54 50.16 -18.10
N SER A 101 -24.04 48.97 -18.45
CA SER A 101 -24.63 48.14 -19.48
C SER A 101 -24.98 46.77 -18.93
N ASN A 102 -26.20 46.32 -19.22
CA ASN A 102 -26.65 44.97 -18.95
C ASN A 102 -26.82 44.16 -20.22
N PHE A 103 -26.72 44.81 -21.38
CA PHE A 103 -26.84 44.20 -22.69
C PHE A 103 -25.66 44.71 -23.49
N TYR A 104 -25.38 44.02 -24.61
CA TYR A 104 -24.10 44.13 -25.31
C TYR A 104 -23.50 45.53 -25.31
N TYR A 105 -24.25 46.54 -25.75
CA TYR A 105 -23.73 47.90 -25.78
C TYR A 105 -24.68 48.95 -25.22
N TYR A 106 -25.91 48.60 -24.89
CA TYR A 106 -26.91 49.60 -24.55
C TYR A 106 -26.60 50.28 -23.22
N TYR A 107 -26.90 51.56 -23.14
CA TYR A 107 -26.71 52.33 -21.92
C TYR A 107 -27.68 53.50 -21.91
N THR A 108 -27.98 53.99 -20.71
CA THR A 108 -28.93 55.09 -20.54
C THR A 108 -28.25 56.36 -20.05
N MET A 109 -27.60 56.31 -18.88
CA MET A 109 -26.86 57.44 -18.35
C MET A 109 -25.38 57.18 -18.51
N ASP A 110 -24.65 58.15 -19.05
CA ASP A 110 -23.25 57.98 -19.41
C ASP A 110 -22.37 58.92 -18.60
N VAL A 111 -21.07 58.70 -18.71
CA VAL A 111 -20.05 59.52 -18.08
C VAL A 111 -18.96 59.79 -19.11
N TRP A 112 -18.54 61.04 -19.23
CA TRP A 112 -17.61 61.46 -20.26
C TRP A 112 -16.28 61.88 -19.65
N GLY A 113 -15.20 61.66 -20.39
CA GLY A 113 -13.91 62.19 -20.05
C GLY A 113 -13.70 63.57 -20.64
N GLN A 114 -12.53 64.14 -20.33
CA GLN A 114 -12.24 65.50 -20.80
C GLN A 114 -11.83 65.52 -22.27
N GLY A 115 -11.44 64.39 -22.83
CA GLY A 115 -11.02 64.34 -24.22
C GLY A 115 -9.52 64.57 -24.38
N THR A 116 -9.00 64.07 -25.50
CA THR A 116 -7.60 64.23 -25.84
C THR A 116 -7.48 64.51 -27.32
N THR A 117 -6.60 65.45 -27.68
CA THR A 117 -6.45 65.86 -29.07
C THR A 117 -5.48 64.94 -29.79
N VAL A 118 -5.85 64.49 -30.97
CA VAL A 118 -4.98 63.71 -31.84
C VAL A 118 -4.86 64.47 -33.15
N THR A 119 -3.64 64.91 -33.47
CA THR A 119 -3.38 65.73 -34.64
C THR A 119 -2.42 65.01 -35.57
N VAL A 120 -2.85 64.74 -36.80
CA VAL A 120 -1.93 64.28 -37.82
C VAL A 120 -1.13 65.47 -38.34
N SER A 121 0.12 65.21 -38.72
CA SER A 121 1.07 66.29 -39.00
C SER A 121 0.57 67.20 -40.12
N SER A 122 0.11 66.60 -41.21
CA SER A 122 -0.35 67.38 -42.36
C SER A 122 -1.07 66.51 -43.38
N SER B 1 -30.07 51.81 -44.85
CA SER B 1 -28.75 51.98 -44.28
C SER B 1 -28.84 52.48 -42.84
N GLU B 2 -27.84 53.25 -42.42
CA GLU B 2 -27.79 53.75 -41.05
C GLU B 2 -28.82 54.85 -40.83
N ILE B 3 -29.33 54.90 -39.60
CA ILE B 3 -30.27 55.96 -39.24
C ILE B 3 -29.53 57.29 -39.20
N VAL B 4 -30.22 58.36 -39.62
CA VAL B 4 -29.65 59.71 -39.62
C VAL B 4 -30.58 60.63 -38.86
N LEU B 5 -30.00 61.55 -38.10
CA LEU B 5 -30.76 62.54 -37.34
C LEU B 5 -30.50 63.92 -37.93
N THR B 6 -31.57 64.66 -38.18
CA THR B 6 -31.50 65.98 -38.81
C THR B 6 -32.05 67.01 -37.84
N GLN B 7 -31.21 67.93 -37.40
CA GLN B 7 -31.67 69.05 -36.59
C GLN B 7 -32.00 70.23 -37.50
N SER B 8 -33.18 70.82 -37.31
CA SER B 8 -33.65 71.82 -38.26
C SER B 8 -32.84 73.12 -38.18
N PRO B 9 -32.78 73.83 -37.07
CA PRO B 9 -32.06 75.11 -37.06
C PRO B 9 -30.56 74.89 -37.02
N ALA B 10 -29.86 75.42 -38.02
CA ALA B 10 -28.40 75.32 -38.02
C ALA B 10 -27.80 76.15 -36.89
N THR B 11 -28.27 77.39 -36.74
CA THR B 11 -27.85 78.26 -35.66
C THR B 11 -29.07 79.06 -35.19
N LEU B 12 -29.21 79.20 -33.88
CA LEU B 12 -30.34 79.90 -33.29
C LEU B 12 -29.82 81.06 -32.45
N SER B 13 -30.37 82.25 -32.68
CA SER B 13 -29.98 83.47 -31.98
C SER B 13 -31.16 83.95 -31.15
N LEU B 14 -30.97 84.02 -29.83
CA LEU B 14 -32.03 84.40 -28.92
C LEU B 14 -31.46 85.27 -27.80
N SER B 15 -32.30 86.17 -27.30
CA SER B 15 -31.93 86.98 -26.15
C SER B 15 -32.14 86.19 -24.87
N PRO B 16 -31.43 86.56 -23.79
CA PRO B 16 -31.60 85.84 -22.52
C PRO B 16 -33.03 85.91 -22.04
N GLY B 17 -33.52 84.78 -21.52
CA GLY B 17 -34.88 84.69 -21.03
C GLY B 17 -35.91 84.30 -22.06
N GLU B 18 -35.54 84.22 -23.33
CA GLU B 18 -36.49 83.84 -24.37
C GLU B 18 -36.64 82.33 -24.45
N ARG B 19 -37.76 81.90 -25.02
CA ARG B 19 -38.02 80.48 -25.21
C ARG B 19 -37.15 79.93 -26.33
N ALA B 20 -36.60 78.74 -26.11
CA ALA B 20 -35.74 78.08 -27.08
C ALA B 20 -36.33 76.74 -27.47
N THR B 21 -36.40 76.47 -28.76
CA THR B 21 -36.97 75.22 -29.27
C THR B 21 -36.04 74.63 -30.33
N LEU B 22 -35.67 73.37 -30.14
CA LEU B 22 -34.82 72.65 -31.09
C LEU B 22 -35.50 71.35 -31.48
N SER B 23 -35.46 71.01 -32.77
CA SER B 23 -36.14 69.83 -33.27
C SER B 23 -35.13 68.89 -33.92
N CYS B 24 -35.31 67.59 -33.67
CA CYS B 24 -34.46 66.54 -34.22
C CYS B 24 -35.36 65.49 -34.87
N ARG B 25 -35.13 65.20 -36.14
CA ARG B 25 -35.97 64.26 -36.88
C ARG B 25 -35.15 63.04 -37.28
N ALA B 26 -35.71 61.85 -37.04
CA ALA B 26 -35.07 60.61 -37.42
C ALA B 26 -35.54 60.16 -38.80
N SER B 27 -34.66 59.43 -39.49
CA SER B 27 -35.01 58.90 -40.81
C SER B 27 -35.97 57.73 -40.73
N GLN B 28 -36.15 57.14 -39.55
CA GLN B 28 -37.04 55.99 -39.42
C GLN B 28 -37.57 55.95 -37.99
N SER B 29 -38.49 55.04 -37.76
CA SER B 29 -39.18 54.95 -36.48
C SER B 29 -38.21 54.56 -35.36
N ILE B 30 -38.20 55.36 -34.30
CA ILE B 30 -37.52 55.05 -33.05
C ILE B 30 -38.48 55.39 -31.92
N SER B 31 -38.76 54.41 -31.07
CA SER B 31 -39.88 54.57 -30.15
C SER B 31 -39.68 55.77 -29.23
N THR B 32 -38.72 55.70 -28.31
CA THR B 32 -38.49 56.81 -27.41
C THR B 32 -37.00 57.01 -27.12
N PHE B 33 -36.15 56.24 -27.81
CA PHE B 33 -34.73 56.20 -27.49
C PHE B 33 -34.02 57.34 -28.21
N LEU B 34 -34.11 58.53 -27.62
CA LEU B 34 -33.45 59.72 -28.13
C LEU B 34 -32.85 60.47 -26.95
N ALA B 35 -31.63 60.96 -27.10
CA ALA B 35 -30.95 61.68 -26.03
C ALA B 35 -30.57 63.08 -26.49
N TRP B 36 -30.54 64.01 -25.53
CA TRP B 36 -30.17 65.39 -25.78
C TRP B 36 -28.98 65.75 -24.92
N TYR B 37 -27.92 66.27 -25.57
CA TYR B 37 -26.67 66.64 -24.94
C TYR B 37 -26.40 68.12 -25.15
N GLN B 38 -25.77 68.73 -24.15
CA GLN B 38 -25.30 70.11 -24.20
C GLN B 38 -23.78 70.10 -24.20
N HIS B 39 -23.17 70.76 -25.18
CA HIS B 39 -21.73 70.81 -25.35
C HIS B 39 -21.29 72.25 -25.44
N LYS B 40 -20.39 72.66 -24.54
CA LYS B 40 -19.75 73.96 -24.46
C LYS B 40 -18.31 73.86 -24.95
N PRO B 41 -17.80 74.90 -25.60
CA PRO B 41 -16.41 74.87 -26.06
C PRO B 41 -15.45 74.71 -24.89
N GLY B 42 -14.46 73.84 -25.07
CA GLY B 42 -13.51 73.57 -24.02
C GLY B 42 -14.07 72.77 -22.87
N GLN B 43 -15.13 72.01 -23.09
CA GLN B 43 -15.74 71.20 -22.04
C GLN B 43 -16.24 69.89 -22.64
N ALA B 44 -16.42 68.90 -21.78
CA ALA B 44 -16.97 67.63 -22.23
C ALA B 44 -18.48 67.79 -22.46
N PRO B 45 -19.02 67.11 -23.47
CA PRO B 45 -20.48 67.17 -23.68
C PRO B 45 -21.23 66.67 -22.47
N ARG B 46 -22.28 67.39 -22.10
CA ARG B 46 -23.06 67.11 -20.90
C ARG B 46 -24.40 66.51 -21.28
N LEU B 47 -24.70 65.34 -20.71
CA LEU B 47 -25.98 64.70 -20.97
C LEU B 47 -27.10 65.48 -20.27
N LEU B 48 -28.10 65.89 -21.05
CA LEU B 48 -29.24 66.61 -20.51
C LEU B 48 -30.44 65.68 -20.34
N ILE B 49 -30.86 65.01 -21.40
CA ILE B 49 -32.10 64.23 -21.39
C ILE B 49 -31.86 62.87 -22.03
N TYR B 50 -32.41 61.82 -21.41
CA TYR B 50 -32.44 60.50 -22.03
C TYR B 50 -33.89 60.03 -22.07
N ASP B 51 -34.15 59.04 -22.93
CA ASP B 51 -35.50 58.56 -23.21
C ASP B 51 -36.42 59.68 -23.69
N ALA B 52 -35.83 60.75 -24.21
CA ALA B 52 -36.51 61.81 -24.94
C ALA B 52 -37.40 62.69 -24.08
N SER B 53 -37.65 62.30 -22.83
CA SER B 53 -38.41 63.18 -21.94
C SER B 53 -37.89 63.15 -20.50
N THR B 54 -36.93 62.29 -20.21
CA THR B 54 -36.45 62.12 -18.85
C THR B 54 -35.17 62.92 -18.65
N ARG B 55 -35.15 63.78 -17.64
CA ARG B 55 -33.99 64.60 -17.35
C ARG B 55 -32.93 63.79 -16.62
N ALA B 56 -31.67 64.01 -17.00
CA ALA B 56 -30.57 63.34 -16.33
C ALA B 56 -30.45 63.84 -14.89
N THR B 57 -29.59 63.17 -14.12
CA THR B 57 -29.41 63.51 -12.72
C THR B 57 -28.82 64.92 -12.58
N GLY B 58 -29.53 65.77 -11.85
CA GLY B 58 -29.06 67.11 -11.58
C GLY B 58 -29.38 68.15 -12.63
N VAL B 59 -29.97 67.75 -13.75
CA VAL B 59 -30.34 68.72 -14.79
C VAL B 59 -31.49 69.58 -14.30
N PRO B 60 -31.42 70.90 -14.45
CA PRO B 60 -32.52 71.76 -13.98
C PRO B 60 -33.81 71.47 -14.73
N ALA B 61 -34.93 71.83 -14.10
CA ALA B 61 -36.24 71.49 -14.60
C ALA B 61 -36.64 72.28 -15.85
N ARG B 62 -35.91 73.36 -16.17
CA ARG B 62 -36.31 74.18 -17.30
C ARG B 62 -36.23 73.43 -18.61
N PHE B 63 -35.27 72.51 -18.74
CA PHE B 63 -35.14 71.71 -19.96
C PHE B 63 -36.24 70.65 -20.01
N SER B 64 -36.92 70.57 -21.15
CA SER B 64 -37.97 69.58 -21.34
C SER B 64 -37.81 68.92 -22.70
N GLY B 65 -38.25 67.68 -22.79
CA GLY B 65 -38.20 66.94 -24.04
C GLY B 65 -39.54 66.35 -24.39
N SER B 66 -39.84 66.34 -25.69
CA SER B 66 -41.11 65.83 -26.17
C SER B 66 -40.89 65.08 -27.48
N ARG B 67 -41.84 64.20 -27.79
CA ARG B 67 -41.75 63.35 -28.98
C ARG B 67 -43.11 63.31 -29.68
N SER B 68 -43.06 63.22 -31.00
CA SER B 68 -44.27 63.01 -31.81
C SER B 68 -43.82 62.25 -33.05
N GLY B 69 -44.09 60.95 -33.07
CA GLY B 69 -43.69 60.12 -34.18
C GLY B 69 -42.18 60.02 -34.27
N THR B 70 -41.61 60.67 -35.28
CA THR B 70 -40.17 60.72 -35.45
C THR B 70 -39.58 62.09 -35.15
N ASP B 71 -40.41 63.05 -34.72
CA ASP B 71 -39.96 64.41 -34.46
C ASP B 71 -39.82 64.62 -32.96
N PHE B 72 -38.59 64.87 -32.51
CA PHE B 72 -38.31 65.13 -31.11
C PHE B 72 -38.01 66.61 -30.92
N THR B 73 -38.34 67.13 -29.75
CA THR B 73 -38.22 68.55 -29.47
C THR B 73 -37.60 68.74 -28.09
N LEU B 74 -36.59 69.59 -28.03
CA LEU B 74 -35.98 70.05 -26.79
C LEU B 74 -36.39 71.49 -26.57
N THR B 75 -36.96 71.78 -25.41
CA THR B 75 -37.50 73.09 -25.09
C THR B 75 -36.84 73.65 -23.84
N ILE B 76 -36.43 74.90 -23.92
CA ILE B 76 -35.85 75.65 -22.81
C ILE B 76 -36.75 76.85 -22.58
N SER B 77 -37.55 76.81 -21.51
CA SER B 77 -38.52 77.86 -21.27
C SER B 77 -37.83 79.20 -20.99
N THR B 78 -37.04 79.27 -19.93
CA THR B 78 -36.40 80.51 -19.50
C THR B 78 -34.90 80.39 -19.76
N LEU B 79 -34.46 81.03 -20.84
CA LEU B 79 -33.05 80.98 -21.22
C LEU B 79 -32.18 81.71 -20.20
N GLU B 80 -31.15 81.04 -19.73
CA GLU B 80 -30.14 81.59 -18.84
C GLU B 80 -28.84 81.80 -19.60
N PRO B 81 -27.97 82.71 -19.14
CA PRO B 81 -26.73 82.97 -19.88
C PRO B 81 -25.84 81.75 -20.03
N GLU B 82 -25.81 80.86 -19.04
CA GLU B 82 -24.97 79.66 -19.12
C GLU B 82 -25.57 78.58 -20.01
N ASP B 83 -26.68 78.85 -20.69
CA ASP B 83 -27.32 77.88 -21.57
C ASP B 83 -26.94 78.05 -23.03
N PHE B 84 -26.19 79.10 -23.37
CA PHE B 84 -25.81 79.35 -24.76
C PHE B 84 -24.63 78.46 -25.12
N ALA B 85 -24.90 77.38 -25.83
CA ALA B 85 -23.89 76.41 -26.22
C ALA B 85 -24.41 75.66 -27.45
N VAL B 86 -23.75 74.55 -27.79
CA VAL B 86 -24.20 73.69 -28.87
C VAL B 86 -25.02 72.57 -28.28
N TYR B 87 -26.08 72.16 -28.97
CA TYR B 87 -26.96 71.10 -28.51
C TYR B 87 -27.06 70.01 -29.55
N TYR B 88 -26.87 68.76 -29.13
CA TYR B 88 -26.88 67.63 -30.03
C TYR B 88 -27.96 66.63 -29.61
N CYS B 89 -28.52 65.94 -30.60
CA CYS B 89 -29.35 64.78 -30.34
C CYS B 89 -28.58 63.52 -30.75
N GLN B 90 -28.72 62.48 -29.93
CA GLN B 90 -28.03 61.22 -30.15
C GLN B 90 -29.04 60.09 -30.16
N GLN B 91 -28.79 59.12 -31.03
CA GLN B 91 -29.67 57.98 -31.20
C GLN B 91 -29.27 56.86 -30.25
N ARG B 92 -30.24 56.33 -29.50
CA ARG B 92 -30.01 55.22 -28.60
C ARG B 92 -30.82 53.99 -28.98
N TYR B 93 -31.05 53.77 -30.28
CA TYR B 93 -31.85 52.64 -30.71
C TYR B 93 -31.05 51.34 -30.59
N ASN B 94 -31.56 50.31 -31.25
CA ASN B 94 -31.13 48.92 -31.05
C ASN B 94 -29.62 48.72 -31.02
N TRP B 95 -28.95 48.85 -32.16
CA TRP B 95 -27.51 48.56 -32.22
C TRP B 95 -26.55 49.74 -32.25
N PRO B 96 -25.34 49.54 -31.78
CA PRO B 96 -24.42 50.63 -31.46
C PRO B 96 -24.29 51.70 -32.52
N PRO B 97 -24.51 51.43 -33.83
CA PRO B 97 -24.47 52.55 -34.77
C PRO B 97 -25.35 53.68 -34.27
N TYR B 98 -24.71 54.74 -33.80
CA TYR B 98 -25.36 55.88 -33.17
C TYR B 98 -24.93 57.13 -33.91
N THR B 99 -25.89 57.97 -34.27
CA THR B 99 -25.59 59.17 -35.03
C THR B 99 -25.98 60.39 -34.20
N PHE B 100 -25.03 61.29 -34.02
CA PHE B 100 -25.30 62.58 -33.42
C PHE B 100 -25.75 63.53 -34.51
N GLY B 101 -26.80 64.29 -34.23
CA GLY B 101 -27.21 65.34 -35.15
C GLY B 101 -26.09 66.33 -35.41
N GLN B 102 -26.20 67.08 -36.49
CA GLN B 102 -25.17 68.07 -36.80
C GLN B 102 -25.08 69.18 -35.76
N GLY B 103 -26.04 69.28 -34.86
CA GLY B 103 -25.94 70.24 -33.77
C GLY B 103 -26.55 71.58 -34.13
N THR B 104 -27.04 72.27 -33.09
CA THR B 104 -27.61 73.60 -33.22
C THR B 104 -26.99 74.49 -32.16
N LYS B 105 -26.52 75.66 -32.57
CA LYS B 105 -25.88 76.62 -31.67
C LYS B 105 -26.89 77.66 -31.22
N VAL B 106 -27.00 77.83 -29.91
CA VAL B 106 -27.87 78.84 -29.31
C VAL B 106 -27.02 80.05 -28.99
N GLU B 107 -27.24 81.15 -29.71
CA GLU B 107 -26.40 82.33 -29.62
C GLU B 107 -27.15 83.47 -28.94
N ILE B 108 -26.39 84.40 -28.35
CA ILE B 108 -26.94 85.59 -27.73
C ILE B 108 -27.06 86.65 -28.82
N LYS B 109 -28.27 86.85 -29.32
CA LYS B 109 -28.50 87.85 -30.35
C LYS B 109 -28.45 89.25 -29.76
N ILE C 136 -41.56 45.05 -13.13
CA ILE C 136 -40.24 45.59 -13.39
C ILE C 136 -39.21 44.52 -13.14
N ARG C 137 -38.22 44.45 -14.03
CA ARG C 137 -37.07 43.56 -13.95
C ARG C 137 -37.41 42.13 -14.32
N CYS C 138 -38.66 41.81 -14.52
CA CYS C 138 -39.06 40.52 -15.05
C CYS C 138 -39.96 40.62 -16.25
N ILE C 139 -40.19 41.83 -16.76
CA ILE C 139 -41.08 42.01 -17.91
C ILE C 139 -40.64 41.16 -19.09
N GLY C 140 -39.39 41.31 -19.51
CA GLY C 140 -38.91 40.67 -20.71
C GLY C 140 -38.19 39.36 -20.53
N VAL C 141 -38.27 38.74 -19.35
CA VAL C 141 -37.41 37.58 -19.06
C VAL C 141 -37.83 36.36 -19.89
N SER C 142 -39.10 36.28 -20.27
CA SER C 142 -39.58 35.21 -21.15
C SER C 142 -39.51 33.84 -20.52
N ASN C 143 -39.09 33.76 -19.27
CA ASN C 143 -39.14 32.52 -18.51
C ASN C 143 -39.66 32.79 -17.11
N ARG C 144 -40.54 33.77 -16.99
CA ARG C 144 -41.07 34.15 -15.70
C ARG C 144 -42.42 33.47 -15.47
N ASP C 145 -42.72 33.22 -14.20
CA ASP C 145 -44.00 32.64 -13.82
C ASP C 145 -44.58 33.44 -12.67
N PHE C 146 -45.90 33.47 -12.62
CA PHE C 146 -46.62 34.28 -11.65
C PHE C 146 -47.06 33.41 -10.50
N VAL C 147 -46.69 33.80 -9.28
CA VAL C 147 -47.10 33.09 -8.07
C VAL C 147 -48.13 33.97 -7.37
N GLU C 148 -49.38 33.52 -7.36
CA GLU C 148 -50.48 34.31 -6.87
C GLU C 148 -51.11 33.63 -5.66
N GLY C 149 -51.64 34.44 -4.76
CA GLY C 149 -52.41 33.91 -3.65
C GLY C 149 -51.53 33.42 -2.53
N MET C 150 -52.15 33.27 -1.36
CA MET C 150 -51.43 32.87 -0.15
C MET C 150 -52.46 32.53 0.92
N SER C 151 -51.94 32.09 2.08
CA SER C 151 -52.78 31.77 3.23
C SER C 151 -53.06 33.05 4.01
N GLY C 152 -53.96 33.86 3.45
CA GLY C 152 -54.36 35.09 4.10
C GLY C 152 -53.25 36.09 4.29
N GLY C 153 -52.24 36.08 3.42
CA GLY C 153 -51.14 37.01 3.54
C GLY C 153 -50.00 36.55 4.40
N THR C 154 -49.96 35.28 4.81
CA THR C 154 -48.89 34.81 5.68
C THR C 154 -47.59 34.60 4.90
N TRP C 155 -47.59 33.68 3.95
CA TRP C 155 -46.34 33.31 3.30
C TRP C 155 -46.63 32.41 2.10
N VAL C 156 -45.66 32.34 1.20
CA VAL C 156 -45.71 31.49 0.02
C VAL C 156 -44.34 30.86 -0.19
N ASP C 157 -44.32 29.58 -0.51
CA ASP C 157 -43.09 28.90 -0.87
C ASP C 157 -42.81 29.14 -2.34
N VAL C 158 -41.54 29.32 -2.69
CA VAL C 158 -41.14 29.64 -4.06
C VAL C 158 -39.76 29.07 -4.32
N VAL C 159 -39.57 28.49 -5.50
CA VAL C 159 -38.26 28.03 -5.94
C VAL C 159 -37.73 29.01 -6.97
N LEU C 160 -36.52 29.50 -6.75
CA LEU C 160 -35.88 30.44 -7.65
C LEU C 160 -34.87 29.70 -8.53
N GLU C 161 -34.81 30.08 -9.79
CA GLU C 161 -33.90 29.45 -10.73
C GLU C 161 -33.11 30.53 -11.44
N HIS C 162 -31.97 30.13 -11.99
CA HIS C 162 -31.10 31.11 -12.64
C HIS C 162 -31.71 31.64 -13.93
N GLY C 163 -32.39 30.78 -14.67
CA GLY C 163 -32.94 31.21 -15.95
C GLY C 163 -33.96 32.32 -15.81
N GLY C 164 -35.03 32.06 -15.07
CA GLY C 164 -36.13 33.00 -15.02
C GLY C 164 -36.33 33.65 -13.67
N CYS C 165 -37.48 34.31 -13.49
CA CYS C 165 -37.76 34.97 -12.23
C CYS C 165 -39.25 34.85 -11.92
N VAL C 166 -39.60 35.24 -10.71
CA VAL C 166 -40.94 35.01 -10.17
C VAL C 166 -41.53 36.36 -9.80
N THR C 167 -42.73 36.65 -10.29
CA THR C 167 -43.48 37.82 -9.84
C THR C 167 -44.55 37.36 -8.88
N VAL C 168 -44.45 37.79 -7.63
CA VAL C 168 -45.33 37.39 -6.55
C VAL C 168 -46.33 38.51 -6.35
N MET C 169 -47.61 38.18 -6.46
CA MET C 169 -48.68 39.14 -6.32
C MET C 169 -49.66 38.64 -5.27
N ALA C 170 -49.97 39.48 -4.30
CA ALA C 170 -50.81 39.13 -3.17
C ALA C 170 -52.15 39.85 -3.28
N GLN C 171 -52.97 39.70 -2.25
CA GLN C 171 -54.30 40.29 -2.26
C GLN C 171 -54.25 41.81 -2.31
N ASP C 172 -53.62 42.42 -1.32
CA ASP C 172 -53.56 43.88 -1.23
C ASP C 172 -52.14 44.33 -0.97
N LYS C 173 -51.19 43.74 -1.68
CA LYS C 173 -49.79 44.01 -1.47
C LYS C 173 -49.10 44.23 -2.80
N PRO C 174 -48.05 45.03 -2.84
CA PRO C 174 -47.42 45.37 -4.13
C PRO C 174 -46.72 44.17 -4.74
N THR C 175 -46.89 44.02 -6.05
CA THR C 175 -46.28 42.91 -6.75
C THR C 175 -44.77 43.04 -6.75
N VAL C 176 -44.09 41.96 -6.38
CA VAL C 176 -42.63 41.96 -6.25
C VAL C 176 -42.03 40.96 -7.22
N ASP C 177 -41.03 41.37 -7.97
CA ASP C 177 -40.30 40.48 -8.86
C ASP C 177 -38.99 40.07 -8.24
N ILE C 178 -38.75 38.76 -8.17
CA ILE C 178 -37.61 38.19 -7.47
C ILE C 178 -36.84 37.32 -8.45
N GLU C 179 -35.51 37.49 -8.47
CA GLU C 179 -34.69 36.74 -9.40
C GLU C 179 -33.38 36.35 -8.74
N LEU C 180 -32.93 35.12 -8.98
CA LEU C 180 -31.62 34.68 -8.57
C LEU C 180 -30.61 35.09 -9.62
N VAL C 181 -29.51 35.69 -9.20
CA VAL C 181 -28.57 36.33 -10.12
C VAL C 181 -27.27 35.55 -10.25
N THR C 182 -26.54 35.38 -9.15
CA THR C 182 -25.24 34.71 -9.20
C THR C 182 -25.07 33.81 -7.99
N THR C 183 -24.35 32.71 -8.16
CA THR C 183 -23.96 31.89 -7.02
C THR C 183 -22.43 31.86 -6.95
N THR C 184 -21.87 32.41 -5.89
CA THR C 184 -20.42 32.39 -5.70
C THR C 184 -20.03 31.28 -4.74
N VAL C 185 -18.98 30.56 -5.09
CA VAL C 185 -18.36 29.59 -4.19
C VAL C 185 -17.02 30.14 -3.75
N SER C 186 -16.65 29.87 -2.51
CA SER C 186 -15.54 30.57 -1.90
C SER C 186 -14.59 29.58 -1.24
N ASN C 187 -13.30 29.92 -1.27
CA ASN C 187 -12.21 29.15 -0.68
C ASN C 187 -12.38 27.65 -0.94
N MET C 188 -12.24 27.28 -2.21
CA MET C 188 -12.21 25.88 -2.58
C MET C 188 -10.82 25.30 -2.32
N ALA C 189 -10.78 23.98 -2.17
CA ALA C 189 -9.56 23.28 -1.75
C ALA C 189 -9.11 22.36 -2.88
N GLU C 190 -7.89 22.58 -3.36
CA GLU C 190 -7.37 21.84 -4.49
C GLU C 190 -7.27 20.35 -4.20
N VAL C 191 -7.62 19.53 -5.20
CA VAL C 191 -7.62 18.08 -5.08
C VAL C 191 -7.17 17.47 -6.40
N ARG C 192 -6.05 16.76 -6.39
CA ARG C 192 -5.70 15.86 -7.48
C ARG C 192 -5.66 16.50 -8.85
N SER C 193 -4.62 17.25 -9.17
CA SER C 193 -4.48 17.84 -10.49
C SER C 193 -3.84 16.88 -11.48
N TYR C 194 -4.41 16.80 -12.68
CA TYR C 194 -3.97 15.88 -13.74
C TYR C 194 -3.04 16.57 -14.72
N CYS C 195 -2.48 15.79 -15.65
CA CYS C 195 -1.65 16.28 -16.74
C CYS C 195 -2.29 15.89 -18.05
N TYR C 196 -2.49 16.87 -18.92
CA TYR C 196 -2.97 16.56 -20.25
C TYR C 196 -1.94 16.82 -21.34
N GLU C 197 -0.72 17.22 -21.00
CA GLU C 197 0.30 17.40 -22.02
C GLU C 197 1.65 17.00 -21.45
N ALA C 198 2.14 15.84 -21.85
CA ALA C 198 3.41 15.34 -21.37
C ALA C 198 4.55 15.80 -22.27
N SER C 199 5.75 15.77 -21.72
CA SER C 199 6.97 16.04 -22.46
C SER C 199 8.01 15.05 -21.98
N ILE C 200 8.75 14.51 -22.93
CA ILE C 200 9.72 13.46 -22.65
C ILE C 200 11.12 14.06 -22.78
N SER C 201 12.10 13.32 -22.30
CA SER C 201 13.45 13.86 -22.16
C SER C 201 14.43 12.73 -22.40
N ASP C 202 15.63 12.86 -21.85
CA ASP C 202 16.77 12.08 -22.29
C ASP C 202 16.57 10.59 -22.05
N MET C 203 16.21 9.86 -23.10
CA MET C 203 16.04 8.43 -23.00
C MET C 203 17.37 7.75 -22.73
N ALA C 204 17.29 6.51 -22.27
CA ALA C 204 18.46 5.67 -22.07
C ALA C 204 17.97 4.23 -22.05
N SER C 205 18.92 3.30 -22.17
CA SER C 205 18.52 1.91 -22.23
C SER C 205 19.68 1.02 -21.81
N ASP C 206 19.34 -0.22 -21.51
CA ASP C 206 20.31 -1.22 -21.08
C ASP C 206 19.84 -2.58 -21.54
N SER C 207 20.79 -3.44 -21.91
CA SER C 207 20.49 -4.76 -22.44
C SER C 207 21.33 -5.78 -21.70
N ARG C 208 20.89 -7.03 -21.68
CA ARG C 208 21.58 -8.06 -20.92
C ARG C 208 21.83 -9.36 -21.68
N CYS C 209 22.73 -10.19 -21.16
CA CYS C 209 23.05 -11.47 -21.79
C CYS C 209 21.79 -12.31 -21.87
N PRO C 210 21.60 -12.99 -22.99
CA PRO C 210 20.37 -13.75 -23.24
C PRO C 210 20.23 -14.54 -21.95
N THR C 211 21.36 -14.94 -21.39
CA THR C 211 21.33 -15.71 -20.14
C THR C 211 22.20 -14.98 -19.14
N GLN C 212 21.61 -13.95 -18.55
CA GLN C 212 22.08 -13.24 -17.38
C GLN C 212 20.81 -12.87 -16.63
N GLY C 213 20.87 -11.85 -15.81
CA GLY C 213 19.65 -11.50 -15.11
C GLY C 213 18.76 -10.64 -15.97
N GLU C 214 18.42 -9.44 -15.48
CA GLU C 214 17.60 -8.52 -16.25
C GLU C 214 18.30 -7.18 -16.30
N ALA C 215 17.97 -6.40 -17.31
CA ALA C 215 18.60 -5.10 -17.45
C ALA C 215 18.16 -4.18 -16.31
N TYR C 216 19.07 -3.31 -15.90
CA TYR C 216 18.76 -2.36 -14.82
C TYR C 216 19.51 -1.08 -15.08
N LEU C 217 18.78 -0.01 -15.38
CA LEU C 217 19.34 1.32 -15.40
C LEU C 217 19.33 1.91 -14.00
N ASP C 218 20.35 2.69 -13.69
CA ASP C 218 20.35 3.39 -12.42
C ASP C 218 19.28 4.46 -12.35
N LYS C 219 18.63 4.77 -13.47
CA LYS C 219 17.55 5.74 -13.49
C LYS C 219 16.21 5.11 -13.20
N GLN C 220 16.18 3.84 -12.81
CA GLN C 220 14.95 3.26 -12.32
C GLN C 220 14.70 3.55 -10.87
N SER C 221 15.71 4.05 -10.15
CA SER C 221 15.57 4.43 -8.76
C SER C 221 15.19 5.89 -8.62
N ASP C 222 14.64 6.48 -9.67
CA ASP C 222 14.25 7.88 -9.68
C ASP C 222 12.78 7.95 -10.08
N THR C 223 11.98 8.65 -9.28
CA THR C 223 10.55 8.73 -9.53
C THR C 223 10.21 9.80 -10.54
N GLN C 224 11.17 10.19 -11.37
CA GLN C 224 10.94 11.18 -12.41
C GLN C 224 11.12 10.57 -13.78
N TYR C 225 11.28 9.26 -13.87
CA TYR C 225 11.52 8.56 -15.12
C TYR C 225 10.46 7.48 -15.31
N VAL C 226 10.09 7.26 -16.56
CA VAL C 226 9.23 6.15 -16.94
C VAL C 226 10.13 5.08 -17.53
N CYS C 227 10.00 3.86 -17.03
CA CYS C 227 10.88 2.78 -17.43
C CYS C 227 10.07 1.57 -17.82
N LYS C 228 10.46 0.92 -18.90
CA LYS C 228 9.77 -0.24 -19.43
C LYS C 228 10.77 -1.33 -19.76
N ARG C 229 10.41 -2.57 -19.45
CA ARG C 229 11.27 -3.73 -19.60
C ARG C 229 10.66 -4.71 -20.58
N THR C 230 11.48 -5.22 -21.50
CA THR C 230 11.01 -6.12 -22.54
C THR C 230 12.13 -7.10 -22.89
N LEU C 231 11.85 -7.94 -23.89
CA LEU C 231 12.79 -8.93 -24.38
C LEU C 231 13.21 -8.58 -25.79
N VAL C 232 14.49 -8.72 -26.08
CA VAL C 232 15.05 -8.32 -27.36
C VAL C 232 15.86 -9.48 -27.94
N ASP C 233 15.80 -9.63 -29.26
CA ASP C 233 16.63 -10.61 -29.94
C ASP C 233 18.09 -10.21 -29.82
N ARG C 234 18.92 -11.14 -29.37
CA ARG C 234 20.29 -10.78 -29.05
C ARG C 234 21.20 -11.98 -29.22
N GLY C 235 22.45 -11.70 -29.59
CA GLY C 235 23.46 -12.71 -29.54
C GLY C 235 24.43 -12.86 -30.69
N TRP C 236 25.72 -12.82 -30.36
CA TRP C 236 26.82 -13.26 -31.21
C TRP C 236 27.06 -12.29 -32.36
N GLY C 237 26.14 -11.37 -32.56
CA GLY C 237 26.33 -10.30 -33.52
C GLY C 237 26.38 -8.99 -32.76
N ASN C 238 25.53 -8.92 -31.74
CA ASN C 238 25.48 -7.75 -30.88
C ASN C 238 26.62 -7.74 -29.87
N GLY C 239 27.12 -8.90 -29.47
CA GLY C 239 28.29 -8.94 -28.63
C GLY C 239 28.33 -10.00 -27.56
N CYS C 240 27.23 -10.72 -27.35
CA CYS C 240 27.15 -11.70 -26.27
C CYS C 240 26.92 -13.08 -26.87
N GLY C 241 27.88 -13.98 -26.69
CA GLY C 241 27.72 -15.29 -27.27
C GLY C 241 26.70 -16.13 -26.55
N LEU C 242 25.51 -16.19 -27.15
CA LEU C 242 24.33 -16.99 -26.83
C LEU C 242 23.24 -16.43 -27.72
N PHE C 243 22.15 -17.16 -27.87
CA PHE C 243 21.16 -16.72 -28.85
C PHE C 243 19.75 -16.52 -28.34
N GLY C 244 19.48 -16.76 -27.06
CA GLY C 244 18.13 -16.54 -26.57
C GLY C 244 17.69 -15.08 -26.62
N LYS C 245 16.46 -14.82 -26.18
CA LYS C 245 16.03 -13.44 -26.00
C LYS C 245 16.81 -12.79 -24.86
N GLY C 246 17.18 -11.53 -25.05
CA GLY C 246 17.78 -10.75 -23.99
C GLY C 246 16.73 -10.01 -23.19
N SER C 247 17.18 -9.07 -22.39
CA SER C 247 16.29 -8.22 -21.63
C SER C 247 16.74 -6.78 -21.81
N LEU C 248 15.81 -5.92 -22.20
CA LEU C 248 16.10 -4.52 -22.51
C LEU C 248 15.22 -3.63 -21.67
N VAL C 249 15.82 -2.61 -21.06
CA VAL C 249 15.10 -1.63 -20.26
C VAL C 249 15.32 -0.27 -20.90
N THR C 250 14.24 0.49 -21.06
CA THR C 250 14.35 1.86 -21.55
C THR C 250 13.68 2.82 -20.58
N CYS C 251 14.33 3.94 -20.34
CA CYS C 251 13.86 4.94 -19.38
C CYS C 251 13.89 6.31 -20.00
N ALA C 252 12.91 7.13 -19.66
CA ALA C 252 12.76 8.46 -20.22
C ALA C 252 12.20 9.39 -19.17
N LYS C 253 12.75 10.60 -19.10
CA LYS C 253 12.34 11.55 -18.07
C LYS C 253 11.03 12.23 -18.45
N PHE C 254 10.16 12.42 -17.47
CA PHE C 254 8.81 12.92 -17.68
C PHE C 254 8.67 14.33 -17.13
N ALA C 255 7.93 15.17 -17.85
CA ALA C 255 7.67 16.54 -17.40
C ALA C 255 6.32 16.98 -17.94
N CYS C 256 5.47 17.50 -17.08
CA CYS C 256 4.17 17.83 -17.54
C CYS C 256 4.04 19.23 -17.61
N SER C 257 3.55 19.71 -18.74
CA SER C 257 3.30 21.14 -18.91
C SER C 257 1.81 21.46 -18.84
N LYS C 258 1.46 22.47 -18.05
CA LYS C 258 0.08 22.98 -17.85
C LYS C 258 -1.06 21.99 -17.49
N LYS C 259 -0.84 21.14 -16.50
CA LYS C 259 -1.85 20.17 -16.05
C LYS C 259 -3.09 20.78 -15.40
N MET C 260 -4.24 20.15 -15.60
CA MET C 260 -5.54 20.59 -15.06
C MET C 260 -5.69 20.34 -13.55
N THR C 261 -6.59 21.08 -12.91
CA THR C 261 -6.80 20.95 -11.47
C THR C 261 -8.27 21.03 -11.10
N GLY C 262 -8.73 20.11 -10.26
CA GLY C 262 -10.06 20.17 -9.70
C GLY C 262 -10.00 20.53 -8.23
N LYS C 263 -11.07 21.15 -7.73
CA LYS C 263 -11.12 21.62 -6.36
C LYS C 263 -12.47 21.21 -5.77
N SER C 264 -12.50 21.05 -4.45
CA SER C 264 -13.68 20.57 -3.77
C SER C 264 -14.57 21.74 -3.37
N ILE C 265 -15.87 21.49 -3.33
CA ILE C 265 -16.86 22.49 -2.96
C ILE C 265 -17.62 21.94 -1.76
N GLN C 266 -17.47 22.58 -0.61
CA GLN C 266 -18.34 22.27 0.52
C GLN C 266 -19.65 23.02 0.34
N PRO C 267 -20.76 22.43 0.80
CA PRO C 267 -22.05 23.14 0.72
C PRO C 267 -22.16 24.30 1.66
N GLU C 268 -21.17 24.52 2.52
CA GLU C 268 -21.04 25.75 3.28
C GLU C 268 -20.16 26.70 2.49
N ASN C 269 -19.98 27.90 3.01
CA ASN C 269 -19.21 28.96 2.36
C ASN C 269 -19.61 29.14 0.89
N LEU C 270 -20.91 28.99 0.63
CA LEU C 270 -21.49 29.10 -0.71
C LEU C 270 -22.58 30.15 -0.64
N GLU C 271 -22.46 31.21 -1.44
CA GLU C 271 -23.31 32.39 -1.30
C GLU C 271 -24.19 32.58 -2.52
N TYR C 272 -25.46 32.89 -2.28
CA TYR C 272 -26.40 33.25 -3.33
C TYR C 272 -26.71 34.74 -3.21
N ARG C 273 -26.98 35.37 -4.35
CA ARG C 273 -27.31 36.79 -4.40
C ARG C 273 -28.63 36.95 -5.13
N ILE C 274 -29.66 37.35 -4.40
CA ILE C 274 -31.01 37.48 -4.92
C ILE C 274 -31.31 38.96 -5.12
N MET C 275 -31.85 39.30 -6.28
CA MET C 275 -32.23 40.67 -6.59
C MET C 275 -33.74 40.73 -6.69
N LEU C 276 -34.35 41.66 -5.96
CA LEU C 276 -35.78 41.84 -6.07
C LEU C 276 -36.11 43.30 -6.31
N SER C 277 -37.25 43.52 -6.92
CA SER C 277 -37.72 44.86 -7.25
C SER C 277 -39.23 44.87 -7.12
N VAL C 278 -39.79 46.07 -7.12
CA VAL C 278 -41.22 46.24 -6.90
C VAL C 278 -41.81 46.95 -8.10
N HIS C 279 -43.10 46.72 -8.33
CA HIS C 279 -43.82 47.45 -9.36
C HIS C 279 -44.23 48.81 -8.81
N GLY C 280 -45.15 49.48 -9.47
CA GLY C 280 -45.60 50.76 -9.00
C GLY C 280 -45.19 51.95 -9.85
N SER C 281 -44.20 52.71 -9.39
CA SER C 281 -43.95 54.04 -9.91
C SER C 281 -42.78 54.12 -10.87
N GLN C 282 -42.07 53.03 -11.10
CA GLN C 282 -40.84 53.10 -11.89
C GLN C 282 -41.16 53.19 -13.37
N HIS C 283 -40.56 54.15 -14.05
CA HIS C 283 -40.75 54.28 -15.48
C HIS C 283 -39.94 53.23 -16.22
N SER C 284 -40.32 53.00 -17.49
CA SER C 284 -39.79 51.88 -18.26
C SER C 284 -38.27 51.82 -18.28
N GLY C 285 -37.60 52.96 -18.08
CA GLY C 285 -36.15 52.96 -18.09
C GLY C 285 -35.56 52.03 -17.03
N THR C 295 -30.40 52.82 -2.32
CA THR C 295 -30.88 54.15 -2.03
C THR C 295 -32.11 54.56 -2.84
N ASP C 296 -32.68 53.65 -3.63
CA ASP C 296 -33.75 54.05 -4.54
C ASP C 296 -35.12 53.49 -4.16
N GLU C 297 -35.24 52.87 -2.99
CA GLU C 297 -36.53 52.59 -2.35
C GLU C 297 -37.36 51.52 -3.04
N ASN C 298 -36.98 51.09 -4.24
CA ASN C 298 -37.80 50.13 -4.98
C ASN C 298 -37.07 48.85 -5.33
N ARG C 299 -35.76 48.78 -5.17
CA ARG C 299 -35.01 47.58 -5.48
C ARG C 299 -34.15 47.21 -4.29
N ALA C 300 -33.93 45.92 -4.10
CA ALA C 300 -33.11 45.43 -3.02
C ALA C 300 -32.28 44.25 -3.49
N LYS C 301 -31.16 44.04 -2.80
CA LYS C 301 -30.26 42.92 -3.04
C LYS C 301 -30.03 42.20 -1.73
N VAL C 302 -30.17 40.89 -1.75
CA VAL C 302 -30.13 40.07 -0.55
C VAL C 302 -29.06 38.99 -0.74
N GLU C 303 -28.12 38.93 0.19
CA GLU C 303 -27.11 37.88 0.19
C GLU C 303 -27.55 36.78 1.15
N ILE C 304 -27.51 35.54 0.67
CA ILE C 304 -27.97 34.40 1.47
C ILE C 304 -26.89 33.34 1.47
N THR C 305 -26.45 32.95 2.67
CA THR C 305 -25.45 31.92 2.87
C THR C 305 -25.98 30.94 3.89
N PRO C 306 -25.48 29.70 3.90
CA PRO C 306 -25.92 28.75 4.92
C PRO C 306 -25.75 29.26 6.32
N ASN C 307 -24.78 30.13 6.56
CA ASN C 307 -24.61 30.68 7.90
C ASN C 307 -25.65 31.74 8.25
N SER C 308 -26.35 32.28 7.25
CA SER C 308 -27.44 33.23 7.48
C SER C 308 -28.49 33.04 6.41
N PRO C 309 -29.30 31.99 6.51
CA PRO C 309 -30.22 31.66 5.43
C PRO C 309 -31.44 32.56 5.38
N ARG C 310 -31.70 33.34 6.42
CA ARG C 310 -32.92 34.11 6.52
C ARG C 310 -32.57 35.59 6.48
N ALA C 311 -33.32 36.36 5.69
CA ALA C 311 -33.03 37.78 5.58
C ALA C 311 -34.32 38.54 5.30
N GLU C 312 -34.28 39.84 5.58
CA GLU C 312 -35.39 40.74 5.32
C GLU C 312 -34.93 41.83 4.37
N ALA C 313 -35.64 41.99 3.25
CA ALA C 313 -35.35 43.03 2.29
C ALA C 313 -36.20 44.24 2.63
N THR C 314 -35.56 45.32 3.04
CA THR C 314 -36.27 46.53 3.44
C THR C 314 -36.55 47.38 2.22
N LEU C 315 -37.81 47.44 1.79
CA LEU C 315 -38.24 48.30 0.69
C LEU C 315 -38.94 49.49 1.32
N GLY C 316 -38.23 50.61 1.41
CA GLY C 316 -38.74 51.81 2.06
C GLY C 316 -40.13 52.19 1.59
N GLY C 317 -41.03 52.46 2.53
CA GLY C 317 -42.38 52.83 2.18
C GLY C 317 -43.26 51.67 1.79
N PHE C 318 -42.67 50.56 1.35
CA PHE C 318 -43.40 49.33 1.11
C PHE C 318 -43.29 48.36 2.28
N GLY C 319 -42.48 48.68 3.27
CA GLY C 319 -42.26 47.77 4.38
C GLY C 319 -41.03 46.93 4.14
N SER C 320 -41.16 45.63 4.38
CA SER C 320 -40.04 44.73 4.19
C SER C 320 -40.55 43.35 3.85
N LEU C 321 -39.91 42.72 2.89
CA LEU C 321 -40.24 41.34 2.51
C LEU C 321 -39.35 40.41 3.32
N GLY C 322 -39.97 39.58 4.15
CA GLY C 322 -39.23 38.54 4.86
C GLY C 322 -39.01 37.35 3.95
N LEU C 323 -37.82 36.76 4.05
CA LEU C 323 -37.40 35.76 3.08
C LEU C 323 -36.56 34.72 3.80
N ASP C 324 -37.12 33.52 3.98
CA ASP C 324 -36.41 32.39 4.59
C ASP C 324 -36.06 31.42 3.48
N CYS C 325 -34.78 31.08 3.37
CA CYS C 325 -34.34 30.33 2.23
C CYS C 325 -33.48 29.15 2.67
N GLU C 326 -33.31 28.20 1.76
CA GLU C 326 -32.59 26.97 2.03
C GLU C 326 -31.37 26.85 1.13
N PRO C 327 -30.20 27.28 1.58
CA PRO C 327 -29.05 27.36 0.69
C PRO C 327 -28.31 26.05 0.49
N ARG C 328 -28.38 25.14 1.46
CA ARG C 328 -27.60 23.92 1.36
C ARG C 328 -28.16 23.00 0.29
N THR C 329 -29.42 22.65 0.39
CA THR C 329 -30.05 21.69 -0.50
C THR C 329 -30.23 22.19 -1.92
N GLY C 330 -29.69 23.33 -2.33
CA GLY C 330 -29.96 23.85 -3.65
C GLY C 330 -29.62 22.96 -4.83
N LEU C 331 -28.33 22.77 -5.11
CA LEU C 331 -27.90 22.02 -6.29
C LEU C 331 -27.00 20.84 -5.92
N ASP C 332 -27.00 20.42 -4.66
CA ASP C 332 -26.26 19.25 -4.22
C ASP C 332 -24.75 19.41 -4.44
N PHE C 333 -24.19 20.50 -3.95
CA PHE C 333 -22.75 20.70 -4.02
C PHE C 333 -22.04 19.81 -3.02
N SER C 334 -22.15 18.50 -3.19
CA SER C 334 -21.33 17.57 -2.43
C SER C 334 -20.86 16.45 -3.34
N ASP C 335 -21.01 16.64 -4.63
CA ASP C 335 -20.49 15.73 -5.63
C ASP C 335 -19.83 16.47 -6.77
N LEU C 336 -19.70 17.79 -6.69
CA LEU C 336 -19.27 18.62 -7.80
C LEU C 336 -17.95 19.26 -7.44
N TYR C 337 -16.94 18.98 -8.25
CA TYR C 337 -15.66 19.67 -8.21
C TYR C 337 -15.66 20.84 -9.18
N TYR C 338 -14.85 21.83 -8.85
CA TYR C 338 -14.59 22.96 -9.73
C TYR C 338 -13.33 22.65 -10.53
N LEU C 339 -13.43 22.63 -11.86
CA LEU C 339 -12.36 22.12 -12.69
C LEU C 339 -11.81 23.23 -13.56
N THR C 340 -10.49 23.38 -13.61
CA THR C 340 -9.87 24.32 -14.52
C THR C 340 -8.83 23.60 -15.39
N MET C 341 -8.77 24.01 -16.66
CA MET C 341 -7.74 23.53 -17.57
C MET C 341 -6.79 24.64 -17.99
N ASN C 342 -7.28 25.67 -18.67
CA ASN C 342 -6.48 26.87 -18.90
C ASN C 342 -7.46 28.04 -18.96
N ASN C 343 -7.71 28.65 -17.82
CA ASN C 343 -8.59 29.80 -17.69
C ASN C 343 -10.01 29.49 -18.11
N LYS C 344 -10.37 28.23 -18.28
CA LYS C 344 -11.74 27.81 -18.53
C LYS C 344 -12.16 26.89 -17.39
N HIS C 345 -13.23 27.25 -16.70
CA HIS C 345 -13.64 26.56 -15.50
C HIS C 345 -15.00 25.91 -15.71
N TRP C 346 -15.15 24.70 -15.18
CA TRP C 346 -16.36 23.91 -15.30
C TRP C 346 -16.79 23.41 -13.93
N LEU C 347 -18.04 22.97 -13.84
CA LEU C 347 -18.52 22.18 -12.73
C LEU C 347 -18.53 20.73 -13.19
N VAL C 348 -17.93 19.86 -12.40
CA VAL C 348 -17.70 18.49 -12.81
C VAL C 348 -18.22 17.59 -11.71
N HIS C 349 -18.76 16.43 -12.06
CA HIS C 349 -19.25 15.51 -11.06
C HIS C 349 -18.11 14.63 -10.60
N LYS C 350 -17.97 14.47 -9.29
CA LYS C 350 -17.12 13.39 -8.78
C LYS C 350 -17.58 12.08 -9.40
N GLU C 351 -16.68 11.11 -9.43
CA GLU C 351 -16.80 9.85 -10.15
C GLU C 351 -16.60 10.10 -11.63
N TRP C 352 -16.41 11.35 -12.05
CA TRP C 352 -15.86 11.63 -13.36
C TRP C 352 -14.51 12.32 -13.22
N PHE C 353 -14.19 12.84 -12.05
CA PHE C 353 -12.89 13.43 -11.82
C PHE C 353 -12.07 12.49 -10.97
N HIS C 354 -12.47 11.25 -10.96
CA HIS C 354 -11.64 10.21 -10.38
C HIS C 354 -11.41 9.04 -11.30
N ASP C 355 -12.29 8.80 -12.26
CA ASP C 355 -12.07 7.78 -13.27
C ASP C 355 -11.48 8.39 -14.54
N ILE C 356 -10.43 9.18 -14.43
CA ILE C 356 -9.75 9.76 -15.60
C ILE C 356 -8.38 9.12 -15.70
N PRO C 357 -8.02 8.56 -16.83
CA PRO C 357 -6.71 7.91 -16.97
C PRO C 357 -5.62 8.87 -17.43
N LEU C 358 -5.17 9.72 -16.51
CA LEU C 358 -4.11 10.66 -16.80
C LEU C 358 -3.18 10.76 -15.61
N PRO C 359 -1.92 11.07 -15.83
CA PRO C 359 -0.99 11.24 -14.70
C PRO C 359 -1.48 12.27 -13.70
N TRP C 360 -1.64 11.86 -12.44
CA TRP C 360 -2.28 12.70 -11.45
C TRP C 360 -1.35 12.89 -10.26
N HIS C 361 -1.16 14.14 -9.87
CA HIS C 361 -0.60 14.45 -8.56
C HIS C 361 -1.74 14.39 -7.56
N ALA C 362 -1.50 14.82 -6.32
CA ALA C 362 -2.56 14.73 -5.31
C ALA C 362 -2.38 15.88 -4.33
N GLY C 363 -3.10 16.97 -4.58
CA GLY C 363 -3.23 18.00 -3.58
C GLY C 363 -2.06 18.96 -3.53
N ALA C 364 -1.19 18.75 -2.55
CA ALA C 364 -0.11 19.69 -2.24
C ALA C 364 0.93 19.66 -3.35
N ASP C 365 1.05 20.77 -4.08
CA ASP C 365 2.13 20.97 -5.04
C ASP C 365 3.23 21.74 -4.32
N THR C 366 4.31 21.07 -4.00
CA THR C 366 5.34 21.65 -3.13
C THR C 366 6.65 21.89 -3.84
N GLY C 367 7.24 20.86 -4.45
CA GLY C 367 8.52 21.01 -5.09
C GLY C 367 8.52 20.39 -6.47
N THR C 368 9.45 19.46 -6.71
CA THR C 368 9.49 18.75 -7.97
C THR C 368 8.31 17.79 -8.01
N PRO C 369 7.33 17.98 -8.89
CA PRO C 369 6.09 17.23 -8.79
C PRO C 369 6.31 15.74 -8.97
N HIS C 370 5.34 14.97 -8.48
CA HIS C 370 5.37 13.52 -8.55
C HIS C 370 4.06 13.06 -9.16
N TRP C 371 4.13 12.45 -10.32
CA TRP C 371 2.94 12.05 -11.06
C TRP C 371 2.73 10.56 -10.90
N ASN C 372 1.62 10.19 -10.28
CA ASN C 372 1.32 8.79 -10.01
C ASN C 372 1.13 7.83 -11.20
N ASN C 373 0.42 8.24 -12.24
CA ASN C 373 0.18 7.24 -13.27
C ASN C 373 1.49 6.73 -13.83
N LYS C 374 2.23 7.64 -14.46
CA LYS C 374 3.56 7.38 -14.98
C LYS C 374 3.67 6.50 -16.24
N GLU C 375 2.56 5.98 -16.75
CA GLU C 375 2.63 5.10 -17.93
C GLU C 375 1.70 5.37 -19.11
N ALA C 376 0.52 5.90 -18.81
CA ALA C 376 -0.52 6.14 -19.82
C ALA C 376 -0.22 7.12 -20.95
N LEU C 377 0.44 8.22 -20.62
CA LEU C 377 0.70 9.23 -21.57
C LEU C 377 2.02 9.01 -22.18
N VAL C 378 2.61 7.85 -22.04
CA VAL C 378 3.86 7.57 -22.67
C VAL C 378 3.66 6.24 -23.23
N GLU C 379 3.97 6.05 -24.46
CA GLU C 379 3.75 4.82 -25.22
C GLU C 379 5.11 4.21 -25.54
N PHE C 380 5.33 3.00 -25.02
CA PHE C 380 6.56 2.25 -25.25
C PHE C 380 6.33 1.29 -26.42
N LYS C 381 6.52 1.78 -27.61
CA LYS C 381 6.33 0.94 -28.78
C LYS C 381 7.62 0.20 -29.10
N ASP C 382 7.54 -1.11 -29.30
CA ASP C 382 8.78 -1.84 -29.55
C ASP C 382 8.84 -2.72 -30.79
N ALA C 383 9.86 -2.51 -31.60
CA ALA C 383 10.10 -3.34 -32.76
C ALA C 383 10.62 -4.64 -32.19
N HIS C 384 10.22 -5.78 -32.74
CA HIS C 384 10.68 -7.03 -32.16
C HIS C 384 12.20 -7.15 -32.24
N ALA C 385 12.80 -7.46 -31.09
CA ALA C 385 14.24 -7.68 -30.89
C ALA C 385 15.18 -6.49 -31.07
N LYS C 386 15.20 -5.92 -32.27
CA LYS C 386 16.08 -4.81 -32.62
C LYS C 386 15.94 -3.45 -31.92
N ARG C 387 14.72 -2.96 -31.74
CA ARG C 387 14.55 -1.63 -31.13
C ARG C 387 13.42 -1.41 -30.13
N GLN C 388 13.63 -0.43 -29.27
CA GLN C 388 12.67 0.01 -28.25
C GLN C 388 12.50 1.51 -28.45
N THR C 389 11.27 2.01 -28.42
CA THR C 389 11.06 3.42 -28.65
C THR C 389 9.98 3.96 -27.72
N VAL C 390 10.17 5.19 -27.28
CA VAL C 390 9.31 5.85 -26.31
C VAL C 390 8.76 7.11 -26.96
N VAL C 391 7.45 7.24 -27.01
CA VAL C 391 6.82 8.44 -27.52
C VAL C 391 5.82 8.95 -26.49
N VAL C 392 5.45 10.21 -26.60
CA VAL C 392 4.41 10.76 -25.75
C VAL C 392 3.17 11.02 -26.59
N LEU C 393 2.01 10.82 -25.99
CA LEU C 393 0.76 11.16 -26.66
C LEU C 393 0.48 12.65 -26.53
N GLY C 394 -0.29 13.19 -27.47
CA GLY C 394 -0.30 14.62 -27.64
C GLY C 394 -1.48 15.44 -27.14
N SER C 395 -1.24 16.12 -26.03
CA SER C 395 -1.90 17.34 -25.59
C SER C 395 -3.32 17.21 -25.10
N GLN C 396 -4.02 16.13 -25.42
CA GLN C 396 -5.13 15.62 -24.60
C GLN C 396 -6.20 16.64 -24.25
N GLU C 397 -6.01 17.91 -24.60
CA GLU C 397 -6.93 18.97 -24.20
C GLU C 397 -8.17 18.99 -25.07
N GLY C 398 -8.21 18.17 -26.10
CA GLY C 398 -9.37 18.13 -26.95
C GLY C 398 -10.15 16.90 -26.61
N ALA C 399 -9.45 15.89 -26.11
CA ALA C 399 -10.14 14.67 -25.69
C ALA C 399 -10.83 14.87 -24.36
N VAL C 400 -10.32 15.78 -23.52
CA VAL C 400 -11.03 16.11 -22.30
C VAL C 400 -12.25 16.98 -22.61
N HIS C 401 -12.10 17.92 -23.53
CA HIS C 401 -13.22 18.80 -23.86
C HIS C 401 -14.42 18.02 -24.35
N THR C 402 -14.21 16.96 -25.12
CA THR C 402 -15.33 16.15 -25.55
C THR C 402 -15.76 15.15 -24.50
N ALA C 403 -14.87 14.77 -23.58
CA ALA C 403 -15.29 13.95 -22.46
C ALA C 403 -16.21 14.74 -21.54
N LEU C 404 -15.93 16.03 -21.38
CA LEU C 404 -16.87 16.93 -20.72
C LEU C 404 -18.08 17.10 -21.62
N ALA C 405 -19.23 16.63 -21.16
CA ALA C 405 -20.47 16.87 -21.86
C ALA C 405 -21.57 16.69 -20.84
N GLY C 406 -22.49 17.63 -20.78
CA GLY C 406 -23.40 17.65 -19.65
C GLY C 406 -22.79 18.23 -18.40
N ALA C 407 -21.61 18.81 -18.48
CA ALA C 407 -21.01 19.50 -17.34
C ALA C 407 -21.17 21.00 -17.54
N LEU C 408 -21.42 21.71 -16.46
CA LEU C 408 -21.76 23.13 -16.54
C LEU C 408 -20.51 23.98 -16.56
N GLU C 409 -20.52 25.00 -17.40
CA GLU C 409 -19.44 25.97 -17.37
C GLU C 409 -19.59 26.88 -16.17
N ALA C 410 -18.49 27.51 -15.78
CA ALA C 410 -18.49 28.49 -14.71
C ALA C 410 -17.41 29.49 -15.02
N GLU C 411 -17.37 30.58 -14.25
CA GLU C 411 -16.33 31.56 -14.44
C GLU C 411 -15.84 32.01 -13.08
N MET C 412 -14.55 32.32 -12.98
CA MET C 412 -13.92 32.55 -11.70
C MET C 412 -13.43 33.99 -11.62
N ASP C 413 -13.76 34.67 -10.53
CA ASP C 413 -13.20 35.98 -10.22
C ASP C 413 -12.37 35.85 -8.95
N GLY C 414 -11.08 36.13 -9.07
CA GLY C 414 -10.19 35.97 -7.94
C GLY C 414 -10.27 34.57 -7.36
N ALA C 415 -10.34 34.51 -6.04
CA ALA C 415 -10.43 33.23 -5.34
C ALA C 415 -11.82 32.63 -5.36
N LYS C 416 -12.82 33.32 -5.90
CA LYS C 416 -14.19 32.87 -5.85
C LYS C 416 -14.65 32.43 -7.22
N GLY C 417 -15.54 31.44 -7.25
CA GLY C 417 -16.07 30.97 -8.51
C GLY C 417 -17.54 31.25 -8.66
N ARG C 418 -17.91 32.07 -9.64
CA ARG C 418 -19.30 32.35 -9.93
C ARG C 418 -19.85 31.32 -10.89
N LEU C 419 -20.87 30.61 -10.44
CA LEU C 419 -21.75 29.83 -11.30
C LEU C 419 -22.98 30.66 -11.64
N SER C 420 -23.42 30.53 -12.88
CA SER C 420 -24.59 31.22 -13.39
C SER C 420 -25.75 30.27 -13.67
N SER C 421 -25.63 29.01 -13.29
CA SER C 421 -26.72 28.04 -13.45
C SER C 421 -26.92 27.33 -12.14
N GLY C 422 -28.07 27.55 -11.50
CA GLY C 422 -28.28 27.06 -10.16
C GLY C 422 -29.74 26.76 -9.85
N HIS C 423 -30.10 26.83 -8.57
CA HIS C 423 -31.42 26.42 -8.10
C HIS C 423 -31.51 26.75 -6.63
N LEU C 424 -32.53 27.50 -6.22
CA LEU C 424 -32.70 27.89 -4.84
C LEU C 424 -34.17 27.92 -4.45
N LYS C 425 -34.47 27.62 -3.19
CA LYS C 425 -35.84 27.53 -2.70
C LYS C 425 -36.00 28.42 -1.47
N CYS C 426 -36.73 29.52 -1.61
CA CYS C 426 -36.96 30.45 -0.52
C CYS C 426 -38.44 30.51 -0.21
N ARG C 427 -38.78 30.50 1.08
CA ARG C 427 -40.13 30.82 1.52
C ARG C 427 -40.25 32.32 1.71
N LEU C 428 -41.31 32.91 1.17
CA LEU C 428 -41.48 34.36 1.15
C LEU C 428 -42.52 34.77 2.20
N LYS C 429 -42.05 35.29 3.33
CA LYS C 429 -42.94 35.77 4.39
C LYS C 429 -43.30 37.21 4.11
N MET C 430 -44.31 37.40 3.26
CA MET C 430 -44.75 38.73 2.86
C MET C 430 -45.99 39.10 3.67
N ASP C 431 -45.74 39.47 4.92
CA ASP C 431 -46.81 40.00 5.77
C ASP C 431 -46.42 41.34 6.37
N LYS C 432 -45.29 41.91 5.97
CA LYS C 432 -44.92 43.27 6.34
C LYS C 432 -44.84 44.16 5.10
N LEU C 433 -45.56 43.79 4.05
CA LEU C 433 -45.65 44.58 2.85
C LEU C 433 -46.89 45.46 2.91
N ARG C 434 -46.70 46.74 2.59
CA ARG C 434 -47.79 47.69 2.59
C ARG C 434 -47.99 48.23 1.19
N LEU C 435 -48.99 49.08 1.03
CA LEU C 435 -49.27 49.74 -0.24
C LEU C 435 -49.06 51.23 -0.04
N LYS C 436 -48.06 51.76 -0.72
CA LYS C 436 -47.71 53.17 -0.55
C LYS C 436 -48.82 54.08 -1.03
N GLY C 437 -49.49 53.72 -2.13
CA GLY C 437 -50.32 54.68 -2.84
C GLY C 437 -51.66 54.98 -2.18
N VAL C 438 -52.21 54.02 -1.44
CA VAL C 438 -53.54 54.22 -0.88
C VAL C 438 -53.56 55.47 -0.03
N SER C 439 -54.74 56.10 0.05
CA SER C 439 -55.02 57.39 0.68
C SER C 439 -54.58 58.55 -0.20
N TYR C 440 -54.03 58.30 -1.38
CA TYR C 440 -53.83 59.36 -2.35
C TYR C 440 -55.11 59.65 -3.09
N SER C 441 -55.26 60.88 -3.55
CA SER C 441 -56.39 61.24 -4.38
C SER C 441 -56.03 61.03 -5.84
N LEU C 442 -56.93 60.41 -6.59
CA LEU C 442 -56.58 59.96 -7.93
C LEU C 442 -56.36 61.13 -8.87
N CYS C 443 -55.37 60.99 -9.74
CA CYS C 443 -54.92 62.08 -10.57
C CYS C 443 -55.92 62.37 -11.68
N THR C 444 -56.27 63.65 -11.81
CA THR C 444 -57.18 64.11 -12.87
C THR C 444 -56.53 65.30 -13.57
N ALA C 445 -55.61 65.04 -14.49
CA ALA C 445 -55.25 66.08 -15.45
C ALA C 445 -55.36 65.61 -16.89
N ALA C 446 -54.58 64.60 -17.28
CA ALA C 446 -54.58 64.00 -18.61
C ALA C 446 -53.49 62.93 -18.58
N PHE C 447 -53.58 62.00 -19.52
CA PHE C 447 -52.56 60.97 -19.65
C PHE C 447 -52.28 60.78 -21.12
N THR C 448 -51.01 60.61 -21.48
CA THR C 448 -50.65 60.33 -22.85
C THR C 448 -49.82 59.06 -22.91
N PHE C 449 -50.19 58.15 -23.81
CA PHE C 449 -49.32 57.01 -24.07
C PHE C 449 -48.02 57.51 -24.66
N THR C 450 -46.91 57.11 -24.04
CA THR C 450 -45.59 57.46 -24.55
C THR C 450 -45.04 56.28 -25.34
N LYS C 451 -45.14 55.10 -24.76
CA LYS C 451 -44.66 53.86 -25.40
C LYS C 451 -45.82 53.05 -25.99
N ILE C 452 -47.02 53.64 -25.98
CA ILE C 452 -48.23 53.00 -26.50
C ILE C 452 -48.49 51.65 -25.80
N PRO C 453 -48.76 50.57 -26.56
CA PRO C 453 -49.03 49.25 -26.00
C PRO C 453 -48.01 48.19 -26.37
N ALA C 454 -47.51 47.47 -25.35
CA ALA C 454 -46.54 46.41 -25.56
C ALA C 454 -47.01 45.09 -24.94
N GLU C 455 -46.91 44.00 -25.69
CA GLU C 455 -47.31 42.69 -25.18
C GLU C 455 -46.09 41.86 -24.84
N THR C 456 -46.07 41.31 -23.63
CA THR C 456 -45.02 40.40 -23.23
C THR C 456 -45.25 39.03 -23.86
N LEU C 457 -44.36 38.08 -23.56
CA LEU C 457 -44.50 36.76 -24.14
C LEU C 457 -45.59 35.94 -23.48
N HIS C 458 -46.02 36.31 -22.27
CA HIS C 458 -46.96 35.50 -21.53
C HIS C 458 -48.39 36.00 -21.63
N GLY C 459 -48.62 37.15 -22.25
CA GLY C 459 -49.97 37.62 -22.42
C GLY C 459 -50.19 38.99 -21.82
N THR C 460 -49.37 39.34 -20.83
CA THR C 460 -49.56 40.59 -20.13
C THR C 460 -49.27 41.75 -21.07
N VAL C 461 -49.62 42.95 -20.63
CA VAL C 461 -49.53 44.15 -21.45
C VAL C 461 -48.84 45.23 -20.62
N THR C 462 -47.75 45.76 -21.13
CA THR C 462 -47.05 46.85 -20.48
C THR C 462 -47.45 48.17 -21.12
N VAL C 463 -47.65 49.18 -20.28
CA VAL C 463 -48.08 50.51 -20.70
C VAL C 463 -47.19 51.52 -20.02
N GLU C 464 -46.71 52.49 -20.78
CA GLU C 464 -45.90 53.58 -20.24
C GLU C 464 -46.63 54.88 -20.48
N VAL C 465 -47.12 55.50 -19.42
CA VAL C 465 -47.96 56.67 -19.49
C VAL C 465 -47.16 57.88 -19.04
N GLN C 466 -47.51 59.04 -19.59
CA GLN C 466 -46.97 60.32 -19.18
C GLN C 466 -48.11 61.18 -18.64
N TYR C 467 -47.90 61.73 -17.46
CA TYR C 467 -48.89 62.55 -16.77
C TYR C 467 -48.53 64.01 -16.93
N ALA C 468 -49.52 64.81 -17.33
CA ALA C 468 -49.31 66.18 -17.76
C ALA C 468 -49.39 67.18 -16.61
N GLY C 469 -50.53 67.28 -15.94
CA GLY C 469 -50.80 68.37 -15.04
C GLY C 469 -50.53 68.01 -13.59
N THR C 470 -49.57 68.71 -12.99
CA THR C 470 -49.04 68.32 -11.70
C THR C 470 -50.10 68.41 -10.61
N ASP C 471 -50.39 67.27 -9.99
CA ASP C 471 -51.16 67.21 -8.76
C ASP C 471 -50.24 66.96 -7.57
N GLY C 472 -49.44 65.90 -7.64
CA GLY C 472 -48.48 65.59 -6.62
C GLY C 472 -48.25 64.11 -6.56
N PRO C 473 -47.94 63.58 -5.39
CA PRO C 473 -48.05 62.13 -5.19
C PRO C 473 -49.52 61.75 -5.31
N CYS C 474 -49.82 60.85 -6.24
CA CYS C 474 -51.16 60.90 -6.79
C CYS C 474 -51.46 59.60 -7.52
N LYS C 475 -52.69 59.13 -7.37
CA LYS C 475 -53.08 57.82 -7.87
C LYS C 475 -53.47 57.88 -9.33
N VAL C 476 -53.15 56.83 -10.07
CA VAL C 476 -53.45 56.73 -11.50
C VAL C 476 -54.68 55.85 -11.66
N PRO C 477 -55.76 56.33 -12.28
CA PRO C 477 -56.89 55.45 -12.60
C PRO C 477 -56.61 54.69 -13.88
N ALA C 478 -56.70 53.37 -13.83
CA ALA C 478 -56.41 52.55 -14.99
C ALA C 478 -57.20 51.25 -14.89
N GLN C 479 -57.69 50.77 -16.03
CA GLN C 479 -58.43 49.52 -16.02
C GLN C 479 -58.48 48.92 -17.41
N MET C 480 -58.89 47.67 -17.46
CA MET C 480 -59.24 46.98 -18.70
C MET C 480 -60.75 46.92 -18.77
N ALA C 481 -61.32 47.37 -19.87
CA ALA C 481 -62.78 47.37 -19.99
C ALA C 481 -63.18 46.98 -21.39
N VAL C 482 -64.30 46.26 -21.48
CA VAL C 482 -65.00 46.08 -22.72
C VAL C 482 -66.34 46.77 -22.56
N ASP C 483 -66.98 47.10 -23.68
CA ASP C 483 -68.23 47.85 -23.66
C ASP C 483 -68.03 49.20 -22.94
N MET C 484 -67.29 50.07 -23.63
CA MET C 484 -66.98 51.40 -23.12
C MET C 484 -68.22 52.16 -22.67
N GLN C 485 -69.42 51.69 -23.00
CA GLN C 485 -70.63 52.33 -22.51
C GLN C 485 -70.70 52.24 -20.99
N THR C 486 -70.54 51.04 -20.44
CA THR C 486 -70.54 50.80 -19.01
C THR C 486 -69.17 50.28 -18.62
N LEU C 487 -68.35 51.14 -18.02
CA LEU C 487 -66.98 50.77 -17.70
C LEU C 487 -67.01 49.80 -16.54
N THR C 488 -67.19 48.52 -16.84
CA THR C 488 -67.13 47.49 -15.83
C THR C 488 -65.76 46.84 -15.87
N PRO C 489 -64.98 46.91 -14.80
CA PRO C 489 -63.60 46.44 -14.87
C PRO C 489 -63.54 44.95 -15.11
N VAL C 490 -62.84 44.57 -16.19
CA VAL C 490 -62.63 43.17 -16.52
C VAL C 490 -61.13 42.91 -16.51
N GLY C 491 -60.78 41.65 -16.63
CA GLY C 491 -59.39 41.30 -16.56
C GLY C 491 -58.82 41.58 -15.18
N ARG C 492 -57.51 41.46 -15.10
CA ARG C 492 -56.79 41.67 -13.85
C ARG C 492 -55.62 42.61 -14.11
N LEU C 493 -55.38 43.51 -13.18
CA LEU C 493 -54.31 44.50 -13.31
C LEU C 493 -53.13 44.02 -12.47
N ILE C 494 -52.17 43.36 -13.11
CA ILE C 494 -51.00 42.90 -12.37
C ILE C 494 -49.97 44.00 -12.40
N THR C 495 -50.17 44.90 -11.46
CA THR C 495 -49.33 45.98 -10.93
C THR C 495 -50.12 46.38 -9.69
N ALA C 496 -49.51 46.72 -8.58
CA ALA C 496 -50.33 46.94 -7.39
C ALA C 496 -51.36 48.02 -7.39
N ASN C 497 -50.98 49.26 -7.52
CA ASN C 497 -51.91 50.34 -7.66
C ASN C 497 -50.97 51.31 -8.22
N PRO C 498 -51.14 51.64 -9.46
CA PRO C 498 -50.18 52.50 -10.08
C PRO C 498 -50.32 53.82 -9.48
N VAL C 499 -49.23 54.42 -9.11
CA VAL C 499 -49.16 55.76 -8.54
C VAL C 499 -47.97 56.49 -9.14
N ILE C 500 -48.18 57.72 -9.57
CA ILE C 500 -47.07 58.60 -9.93
C ILE C 500 -46.57 59.31 -8.68
N THR C 501 -45.25 59.36 -8.52
CA THR C 501 -44.67 59.94 -7.32
C THR C 501 -44.10 61.33 -7.55
N GLU C 502 -43.63 61.64 -8.75
CA GLU C 502 -43.07 62.95 -9.02
C GLU C 502 -44.18 63.99 -9.05
N SER C 503 -43.77 65.24 -8.86
CA SER C 503 -44.71 66.36 -8.96
C SER C 503 -44.15 67.51 -9.79
N THR C 504 -43.21 67.26 -10.69
CA THR C 504 -42.50 68.40 -11.26
C THR C 504 -43.28 69.09 -12.36
N GLU C 505 -43.30 68.52 -13.57
CA GLU C 505 -44.30 68.95 -14.55
C GLU C 505 -44.99 67.76 -15.20
N ASN C 506 -44.20 66.94 -15.89
CA ASN C 506 -44.67 65.78 -16.62
C ASN C 506 -43.94 64.58 -16.05
N SER C 507 -44.68 63.52 -15.74
CA SER C 507 -44.04 62.37 -15.13
C SER C 507 -44.26 61.16 -16.01
N LYS C 508 -43.41 60.16 -15.82
CA LYS C 508 -43.50 58.91 -16.55
C LYS C 508 -43.73 57.79 -15.56
N MET C 509 -44.59 56.84 -15.95
CA MET C 509 -44.81 55.68 -15.11
C MET C 509 -45.12 54.50 -16.00
N MET C 510 -44.71 53.32 -15.56
CA MET C 510 -44.97 52.11 -16.31
C MET C 510 -45.76 51.16 -15.45
N LEU C 511 -46.88 50.68 -15.97
CA LEU C 511 -47.64 49.62 -15.32
C LEU C 511 -47.79 48.49 -16.30
N GLU C 512 -48.21 47.33 -15.81
CA GLU C 512 -48.62 46.27 -16.71
C GLU C 512 -49.89 45.64 -16.15
N LEU C 513 -50.55 44.85 -16.99
CA LEU C 513 -51.84 44.31 -16.59
C LEU C 513 -52.17 43.11 -17.46
N ASP C 514 -53.05 42.26 -16.93
CA ASP C 514 -53.37 40.97 -17.54
C ASP C 514 -54.78 41.05 -18.11
N PRO C 515 -54.93 41.29 -19.40
CA PRO C 515 -56.25 41.57 -19.96
C PRO C 515 -56.99 40.28 -20.29
N PRO C 516 -58.29 40.35 -20.46
CA PRO C 516 -59.05 39.17 -20.86
C PRO C 516 -58.66 38.73 -22.27
N PHE C 517 -59.18 37.56 -22.65
CA PHE C 517 -58.75 36.96 -23.91
C PHE C 517 -59.36 37.62 -25.12
N GLY C 518 -60.60 38.09 -25.02
CA GLY C 518 -61.24 38.78 -26.12
C GLY C 518 -60.60 40.13 -26.39
N ASP C 519 -61.19 40.84 -27.35
CA ASP C 519 -60.81 42.23 -27.56
C ASP C 519 -61.23 43.06 -26.35
N SER C 520 -60.47 44.11 -26.09
CA SER C 520 -60.76 44.96 -24.94
C SER C 520 -60.09 46.30 -25.14
N TYR C 521 -60.36 47.23 -24.23
CA TYR C 521 -59.76 48.55 -24.25
C TYR C 521 -59.02 48.79 -22.95
N ILE C 522 -57.78 49.24 -23.07
CA ILE C 522 -57.06 49.79 -21.93
C ILE C 522 -57.56 51.22 -21.75
N VAL C 523 -58.17 51.49 -20.60
CA VAL C 523 -58.77 52.79 -20.32
C VAL C 523 -57.99 53.43 -19.19
N ILE C 524 -57.39 54.58 -19.46
CA ILE C 524 -56.58 55.30 -18.49
C ILE C 524 -57.04 56.74 -18.45
N GLY C 525 -57.31 57.26 -17.26
CA GLY C 525 -57.84 58.60 -17.15
C GLY C 525 -59.20 58.61 -16.51
N VAL C 526 -59.67 59.78 -16.08
CA VAL C 526 -60.87 59.85 -15.27
C VAL C 526 -62.11 60.08 -16.11
N GLY C 527 -62.21 61.25 -16.73
CA GLY C 527 -63.42 61.57 -17.45
C GLY C 527 -63.25 62.59 -18.55
N GLU C 528 -63.79 62.29 -19.73
CA GLU C 528 -63.76 63.18 -20.88
C GLU C 528 -62.34 63.47 -21.34
N LYS C 529 -61.37 62.87 -20.67
CA LYS C 529 -59.97 62.91 -21.09
C LYS C 529 -59.35 61.55 -20.87
N LYS C 530 -60.14 60.51 -21.07
CA LYS C 530 -59.68 59.14 -20.90
C LYS C 530 -59.05 58.69 -22.21
N ILE C 531 -57.79 58.33 -22.16
CA ILE C 531 -57.17 57.70 -23.32
C ILE C 531 -57.51 56.22 -23.30
N THR C 532 -57.99 55.72 -24.42
CA THR C 532 -58.31 54.33 -24.60
C THR C 532 -57.43 53.76 -25.70
N HIS C 533 -56.97 52.54 -25.50
CA HIS C 533 -56.22 51.82 -26.51
C HIS C 533 -56.90 50.49 -26.74
N HIS C 534 -56.83 49.99 -27.97
CA HIS C 534 -57.52 48.76 -28.33
C HIS C 534 -56.53 47.61 -28.30
N TRP C 535 -56.86 46.56 -27.56
CA TRP C 535 -55.94 45.45 -27.37
C TRP C 535 -56.64 44.13 -27.56
N HIS C 536 -55.97 43.22 -28.26
CA HIS C 536 -56.52 41.92 -28.62
C HIS C 536 -55.60 40.82 -28.11
N ARG C 537 -56.16 39.85 -27.39
CA ARG C 537 -55.42 38.72 -26.85
C ARG C 537 -55.78 37.45 -27.62
N SER C 538 -54.82 36.54 -27.72
CA SER C 538 -54.93 35.45 -28.69
C SER C 538 -55.78 34.28 -28.17
N GLY C 539 -55.31 33.61 -27.13
CA GLY C 539 -55.74 32.24 -26.90
C GLY C 539 -56.68 31.99 -25.73
N SER C 540 -57.74 31.23 -25.99
CA SER C 540 -58.73 30.87 -24.98
C SER C 540 -58.12 30.16 -23.77
N THR C 541 -58.87 30.10 -22.67
CA THR C 541 -58.34 29.58 -21.42
C THR C 541 -57.85 28.15 -21.55
N ILE C 542 -58.38 27.38 -22.49
CA ILE C 542 -57.95 26.00 -22.66
C ILE C 542 -56.48 25.94 -23.03
N GLY C 543 -56.08 26.76 -24.00
CA GLY C 543 -54.67 26.83 -24.35
C GLY C 543 -53.81 27.29 -23.21
N LYS C 544 -54.34 28.19 -22.37
CA LYS C 544 -53.58 28.65 -21.21
C LYS C 544 -53.35 27.52 -20.23
N ALA C 545 -54.38 26.72 -19.97
CA ALA C 545 -54.23 25.58 -19.07
C ALA C 545 -53.25 24.57 -19.65
N PHE C 546 -53.30 24.34 -20.96
CA PHE C 546 -52.37 23.41 -21.58
C PHE C 546 -50.93 23.90 -21.43
N GLU C 547 -50.69 25.19 -21.69
CA GLU C 547 -49.35 25.73 -21.54
C GLU C 547 -48.90 25.67 -20.09
N ALA C 548 -49.83 25.87 -19.15
CA ALA C 548 -49.48 25.75 -17.74
C ALA C 548 -49.05 24.33 -17.41
N THR C 549 -49.76 23.34 -17.93
CA THR C 549 -49.36 21.96 -17.69
C THR C 549 -48.00 21.66 -18.32
N VAL C 550 -47.73 22.23 -19.49
CA VAL C 550 -46.42 22.03 -20.11
C VAL C 550 -45.32 22.65 -19.25
N ARG C 551 -45.57 23.86 -18.72
CA ARG C 551 -44.58 24.47 -17.84
C ARG C 551 -44.36 23.64 -16.60
N GLY C 552 -45.43 23.12 -16.01
CA GLY C 552 -45.27 22.28 -14.84
C GLY C 552 -44.48 21.02 -15.14
N ALA C 553 -44.73 20.42 -16.30
CA ALA C 553 -43.98 19.23 -16.68
C ALA C 553 -42.51 19.53 -16.86
N LYS C 554 -42.18 20.66 -17.50
CA LYS C 554 -40.78 21.01 -17.67
C LYS C 554 -40.12 21.31 -16.33
N ARG C 555 -40.82 22.02 -15.44
CA ARG C 555 -40.26 22.32 -14.14
C ARG C 555 -40.00 21.04 -13.36
N MET C 556 -40.91 20.07 -13.45
CA MET C 556 -40.67 18.80 -12.78
C MET C 556 -39.48 18.08 -13.39
N ALA C 557 -39.42 18.02 -14.73
CA ALA C 557 -38.30 17.34 -15.38
C ALA C 557 -36.97 17.96 -14.98
N VAL C 558 -36.96 19.26 -14.71
CA VAL C 558 -35.70 19.91 -14.34
C VAL C 558 -35.39 19.71 -12.87
N LEU C 559 -36.39 19.80 -11.99
CA LEU C 559 -36.13 19.92 -10.57
C LEU C 559 -36.32 18.64 -9.77
N GLY C 560 -37.13 17.70 -10.23
CA GLY C 560 -37.44 16.54 -9.42
C GLY C 560 -38.55 16.83 -8.42
N ASP C 561 -38.38 16.31 -7.20
CA ASP C 561 -39.38 16.51 -6.17
C ASP C 561 -39.51 17.98 -5.78
N THR C 562 -38.45 18.75 -5.93
CA THR C 562 -38.48 20.15 -5.52
C THR C 562 -39.55 20.92 -6.26
N ALA C 563 -39.92 20.49 -7.46
CA ALA C 563 -40.94 21.19 -8.23
C ALA C 563 -42.26 21.26 -7.48
N TRP C 564 -42.53 20.28 -6.62
CA TRP C 564 -43.76 20.29 -5.85
C TRP C 564 -43.81 21.42 -4.83
N ASP C 565 -42.73 22.18 -4.68
CA ASP C 565 -42.68 23.28 -3.74
C ASP C 565 -42.84 24.64 -4.40
N PHE C 566 -43.19 24.71 -5.68
CA PHE C 566 -43.18 26.02 -6.33
C PHE C 566 -44.31 26.90 -5.83
N GLY C 567 -45.53 26.40 -5.82
CA GLY C 567 -46.65 27.22 -5.38
C GLY C 567 -47.25 26.66 -4.12
N SER C 568 -46.38 26.20 -3.23
CA SER C 568 -46.74 25.25 -2.19
C SER C 568 -47.15 25.91 -0.90
N VAL C 569 -48.17 26.77 -0.90
CA VAL C 569 -48.76 27.27 0.34
C VAL C 569 -48.81 26.10 1.32
N GLY C 570 -49.20 24.93 0.83
CA GLY C 570 -48.95 23.72 1.60
C GLY C 570 -50.21 23.09 2.13
N GLY C 571 -50.52 21.90 1.66
CA GLY C 571 -51.72 21.23 2.12
C GLY C 571 -51.45 19.83 2.63
N ALA C 572 -52.17 18.86 2.09
CA ALA C 572 -51.89 17.47 2.38
C ALA C 572 -51.78 16.73 1.07
N LEU C 573 -52.56 17.17 0.07
CA LEU C 573 -52.42 16.62 -1.27
C LEU C 573 -51.05 16.95 -1.84
N ASN C 574 -50.62 18.20 -1.69
CA ASN C 574 -49.30 18.59 -2.17
C ASN C 574 -48.21 17.78 -1.49
N SER C 575 -48.31 17.62 -0.18
CA SER C 575 -47.28 16.87 0.56
C SER C 575 -47.28 15.40 0.17
N LEU C 576 -48.46 14.82 -0.02
CA LEU C 576 -48.54 13.41 -0.40
C LEU C 576 -47.93 13.20 -1.78
N GLY C 577 -48.26 14.09 -2.73
CA GLY C 577 -47.65 14.00 -4.04
C GLY C 577 -46.14 14.15 -3.97
N LYS C 578 -45.66 15.07 -3.15
CA LYS C 578 -44.22 15.25 -3.02
C LYS C 578 -43.55 14.00 -2.48
N GLY C 579 -44.19 13.35 -1.50
CA GLY C 579 -43.59 12.15 -0.95
C GLY C 579 -43.52 11.01 -1.95
N ILE C 580 -44.64 10.75 -2.64
CA ILE C 580 -44.61 9.65 -3.60
C ILE C 580 -43.68 9.96 -4.75
N HIS C 581 -43.54 11.25 -5.10
CA HIS C 581 -42.60 11.61 -6.14
C HIS C 581 -41.16 11.42 -5.66
N GLN C 582 -40.90 11.70 -4.39
CA GLN C 582 -39.57 11.41 -3.85
C GLN C 582 -39.23 9.94 -3.97
N ILE C 583 -40.17 9.09 -3.60
CA ILE C 583 -39.91 7.65 -3.66
C ILE C 583 -39.66 7.19 -5.08
N PHE C 584 -40.57 7.57 -6.00
CA PHE C 584 -40.40 7.15 -7.38
C PHE C 584 -39.13 7.73 -8.00
N GLY C 585 -38.78 8.95 -7.62
CA GLY C 585 -37.56 9.56 -8.14
C GLY C 585 -36.32 8.86 -7.66
N ALA C 586 -36.29 8.48 -6.39
CA ALA C 586 -35.15 7.71 -5.89
C ALA C 586 -35.02 6.39 -6.63
N ALA C 587 -36.14 5.69 -6.82
CA ALA C 587 -36.09 4.42 -7.55
C ALA C 587 -35.59 4.63 -8.98
N PHE C 588 -36.15 5.62 -9.67
CA PHE C 588 -35.78 5.85 -11.06
C PHE C 588 -34.33 6.26 -11.20
N LYS C 589 -33.85 7.15 -10.34
CA LYS C 589 -32.47 7.60 -10.41
C LYS C 589 -31.51 6.48 -10.04
N SER C 590 -31.94 5.54 -9.20
CA SER C 590 -31.09 4.42 -8.88
C SER C 590 -31.09 3.35 -9.95
N LEU C 591 -32.15 3.25 -10.74
CA LEU C 591 -32.20 2.22 -11.78
C LEU C 591 -31.66 2.75 -13.10
N PHE C 592 -32.34 3.72 -13.68
CA PHE C 592 -31.84 4.47 -14.82
C PHE C 592 -31.03 5.65 -14.29
N GLY C 593 -30.78 6.65 -15.12
CA GLY C 593 -30.03 7.80 -14.65
C GLY C 593 -28.54 7.55 -14.61
N GLY C 594 -28.06 6.65 -15.45
CA GLY C 594 -26.67 6.53 -15.76
C GLY C 594 -26.60 6.49 -17.26
N MET C 595 -27.51 7.22 -17.88
CA MET C 595 -27.72 7.16 -19.32
C MET C 595 -27.82 8.58 -19.86
N SER C 596 -27.61 8.70 -21.17
CA SER C 596 -27.65 9.97 -21.85
C SER C 596 -28.84 10.01 -22.78
N TRP C 597 -29.00 11.15 -23.46
CA TRP C 597 -30.12 11.37 -24.37
C TRP C 597 -30.38 10.15 -25.25
N PHE C 598 -29.41 9.78 -26.07
CA PHE C 598 -29.63 8.70 -27.03
C PHE C 598 -29.90 7.38 -26.34
N SER C 599 -29.14 7.08 -25.28
CA SER C 599 -29.31 5.80 -24.61
C SER C 599 -30.71 5.65 -24.04
N GLN C 600 -31.21 6.69 -23.39
CA GLN C 600 -32.54 6.55 -22.81
C GLN C 600 -33.62 6.61 -23.87
N ILE C 601 -33.42 7.31 -24.98
CA ILE C 601 -34.40 7.20 -26.05
C ILE C 601 -34.46 5.77 -26.56
N LEU C 602 -33.32 5.09 -26.64
CA LEU C 602 -33.30 3.70 -27.07
C LEU C 602 -34.07 2.82 -26.10
N ILE C 603 -33.70 2.88 -24.82
CA ILE C 603 -34.35 2.00 -23.86
C ILE C 603 -35.83 2.36 -23.71
N GLY C 604 -36.18 3.61 -23.99
CA GLY C 604 -37.59 3.98 -23.96
C GLY C 604 -38.37 3.36 -25.10
N THR C 605 -37.83 3.41 -26.32
CA THR C 605 -38.50 2.72 -27.41
C THR C 605 -38.61 1.22 -27.14
N LEU C 606 -37.55 0.64 -26.56
CA LEU C 606 -37.56 -0.78 -26.27
C LEU C 606 -38.66 -1.14 -25.29
N LEU C 607 -38.71 -0.44 -24.15
CA LEU C 607 -39.77 -0.74 -23.19
C LEU C 607 -41.14 -0.34 -23.72
N MET C 608 -41.24 0.58 -24.67
CA MET C 608 -42.53 0.85 -25.28
C MET C 608 -43.03 -0.36 -26.03
N TRP C 609 -42.19 -0.94 -26.89
CA TRP C 609 -42.59 -2.18 -27.55
C TRP C 609 -42.93 -3.25 -26.53
N LEU C 610 -42.09 -3.41 -25.51
CA LEU C 610 -42.30 -4.46 -24.52
C LEU C 610 -43.66 -4.32 -23.85
N GLY C 611 -43.92 -3.15 -23.25
CA GLY C 611 -45.20 -2.92 -22.61
C GLY C 611 -46.37 -2.96 -23.57
N LEU C 612 -46.12 -2.69 -24.85
CA LEU C 612 -47.19 -2.75 -25.83
C LEU C 612 -47.65 -4.17 -26.08
N ASN C 613 -46.71 -5.11 -26.21
CA ASN C 613 -47.09 -6.47 -26.59
C ASN C 613 -46.88 -7.51 -25.49
N THR C 614 -46.71 -7.10 -24.24
CA THR C 614 -46.48 -8.08 -23.18
C THR C 614 -47.74 -8.82 -22.79
N LYS C 615 -48.89 -8.13 -22.78
CA LYS C 615 -50.20 -8.73 -22.56
C LYS C 615 -50.46 -9.17 -21.12
N ASN C 616 -49.48 -9.00 -20.24
CA ASN C 616 -49.65 -9.33 -18.83
C ASN C 616 -50.18 -8.09 -18.10
N GLY C 617 -50.17 -8.10 -16.78
CA GLY C 617 -50.57 -6.94 -16.00
C GLY C 617 -49.48 -5.91 -15.79
N SER C 618 -48.23 -6.26 -16.07
CA SER C 618 -47.13 -5.32 -15.93
C SER C 618 -47.04 -4.31 -17.08
N ILE C 619 -47.87 -4.47 -18.11
CA ILE C 619 -47.81 -3.59 -19.27
C ILE C 619 -47.81 -2.13 -18.83
N SER C 620 -48.81 -1.75 -18.04
CA SER C 620 -48.91 -0.38 -17.56
C SER C 620 -47.59 0.07 -16.95
N LEU C 621 -47.04 -0.75 -16.06
CA LEU C 621 -45.73 -0.45 -15.45
C LEU C 621 -44.75 -0.05 -16.53
N MET C 622 -44.51 -0.94 -17.49
CA MET C 622 -43.62 -0.62 -18.60
C MET C 622 -44.02 0.70 -19.22
N CYS C 623 -45.28 0.81 -19.65
CA CYS C 623 -45.73 2.04 -20.30
C CYS C 623 -45.40 3.26 -19.45
N LEU C 624 -45.62 3.19 -18.14
CA LEU C 624 -45.35 4.34 -17.29
C LEU C 624 -43.92 4.80 -17.45
N ALA C 625 -42.97 3.87 -17.26
CA ALA C 625 -41.57 4.25 -17.33
C ALA C 625 -41.28 4.99 -18.63
N LEU C 626 -41.88 4.55 -19.72
CA LEU C 626 -41.63 5.15 -21.03
C LEU C 626 -41.95 6.64 -21.08
N GLY C 627 -43.08 7.04 -20.50
CA GLY C 627 -43.40 8.44 -20.45
C GLY C 627 -42.25 9.14 -19.79
N GLY C 628 -41.94 8.73 -18.56
CA GLY C 628 -40.84 9.36 -17.85
C GLY C 628 -39.64 9.48 -18.75
N VAL C 629 -39.15 8.35 -19.24
CA VAL C 629 -37.92 8.36 -20.02
C VAL C 629 -38.07 9.29 -21.21
N LEU C 630 -39.14 9.12 -21.99
CA LEU C 630 -39.29 9.92 -23.19
C LEU C 630 -39.48 11.40 -22.83
N ILE C 631 -40.20 11.68 -21.74
CA ILE C 631 -40.40 13.07 -21.39
C ILE C 631 -39.08 13.72 -21.06
N PHE C 632 -38.12 12.95 -20.56
CA PHE C 632 -36.84 13.54 -20.21
C PHE C 632 -36.05 13.95 -21.44
N LEU C 633 -36.38 13.40 -22.60
CA LEU C 633 -35.69 13.80 -23.81
C LEU C 633 -36.34 15.03 -24.44
N SER C 634 -37.67 15.03 -24.52
CA SER C 634 -38.39 16.06 -25.26
C SER C 634 -38.64 17.30 -24.44
N THR C 635 -37.88 17.52 -23.38
CA THR C 635 -37.94 18.75 -22.61
C THR C 635 -36.61 19.49 -22.54
N ALA C 636 -35.50 18.84 -22.87
CA ALA C 636 -34.21 19.51 -22.95
C ALA C 636 -34.26 20.57 -24.04
N ALA D 216 -5.57 9.34 -21.64
CA ALA D 216 -5.28 8.07 -22.27
C ALA D 216 -6.35 7.72 -23.28
N VAL D 217 -6.69 6.43 -23.35
CA VAL D 217 -7.59 5.95 -24.39
C VAL D 217 -9.05 5.98 -23.95
N THR D 218 -9.32 5.71 -22.67
CA THR D 218 -10.70 5.52 -22.25
C THR D 218 -11.43 6.84 -22.07
N LEU D 219 -11.04 7.64 -21.08
CA LEU D 219 -11.61 8.96 -20.86
C LEU D 219 -13.13 8.93 -20.79
N PRO D 220 -13.70 8.54 -19.65
CA PRO D 220 -15.15 8.30 -19.59
C PRO D 220 -15.94 9.55 -19.91
N SER D 221 -17.07 9.35 -20.58
CA SER D 221 -17.93 10.47 -20.93
C SER D 221 -18.64 10.99 -19.70
N HIS D 222 -18.82 12.32 -19.64
CA HIS D 222 -19.52 12.95 -18.54
C HIS D 222 -21.02 12.98 -18.73
N SER D 223 -21.52 12.71 -19.95
CA SER D 223 -22.95 12.75 -20.18
C SER D 223 -23.70 11.75 -19.32
N THR D 224 -23.00 10.75 -18.78
CA THR D 224 -23.64 9.83 -17.83
C THR D 224 -24.13 10.57 -16.61
N ARG D 225 -23.35 11.51 -16.10
CA ARG D 225 -23.68 12.29 -14.90
C ARG D 225 -24.13 13.71 -15.26
N LYS D 226 -24.90 13.85 -16.32
CA LYS D 226 -25.29 15.17 -16.82
C LYS D 226 -25.93 16.01 -15.73
N LEU D 227 -25.41 17.21 -15.53
CA LEU D 227 -25.96 18.14 -14.56
C LEU D 227 -27.20 18.77 -15.14
N GLN D 228 -28.35 18.55 -14.50
CA GLN D 228 -29.62 19.00 -15.04
C GLN D 228 -30.00 20.33 -14.42
N THR D 229 -30.19 21.33 -15.25
CA THR D 229 -30.59 22.66 -14.81
C THR D 229 -31.15 23.41 -16.00
N ARG D 230 -31.62 24.64 -15.75
CA ARG D 230 -32.23 25.42 -16.82
C ARG D 230 -31.22 25.76 -17.90
N SER D 231 -29.98 26.06 -17.53
CA SER D 231 -28.98 26.49 -18.49
C SER D 231 -28.47 25.30 -19.31
N GLN D 232 -27.94 25.60 -20.48
CA GLN D 232 -27.37 24.57 -21.32
C GLN D 232 -26.05 24.07 -20.76
N THR D 233 -25.74 22.82 -21.05
CA THR D 233 -24.54 22.19 -20.55
C THR D 233 -23.37 22.51 -21.49
N TRP D 234 -22.25 21.80 -21.33
CA TRP D 234 -21.03 22.19 -22.04
C TRP D 234 -21.20 22.03 -23.54
N LEU D 235 -21.52 20.83 -24.00
CA LEU D 235 -21.75 20.58 -25.42
C LEU D 235 -23.10 19.89 -25.55
N GLU D 236 -24.16 20.68 -25.54
CA GLU D 236 -25.48 20.08 -25.63
C GLU D 236 -25.92 19.89 -27.07
N SER D 237 -25.37 20.66 -27.99
CA SER D 237 -25.84 20.63 -29.36
C SER D 237 -25.41 19.37 -30.11
N ARG D 238 -24.40 18.67 -29.63
CA ARG D 238 -23.74 17.67 -30.46
C ARG D 238 -24.10 16.23 -30.11
N GLU D 239 -24.90 15.98 -29.09
CA GLU D 239 -25.04 14.60 -28.58
C GLU D 239 -25.76 13.70 -29.58
N TYR D 240 -26.96 14.09 -30.00
CA TYR D 240 -27.76 13.25 -30.87
C TYR D 240 -27.03 12.98 -32.18
N THR D 241 -26.63 14.06 -32.85
CA THR D 241 -25.91 13.92 -34.10
C THR D 241 -24.62 13.15 -33.91
N LYS D 242 -24.00 13.26 -32.72
CA LYS D 242 -22.76 12.54 -32.46
C LYS D 242 -22.97 11.04 -32.60
N HIS D 243 -23.87 10.49 -31.80
CA HIS D 243 -24.03 9.04 -31.83
C HIS D 243 -24.57 8.56 -33.17
N LEU D 244 -25.57 9.27 -33.71
CA LEU D 244 -26.11 8.84 -35.00
C LEU D 244 -25.07 8.89 -36.10
N ILE D 245 -24.20 9.90 -36.06
CA ILE D 245 -23.17 10.03 -37.08
C ILE D 245 -22.20 8.88 -37.00
N ARG D 246 -21.75 8.53 -35.79
CA ARG D 246 -20.81 7.42 -35.69
C ARG D 246 -21.42 6.14 -36.24
N VAL D 247 -22.66 5.84 -35.86
CA VAL D 247 -23.28 4.59 -36.32
C VAL D 247 -23.45 4.59 -37.83
N GLU D 248 -24.00 5.69 -38.37
CA GLU D 248 -24.26 5.75 -39.80
C GLU D 248 -22.98 5.65 -40.60
N ASN D 249 -21.92 6.30 -40.14
CA ASN D 249 -20.66 6.23 -40.86
C ASN D 249 -20.09 4.83 -40.87
N TRP D 250 -20.07 4.16 -39.71
CA TRP D 250 -19.52 2.82 -39.68
C TRP D 250 -20.32 1.88 -40.56
N ILE D 251 -21.64 1.97 -40.53
CA ILE D 251 -22.45 1.09 -41.36
C ILE D 251 -22.21 1.39 -42.84
N PHE D 252 -22.06 2.66 -43.18
CA PHE D 252 -21.85 3.02 -44.57
C PHE D 252 -20.52 2.49 -45.08
N ARG D 253 -19.50 2.46 -44.23
CA ARG D 253 -18.20 1.99 -44.70
C ARG D 253 -18.18 0.47 -44.83
N ASN D 254 -18.83 -0.26 -43.92
CA ASN D 254 -18.83 -1.72 -43.92
C ASN D 254 -20.24 -2.23 -44.15
N PRO D 255 -20.66 -2.39 -45.40
CA PRO D 255 -22.03 -2.84 -45.67
C PRO D 255 -22.25 -4.31 -45.39
N GLY D 256 -21.29 -5.17 -45.75
CA GLY D 256 -21.51 -6.61 -45.65
C GLY D 256 -21.84 -7.08 -44.25
N PHE D 257 -21.35 -6.37 -43.23
CA PHE D 257 -21.70 -6.76 -41.88
C PHE D 257 -23.19 -6.65 -41.64
N ALA D 258 -23.91 -5.85 -42.42
CA ALA D 258 -25.36 -5.86 -42.33
C ALA D 258 -25.91 -7.25 -42.66
N LEU D 259 -25.39 -7.86 -43.72
CA LEU D 259 -25.81 -9.23 -44.05
C LEU D 259 -25.41 -10.21 -42.96
N ALA D 260 -24.19 -10.06 -42.43
CA ALA D 260 -23.77 -10.96 -41.36
C ALA D 260 -24.69 -10.84 -40.15
N ALA D 261 -25.04 -9.61 -39.78
CA ALA D 261 -25.91 -9.39 -38.63
C ALA D 261 -27.31 -9.90 -38.90
N ALA D 262 -27.81 -9.73 -40.12
CA ALA D 262 -29.12 -10.28 -40.46
C ALA D 262 -29.13 -11.78 -40.29
N ALA D 263 -28.09 -12.46 -40.77
CA ALA D 263 -28.03 -13.92 -40.63
C ALA D 263 -27.97 -14.32 -39.16
N ILE D 264 -27.08 -13.70 -38.40
CA ILE D 264 -26.92 -14.08 -36.99
C ILE D 264 -28.21 -13.83 -36.22
N ALA D 265 -28.86 -12.70 -36.49
CA ALA D 265 -30.11 -12.39 -35.81
C ALA D 265 -31.20 -13.36 -36.23
N TRP D 266 -31.18 -13.82 -37.47
CA TRP D 266 -32.18 -14.78 -37.91
C TRP D 266 -32.00 -16.12 -37.20
N LEU D 267 -30.75 -16.51 -36.95
CA LEU D 267 -30.53 -17.77 -36.26
C LEU D 267 -30.98 -17.71 -34.80
N LEU D 268 -30.94 -16.53 -34.20
CA LEU D 268 -31.35 -16.34 -32.80
C LEU D 268 -32.79 -15.87 -32.75
N GLY D 269 -33.49 -16.26 -31.70
CA GLY D 269 -34.80 -15.68 -31.47
C GLY D 269 -35.91 -16.33 -32.26
N SER D 270 -36.97 -16.75 -31.58
CA SER D 270 -38.05 -17.46 -32.25
C SER D 270 -38.93 -16.52 -33.06
N SER D 271 -39.58 -15.57 -32.38
CA SER D 271 -40.53 -14.71 -33.05
C SER D 271 -39.81 -13.69 -33.92
N THR D 272 -40.59 -13.01 -34.77
CA THR D 272 -40.00 -12.01 -35.65
C THR D 272 -39.51 -10.80 -34.87
N SER D 273 -40.27 -10.37 -33.87
CA SER D 273 -39.88 -9.21 -33.08
C SER D 273 -38.55 -9.45 -32.40
N GLN D 274 -38.35 -10.65 -31.86
CA GLN D 274 -37.07 -10.96 -31.23
C GLN D 274 -35.93 -10.86 -32.22
N LYS D 275 -36.12 -11.38 -33.43
CA LYS D 275 -35.05 -11.35 -34.41
C LYS D 275 -34.73 -9.92 -34.84
N VAL D 276 -35.75 -9.08 -34.97
CA VAL D 276 -35.49 -7.70 -35.34
C VAL D 276 -34.76 -6.96 -34.22
N ILE D 277 -35.14 -7.23 -32.97
CA ILE D 277 -34.45 -6.59 -31.86
C ILE D 277 -33.00 -7.05 -31.79
N TYR D 278 -32.76 -8.33 -32.05
CA TYR D 278 -31.38 -8.82 -32.09
C TYR D 278 -30.60 -8.13 -33.20
N LEU D 279 -31.21 -7.97 -34.37
CA LEU D 279 -30.53 -7.29 -35.47
C LEU D 279 -30.14 -5.87 -35.07
N VAL D 280 -31.08 -5.14 -34.47
CA VAL D 280 -30.81 -3.76 -34.09
C VAL D 280 -29.71 -3.69 -33.04
N MET D 281 -29.76 -4.60 -32.06
CA MET D 281 -28.75 -4.58 -31.01
C MET D 281 -27.37 -4.93 -31.56
N ILE D 282 -27.30 -5.85 -32.53
CA ILE D 282 -26.01 -6.17 -33.15
C ILE D 282 -25.49 -4.96 -33.92
N LEU D 283 -26.35 -4.34 -34.71
CA LEU D 283 -25.91 -3.18 -35.51
C LEU D 283 -25.58 -1.98 -34.64
N LEU D 284 -26.03 -1.95 -33.39
CA LEU D 284 -25.59 -0.91 -32.48
C LEU D 284 -24.29 -1.26 -31.80
N ILE D 285 -24.12 -2.53 -31.41
CA ILE D 285 -22.97 -2.91 -30.61
C ILE D 285 -21.72 -3.06 -31.46
N ALA D 286 -21.86 -3.33 -32.76
CA ALA D 286 -20.68 -3.51 -33.59
C ALA D 286 -19.94 -2.22 -33.87
N PRO D 287 -20.58 -1.12 -34.27
CA PRO D 287 -19.82 0.09 -34.59
C PRO D 287 -19.07 0.66 -33.41
N ALA D 288 -19.58 0.46 -32.20
CA ALA D 288 -18.85 0.91 -31.03
C ALA D 288 -17.73 -0.04 -30.63
N TYR D 289 -17.67 -1.22 -31.24
CA TYR D 289 -16.77 -2.28 -30.79
C TYR D 289 -16.86 -2.46 -29.29
N SER D 290 -18.07 -2.35 -28.76
CA SER D 290 -18.26 -2.18 -27.33
C SER D 290 -17.76 -3.35 -26.52
N VAL E 2 6.36 22.16 35.62
CA VAL E 2 6.30 22.09 34.16
C VAL E 2 7.28 23.09 33.56
N GLN E 3 8.45 22.61 33.14
CA GLN E 3 9.49 23.47 32.60
C GLN E 3 10.29 22.72 31.55
N LEU E 4 10.93 23.48 30.68
CA LEU E 4 11.81 22.96 29.64
C LEU E 4 13.13 23.69 29.73
N VAL E 5 14.22 22.97 29.98
CA VAL E 5 15.54 23.55 30.13
C VAL E 5 16.36 23.20 28.89
N GLU E 6 16.77 24.20 28.14
CA GLU E 6 17.51 24.01 26.91
C GLU E 6 19.00 24.22 27.14
N SER E 7 19.82 23.53 26.36
CA SER E 7 21.26 23.62 26.51
C SER E 7 21.92 23.11 25.23
N GLY E 8 23.21 23.40 25.10
CA GLY E 8 24.01 22.93 23.98
C GLY E 8 24.33 23.99 22.95
N GLY E 9 23.77 25.19 23.06
CA GLY E 9 24.04 26.21 22.08
C GLY E 9 25.44 26.78 22.22
N GLY E 10 26.06 27.08 21.09
CA GLY E 10 27.41 27.62 21.10
C GLY E 10 27.83 28.08 19.73
N LEU E 11 28.93 28.81 19.69
CA LEU E 11 29.50 29.29 18.44
C LEU E 11 30.21 28.14 17.72
N VAL E 12 30.03 28.08 16.40
CA VAL E 12 30.63 27.03 15.59
C VAL E 12 30.87 27.58 14.18
N GLN E 13 31.81 26.95 13.48
CA GLN E 13 32.16 27.34 12.13
C GLN E 13 31.13 26.82 11.13
N PRO E 14 31.07 27.41 9.94
CA PRO E 14 30.19 26.86 8.90
C PRO E 14 30.56 25.43 8.56
N GLY E 15 29.55 24.58 8.45
CA GLY E 15 29.76 23.16 8.25
C GLY E 15 29.94 22.36 9.52
N GLY E 16 29.92 23.00 10.68
CA GLY E 16 30.07 22.29 11.93
C GLY E 16 28.79 21.60 12.36
N SER E 17 28.95 20.63 13.27
CA SER E 17 27.83 19.85 13.79
C SER E 17 27.64 20.17 15.27
N LEU E 18 26.38 20.32 15.67
CA LEU E 18 26.03 20.64 17.04
C LEU E 18 24.86 19.75 17.48
N ARG E 19 24.70 19.61 18.79
CA ARG E 19 23.60 18.86 19.36
C ARG E 19 22.97 19.67 20.49
N LEU E 20 21.69 20.01 20.33
CA LEU E 20 20.95 20.75 21.34
C LEU E 20 20.08 19.80 22.14
N SER E 21 19.98 20.05 23.44
CA SER E 21 19.20 19.23 24.34
C SER E 21 18.14 20.07 25.04
N CYS E 22 17.04 19.43 25.39
CA CYS E 22 15.91 20.10 26.03
C CYS E 22 15.31 19.11 27.03
N SER E 23 15.60 19.34 28.31
CA SER E 23 15.11 18.47 29.38
C SER E 23 13.76 18.95 29.86
N ALA E 24 12.80 18.05 29.93
CA ALA E 24 11.44 18.36 30.36
C ALA E 24 11.25 17.94 31.81
N SER E 25 10.47 18.73 32.55
CA SER E 25 10.18 18.43 33.94
C SER E 25 8.77 18.85 34.27
N GLY E 26 8.17 18.14 35.24
CA GLY E 26 6.87 18.51 35.76
C GLY E 26 5.67 17.95 35.03
N PHE E 27 5.87 17.06 34.07
CA PHE E 27 4.74 16.48 33.35
C PHE E 27 5.17 15.17 32.70
N THR E 28 4.19 14.45 32.18
CA THR E 28 4.42 13.17 31.51
C THR E 28 4.98 13.46 30.11
N PHE E 29 6.29 13.30 29.97
CA PHE E 29 6.96 13.66 28.72
C PHE E 29 6.40 12.91 27.52
N SER E 30 5.97 11.66 27.73
CA SER E 30 5.53 10.84 26.61
C SER E 30 4.25 11.34 25.97
N THR E 31 3.42 12.05 26.73
CA THR E 31 2.13 12.52 26.22
C THR E 31 2.22 13.91 25.60
N TYR E 32 3.41 14.45 25.42
CA TYR E 32 3.60 15.81 24.91
C TYR E 32 4.32 15.75 23.58
N SER E 33 3.71 16.32 22.55
CA SER E 33 4.41 16.51 21.30
C SER E 33 5.36 17.70 21.42
N MET E 34 6.57 17.53 20.91
CA MET E 34 7.62 18.52 21.07
C MET E 34 7.90 19.21 19.73
N HIS E 35 8.35 20.46 19.81
CA HIS E 35 8.63 21.25 18.62
C HIS E 35 9.84 22.12 18.86
N TRP E 36 10.55 22.43 17.78
CA TRP E 36 11.67 23.36 17.79
C TRP E 36 11.31 24.55 16.93
N VAL E 37 11.40 25.75 17.50
CA VAL E 37 11.10 27.01 16.83
C VAL E 37 12.29 27.93 17.02
N ARG E 38 12.80 28.49 15.92
CA ARG E 38 13.97 29.35 15.99
C ARG E 38 13.62 30.77 15.57
N GLN E 39 14.43 31.71 16.04
CA GLN E 39 14.26 33.13 15.73
C GLN E 39 15.63 33.70 15.42
N ALA E 40 15.84 34.10 14.16
CA ALA E 40 17.06 34.77 13.78
C ALA E 40 17.05 36.22 14.28
N PRO E 41 18.23 36.81 14.48
CA PRO E 41 18.27 38.21 14.91
C PRO E 41 17.61 39.11 13.87
N GLY E 42 16.68 39.95 14.33
CA GLY E 42 15.94 40.81 13.43
C GLY E 42 14.90 40.11 12.59
N LYS E 43 14.46 38.93 13.01
CA LYS E 43 13.48 38.16 12.26
C LYS E 43 12.42 37.62 13.21
N GLY E 44 11.27 37.28 12.64
CA GLY E 44 10.21 36.69 13.42
C GLY E 44 10.48 35.24 13.79
N LEU E 45 9.64 34.71 14.66
CA LEU E 45 9.74 33.31 15.05
C LEU E 45 9.50 32.41 13.85
N GLU E 46 10.31 31.36 13.74
CA GLU E 46 10.21 30.41 12.64
C GLU E 46 10.06 29.00 13.20
N TYR E 47 8.98 28.33 12.83
CA TYR E 47 8.67 26.98 13.29
C TYR E 47 9.36 25.99 12.35
N VAL E 48 10.40 25.32 12.85
CA VAL E 48 11.29 24.55 12.00
C VAL E 48 11.06 23.04 12.14
N SER E 49 10.89 22.53 13.36
CA SER E 49 10.86 21.07 13.48
C SER E 49 9.84 20.63 14.52
N ALA E 50 9.46 19.35 14.45
CA ALA E 50 8.49 18.80 15.38
C ALA E 50 8.65 17.29 15.47
N ILE E 51 8.24 16.72 16.61
CA ILE E 51 8.21 15.28 16.80
C ILE E 51 7.02 14.92 17.68
N THR E 52 6.40 13.79 17.38
CA THR E 52 5.24 13.32 18.13
C THR E 52 5.64 12.92 19.54
N GLY E 53 4.63 12.66 20.37
CA GLY E 53 4.89 12.28 21.74
C GLY E 53 5.64 10.97 21.87
N GLU E 54 5.28 9.99 21.04
CA GLU E 54 5.83 8.65 21.14
C GLU E 54 7.09 8.45 20.31
N GLY E 55 7.52 9.45 19.54
CA GLY E 55 8.69 9.32 18.71
C GLY E 55 8.46 8.68 17.36
N ASP E 56 7.22 8.28 17.06
CA ASP E 56 6.93 7.59 15.80
C ASP E 56 7.37 8.41 14.60
N SER E 57 6.92 9.65 14.51
CA SER E 57 7.08 10.45 13.31
C SER E 57 7.75 11.78 13.65
N ALA E 58 8.37 12.37 12.63
CA ALA E 58 9.07 13.64 12.78
C ALA E 58 8.81 14.51 11.57
N PHE E 59 8.81 15.82 11.79
CA PHE E 59 8.65 16.81 10.72
C PHE E 59 9.81 17.80 10.74
N TYR E 60 10.28 18.16 9.55
CA TYR E 60 11.30 19.17 9.36
C TYR E 60 10.82 20.16 8.33
N ALA E 61 11.01 21.45 8.60
CA ALA E 61 10.67 22.48 7.64
C ALA E 61 11.64 22.46 6.47
N ASP E 62 11.18 22.95 5.32
CA ASP E 62 12.02 22.96 4.12
C ASP E 62 13.34 23.68 4.36
N SER E 63 13.31 24.75 5.16
CA SER E 63 14.54 25.49 5.45
C SER E 63 15.57 24.65 6.19
N VAL E 64 15.15 23.58 6.86
CA VAL E 64 16.06 22.71 7.59
C VAL E 64 16.00 21.26 7.14
N LYS E 65 15.07 20.91 6.25
CA LYS E 65 14.89 19.54 5.83
C LYS E 65 16.17 18.97 5.23
N GLY E 66 16.67 17.89 5.82
CA GLY E 66 17.84 17.22 5.30
C GLY E 66 19.04 17.30 6.20
N ARG E 67 19.26 18.46 6.82
CA ARG E 67 20.44 18.67 7.64
C ARG E 67 20.21 18.42 9.12
N PHE E 68 19.02 18.70 9.63
CA PHE E 68 18.74 18.63 11.05
C PHE E 68 17.91 17.39 11.36
N THR E 69 18.11 16.81 12.54
CA THR E 69 17.42 15.60 12.96
C THR E 69 16.91 15.77 14.38
N ILE E 70 15.61 15.65 14.55
CA ILE E 70 14.99 15.73 15.87
C ILE E 70 14.77 14.32 16.40
N SER E 71 14.92 14.16 17.71
CA SER E 71 14.70 12.87 18.34
C SER E 71 14.34 13.09 19.79
N ARG E 72 13.95 12.01 20.47
CA ARG E 72 13.56 12.15 21.87
C ARG E 72 13.77 10.84 22.60
N ASP E 73 14.08 10.95 23.88
CA ASP E 73 14.20 9.82 24.80
C ASP E 73 13.20 10.04 25.92
N ASN E 74 12.13 9.24 25.94
CA ASN E 74 11.09 9.37 26.95
C ASN E 74 11.53 8.83 28.30
N SER E 75 12.56 7.97 28.34
CA SER E 75 13.04 7.48 29.62
C SER E 75 13.89 8.53 30.33
N LYS E 76 14.74 9.23 29.58
CA LYS E 76 15.53 10.33 30.13
C LYS E 76 14.84 11.67 30.04
N ASN E 77 13.60 11.70 29.53
CA ASN E 77 12.83 12.94 29.40
C ASN E 77 13.62 14.02 28.69
N THR E 78 14.13 13.70 27.50
CA THR E 78 15.01 14.64 26.82
C THR E 78 14.70 14.70 25.33
N LEU E 79 14.60 15.91 24.81
CA LEU E 79 14.47 16.16 23.39
C LEU E 79 15.83 16.57 22.83
N TYR E 80 16.18 16.02 21.67
CA TYR E 80 17.47 16.29 21.05
C TYR E 80 17.24 16.83 19.65
N PHE E 81 18.07 17.81 19.26
CA PHE E 81 18.03 18.39 17.93
C PHE E 81 19.46 18.39 17.36
N GLU E 82 19.84 17.26 16.77
CA GLU E 82 21.17 17.10 16.18
C GLU E 82 21.21 17.84 14.85
N MET E 83 21.90 18.98 14.83
CA MET E 83 21.95 19.83 13.64
C MET E 83 23.34 19.74 13.02
N ASN E 84 23.41 19.20 11.81
CA ASN E 84 24.64 19.05 11.06
C ASN E 84 24.65 19.98 9.86
N SER E 85 25.83 20.15 9.26
CA SER E 85 26.01 20.97 8.07
C SER E 85 25.50 22.39 8.29
N LEU E 86 25.79 22.94 9.47
CA LEU E 86 25.30 24.26 9.82
C LEU E 86 25.80 25.31 8.84
N ARG E 87 24.98 26.34 8.64
CA ARG E 87 25.26 27.45 7.76
C ARG E 87 25.03 28.74 8.53
N PRO E 88 25.62 29.85 8.09
CA PRO E 88 25.43 31.11 8.83
C PRO E 88 23.97 31.53 8.95
N GLU E 89 23.12 31.10 8.03
CA GLU E 89 21.70 31.43 8.10
C GLU E 89 20.99 30.75 9.27
N ASP E 90 21.62 29.76 9.90
CA ASP E 90 21.03 29.08 11.04
C ASP E 90 21.37 29.74 12.37
N THR E 91 22.10 30.85 12.34
CA THR E 91 22.40 31.58 13.57
C THR E 91 21.12 32.18 14.12
N ALA E 92 20.69 31.73 15.29
CA ALA E 92 19.39 32.11 15.82
C ALA E 92 19.28 31.63 17.26
N VAL E 93 18.23 32.09 17.93
CA VAL E 93 17.86 31.59 19.24
C VAL E 93 16.82 30.50 19.05
N TYR E 94 17.09 29.32 19.58
CA TYR E 94 16.20 28.16 19.44
C TYR E 94 15.44 27.94 20.73
N TYR E 95 14.13 27.74 20.61
CA TYR E 95 13.27 27.39 21.73
C TYR E 95 12.65 26.02 21.46
N CYS E 96 12.61 25.19 22.50
CA CYS E 96 11.86 23.95 22.45
C CYS E 96 10.53 24.17 23.16
N VAL E 97 9.44 23.78 22.49
CA VAL E 97 8.10 23.94 23.02
C VAL E 97 7.45 22.57 23.11
N GLY E 98 6.51 22.45 24.03
CA GLY E 98 5.85 21.18 24.24
C GLY E 98 4.36 21.33 24.49
N GLY E 99 3.55 20.45 23.91
CA GLY E 99 2.13 20.56 24.08
C GLY E 99 1.44 19.22 24.23
N TYR E 100 0.43 19.14 25.10
CA TYR E 100 -0.31 17.89 25.25
C TYR E 100 -0.98 17.53 23.94
N SER E 101 -0.67 16.34 23.43
CA SER E 101 -1.17 15.90 22.14
C SER E 101 -1.73 14.49 22.23
N ASN E 102 -2.91 14.29 21.66
CA ASN E 102 -3.45 12.96 21.40
C ASN E 102 -3.46 12.64 19.92
N PHE E 103 -2.96 13.55 19.09
CA PHE E 103 -2.84 13.38 17.66
C PHE E 103 -1.42 13.77 17.29
N TYR E 104 -0.97 13.36 16.10
CA TYR E 104 0.44 13.34 15.76
C TYR E 104 1.21 14.55 16.26
N TYR E 105 0.77 15.76 15.90
CA TYR E 105 1.47 16.97 16.32
C TYR E 105 0.58 18.05 16.90
N TYR E 106 -0.74 17.86 16.88
CA TYR E 106 -1.64 18.95 17.28
C TYR E 106 -1.57 19.20 18.78
N TYR E 107 -1.67 20.47 19.15
CA TYR E 107 -1.66 20.86 20.56
C TYR E 107 -2.37 22.20 20.69
N THR E 108 -2.87 22.47 21.89
CA THR E 108 -3.59 23.72 22.16
C THR E 108 -2.84 24.63 23.11
N MET E 109 -2.53 24.16 24.31
CA MET E 109 -1.76 24.93 25.28
C MET E 109 -0.34 24.39 25.34
N ASP E 110 0.64 25.27 25.21
CA ASP E 110 2.03 24.88 25.09
C ASP E 110 2.85 25.37 26.28
N VAL E 111 4.08 24.90 26.33
CA VAL E 111 5.05 25.30 27.35
C VAL E 111 6.38 25.55 26.64
N TRP E 112 7.02 26.66 26.98
CA TRP E 112 8.23 27.11 26.31
C TRP E 112 9.42 27.09 27.25
N GLY E 113 10.60 26.82 26.69
CA GLY E 113 11.84 26.97 27.41
C GLY E 113 12.41 28.37 27.25
N GLN E 114 13.55 28.60 27.90
CA GLN E 114 14.17 29.91 27.87
C GLN E 114 14.89 30.19 26.56
N GLY E 115 15.23 29.15 25.80
CA GLY E 115 15.93 29.32 24.55
C GLY E 115 17.45 29.25 24.72
N THR E 116 18.12 28.91 23.62
CA THR E 116 19.57 28.87 23.59
C THR E 116 20.06 29.43 22.26
N THR E 117 21.15 30.19 22.32
CA THR E 117 21.67 30.87 21.14
C THR E 117 22.63 29.94 20.41
N VAL E 118 22.50 29.88 19.08
CA VAL E 118 23.41 29.15 18.23
C VAL E 118 23.95 30.13 17.20
N THR E 119 25.27 30.31 17.18
CA THR E 119 25.93 31.26 16.30
C THR E 119 26.81 30.50 15.32
N VAL E 120 26.59 30.72 14.03
CA VAL E 120 27.37 30.09 12.97
C VAL E 120 28.03 31.22 12.19
N SER E 121 29.29 31.51 12.53
CA SER E 121 30.04 32.57 11.87
C SER E 121 31.31 31.99 11.26
N SER E 122 31.68 32.51 10.10
CA SER E 122 32.90 32.07 9.42
C SER E 122 34.12 32.82 9.95
N SER F 1 0.96 26.29 -1.72
CA SER F 1 2.00 25.77 -0.84
C SER F 1 1.58 25.89 0.62
N GLU F 2 2.48 26.38 1.45
CA GLU F 2 2.19 26.52 2.87
C GLU F 2 1.31 27.73 3.15
N ILE F 3 0.56 27.66 4.24
CA ILE F 3 -0.26 28.78 4.66
C ILE F 3 0.65 29.89 5.19
N VAL F 4 0.30 31.13 4.86
CA VAL F 4 1.06 32.30 5.30
C VAL F 4 0.13 33.22 6.07
N LEU F 5 0.68 33.87 7.09
CA LEU F 5 -0.06 34.82 7.90
C LEU F 5 0.55 36.21 7.74
N THR F 6 -0.30 37.22 7.61
CA THR F 6 0.14 38.60 7.43
C THR F 6 -0.40 39.45 8.56
N GLN F 7 0.49 40.12 9.28
CA GLN F 7 0.10 41.08 10.31
C GLN F 7 0.22 42.48 9.72
N SER F 8 -0.91 43.18 9.66
CA SER F 8 -1.06 44.40 8.86
C SER F 8 0.01 45.46 9.09
N PRO F 9 0.16 46.03 10.29
CA PRO F 9 0.93 47.28 10.41
C PRO F 9 2.40 47.12 10.77
N ALA F 10 2.82 45.98 11.30
CA ALA F 10 4.22 45.68 11.60
C ALA F 10 4.78 46.58 12.69
N THR F 11 3.99 47.56 13.13
CA THR F 11 4.40 48.52 14.16
C THR F 11 3.18 49.30 14.63
N LEU F 12 2.99 49.37 15.95
CA LEU F 12 1.86 50.10 16.52
C LEU F 12 2.39 51.03 17.61
N SER F 13 2.28 52.33 17.38
CA SER F 13 2.73 53.34 18.33
C SER F 13 1.51 53.90 19.06
N LEU F 14 1.35 53.52 20.32
CA LEU F 14 0.23 53.98 21.13
C LEU F 14 0.73 54.33 22.52
N SER F 15 -0.07 55.09 23.23
CA SER F 15 0.29 55.53 24.57
C SER F 15 -0.44 54.69 25.61
N PRO F 16 0.13 54.55 26.80
CA PRO F 16 -0.54 53.78 27.85
C PRO F 16 -1.91 54.36 28.15
N GLY F 17 -2.93 53.49 28.09
CA GLY F 17 -4.32 53.89 28.26
C GLY F 17 -5.14 53.81 26.98
N GLU F 18 -4.49 53.73 25.83
CA GLU F 18 -5.20 53.66 24.57
C GLU F 18 -5.66 52.23 24.28
N ARG F 19 -6.35 52.06 23.15
CA ARG F 19 -6.89 50.78 22.73
C ARG F 19 -6.08 50.26 21.55
N ALA F 20 -5.54 49.05 21.69
CA ALA F 20 -4.71 48.45 20.67
C ALA F 20 -5.50 47.41 19.87
N THR F 21 -5.30 47.41 18.56
CA THR F 21 -5.97 46.47 17.67
C THR F 21 -4.97 45.96 16.64
N LEU F 22 -4.75 44.65 16.64
CA LEU F 22 -3.82 44.02 15.71
C LEU F 22 -4.60 43.02 14.86
N SER F 23 -4.27 42.95 13.58
CA SER F 23 -4.97 42.07 12.65
C SER F 23 -4.02 41.04 12.05
N CYS F 24 -4.55 39.87 11.76
CA CYS F 24 -3.82 38.76 11.18
C CYS F 24 -4.67 38.16 10.07
N ARG F 25 -4.12 38.10 8.87
CA ARG F 25 -4.85 37.62 7.70
C ARG F 25 -4.20 36.34 7.19
N ALA F 26 -5.01 35.30 7.03
CA ALA F 26 -4.52 34.01 6.57
C ALA F 26 -4.74 33.85 5.08
N SER F 27 -3.85 33.08 4.44
CA SER F 27 -3.93 32.89 2.99
C SER F 27 -5.06 31.96 2.59
N GLN F 28 -5.60 31.18 3.52
CA GLN F 28 -6.68 30.27 3.19
C GLN F 28 -7.50 30.00 4.44
N SER F 29 -8.64 29.35 4.24
CA SER F 29 -9.60 29.14 5.32
C SER F 29 -8.99 28.32 6.45
N ILE F 30 -8.97 28.88 7.65
CA ILE F 30 -8.72 28.13 8.87
C ILE F 30 -9.84 28.51 9.84
N SER F 31 -10.54 27.51 10.37
CA SER F 31 -11.84 27.79 10.97
C SER F 31 -11.70 28.69 12.20
N THR F 32 -11.04 28.21 13.25
CA THR F 32 -10.83 29.05 14.43
C THR F 32 -9.43 28.83 14.99
N PHE F 33 -8.63 28.03 14.28
CA PHE F 33 -7.35 27.56 14.81
C PHE F 33 -6.29 28.63 14.56
N LEU F 34 -6.33 29.66 15.39
CA LEU F 34 -5.35 30.74 15.38
C LEU F 34 -4.97 31.05 16.81
N ALA F 35 -3.67 31.26 17.05
CA ALA F 35 -3.15 31.54 18.37
C ALA F 35 -2.41 32.88 18.38
N TRP F 36 -2.51 33.58 19.49
CA TRP F 36 -1.86 34.86 19.70
C TRP F 36 -0.86 34.74 20.83
N TYR F 37 0.39 35.13 20.55
CA TYR F 37 1.51 35.07 21.47
C TYR F 37 2.08 36.46 21.71
N GLN F 38 2.53 36.68 22.94
CA GLN F 38 3.22 37.90 23.33
C GLN F 38 4.68 37.58 23.62
N HIS F 39 5.59 38.32 22.99
CA HIS F 39 7.02 38.08 23.10
C HIS F 39 7.69 39.38 23.55
N LYS F 40 8.40 39.31 24.67
CA LYS F 40 9.21 40.40 25.19
C LYS F 40 10.69 40.07 25.05
N PRO F 41 11.52 41.04 24.67
CA PRO F 41 12.96 40.77 24.55
C PRO F 41 13.53 40.29 25.86
N GLY F 42 14.32 39.21 25.79
CA GLY F 42 14.87 38.59 26.98
C GLY F 42 13.96 37.60 27.67
N GLN F 43 12.79 37.32 27.11
CA GLN F 43 11.85 36.39 27.70
C GLN F 43 11.29 35.46 26.62
N ALA F 44 10.89 34.27 27.05
CA ALA F 44 10.28 33.32 26.14
C ALA F 44 8.91 33.83 25.70
N PRO F 45 8.52 33.60 24.44
CA PRO F 45 7.18 34.00 24.01
C PRO F 45 6.10 33.37 24.86
N ARG F 46 5.08 34.15 25.19
CA ARG F 46 4.02 33.74 26.09
C ARG F 46 2.73 33.56 25.30
N LEU F 47 2.09 32.40 25.48
CA LEU F 47 0.82 32.14 24.83
C LEU F 47 -0.27 32.99 25.47
N LEU F 48 -0.95 33.80 24.66
CA LEU F 48 -2.04 34.63 25.14
C LEU F 48 -3.40 34.01 24.83
N ILE F 49 -3.66 33.69 23.58
CA ILE F 49 -4.97 33.22 23.16
C ILE F 49 -4.81 32.01 22.26
N TYR F 50 -5.65 31.00 22.46
CA TYR F 50 -5.77 29.88 21.52
C TYR F 50 -7.23 29.74 21.11
N ASP F 51 -7.45 29.06 19.99
CA ASP F 51 -8.75 28.97 19.34
C ASP F 51 -9.31 30.35 18.99
N ALA F 52 -8.42 31.34 18.91
CA ALA F 52 -8.69 32.67 18.38
C ALA F 52 -9.57 33.52 19.30
N SER F 53 -10.17 32.93 20.32
CA SER F 53 -10.94 33.74 21.26
C SER F 53 -10.74 33.34 22.71
N THR F 54 -10.16 32.16 22.94
CA THR F 54 -10.05 31.61 24.28
C THR F 54 -8.73 32.05 24.92
N ARG F 55 -8.82 32.70 26.07
CA ARG F 55 -7.64 33.19 26.77
C ARG F 55 -6.95 32.04 27.48
N ALA F 56 -5.63 32.00 27.40
CA ALA F 56 -4.87 30.96 28.06
C ALA F 56 -4.98 31.12 29.58
N THR F 57 -4.50 30.10 30.30
CA THR F 57 -4.56 30.11 31.75
C THR F 57 -3.73 31.26 32.30
N GLY F 58 -4.38 32.09 33.12
CA GLY F 58 -3.71 33.22 33.76
C GLY F 58 -3.63 34.48 32.93
N VAL F 59 -4.09 34.47 31.69
CA VAL F 59 -4.05 35.67 30.86
C VAL F 59 -5.09 36.66 31.37
N PRO F 60 -4.74 37.93 31.56
CA PRO F 60 -5.73 38.91 32.03
C PRO F 60 -6.85 39.11 31.00
N ALA F 61 -7.99 39.60 31.51
CA ALA F 61 -9.18 39.69 30.68
C ALA F 61 -9.11 40.80 29.64
N ARG F 62 -8.14 41.71 29.74
CA ARG F 62 -8.11 42.84 28.82
C ARG F 62 -7.75 42.42 27.39
N PHE F 63 -7.21 41.22 27.21
CA PHE F 63 -6.93 40.69 25.88
C PHE F 63 -8.15 39.95 25.36
N SER F 64 -8.58 40.28 24.14
CA SER F 64 -9.71 39.62 23.52
C SER F 64 -9.36 39.26 22.08
N GLY F 65 -10.02 38.23 21.58
CA GLY F 65 -9.80 37.79 20.21
C GLY F 65 -11.10 37.63 19.46
N SER F 66 -11.06 37.95 18.16
CA SER F 66 -12.24 37.85 17.32
C SER F 66 -11.84 37.34 15.95
N ARG F 67 -12.79 36.74 15.25
CA ARG F 67 -12.55 36.13 13.94
C ARG F 67 -13.68 36.52 12.99
N SER F 68 -13.32 36.70 11.72
CA SER F 68 -14.32 36.92 10.67
C SER F 68 -13.71 36.38 9.38
N GLY F 69 -14.16 35.20 8.96
CA GLY F 69 -13.63 34.58 7.77
C GLY F 69 -12.18 34.19 7.94
N THR F 70 -11.29 34.90 7.26
CA THR F 70 -9.85 34.70 7.38
C THR F 70 -9.16 35.82 8.14
N ASP F 71 -9.92 36.80 8.63
CA ASP F 71 -9.35 37.96 9.32
C ASP F 71 -9.53 37.80 10.82
N PHE F 72 -8.42 37.73 11.54
CA PHE F 72 -8.43 37.60 12.98
C PHE F 72 -7.96 38.90 13.61
N THR F 73 -8.49 39.21 14.79
CA THR F 73 -8.21 40.48 15.46
C THR F 73 -7.92 40.22 16.93
N LEU F 74 -6.81 40.79 17.40
CA LEU F 74 -6.44 40.81 18.81
C LEU F 74 -6.64 42.21 19.34
N THR F 75 -7.44 42.35 20.39
CA THR F 75 -7.80 43.64 20.95
C THR F 75 -7.30 43.75 22.38
N ILE F 76 -6.66 44.87 22.69
CA ILE F 76 -6.19 45.19 24.03
C ILE F 76 -6.92 46.47 24.45
N SER F 77 -7.91 46.32 25.33
CA SER F 77 -8.76 47.44 25.69
C SER F 77 -7.98 48.54 26.40
N THR F 78 -7.44 48.22 27.58
CA THR F 78 -6.75 49.19 28.42
C THR F 78 -5.26 48.87 28.38
N LEU F 79 -4.51 49.61 27.58
CA LEU F 79 -3.08 49.37 27.45
C LEU F 79 -2.36 49.59 28.76
N GLU F 80 -1.53 48.64 29.14
CA GLU F 80 -0.73 48.69 30.35
C GLU F 80 0.74 48.88 29.98
N PRO F 81 1.57 49.37 30.92
CA PRO F 81 2.99 49.55 30.59
C PRO F 81 3.70 48.26 30.22
N GLU F 82 3.36 47.15 30.89
CA GLU F 82 3.97 45.86 30.58
C GLU F 82 3.38 45.20 29.35
N ASP F 83 2.39 45.83 28.70
CA ASP F 83 1.78 45.27 27.51
C ASP F 83 2.49 45.68 26.23
N PHE F 84 3.53 46.51 26.32
CA PHE F 84 4.28 46.93 25.14
C PHE F 84 5.32 45.87 24.82
N ALA F 85 5.08 45.08 23.78
CA ALA F 85 5.98 44.02 23.37
C ALA F 85 5.70 43.70 21.91
N VAL F 86 6.21 42.57 21.42
CA VAL F 86 5.92 42.09 20.08
C VAL F 86 4.81 41.06 20.17
N TYR F 87 3.94 41.02 19.17
CA TYR F 87 2.81 40.11 19.15
C TYR F 87 2.80 39.31 17.87
N TYR F 88 2.66 37.99 17.99
CA TYR F 88 2.68 37.09 16.85
C TYR F 88 1.38 36.30 16.78
N CYS F 89 0.94 36.01 15.56
CA CYS F 89 -0.13 35.06 15.32
C CYS F 89 0.41 33.79 14.68
N GLN F 90 -0.15 32.66 15.08
CA GLN F 90 0.31 31.36 14.62
C GLN F 90 -0.88 30.51 14.21
N GLN F 91 -0.79 29.89 13.04
CA GLN F 91 -1.86 29.04 12.51
C GLN F 91 -1.65 27.61 12.97
N ARG F 92 -2.70 27.01 13.51
CA ARG F 92 -2.65 25.65 14.04
C ARG F 92 -3.51 24.69 13.22
N TYR F 93 -3.49 24.80 11.89
CA TYR F 93 -4.44 24.10 11.04
C TYR F 93 -3.89 22.76 10.59
N ASN F 94 -4.33 21.69 11.25
CA ASN F 94 -4.40 20.32 10.70
C ASN F 94 -3.09 19.56 10.55
N TRP F 95 -1.95 20.24 10.63
CA TRP F 95 -0.67 19.57 10.46
C TRP F 95 0.42 20.59 10.74
N PRO F 96 1.64 20.12 10.98
CA PRO F 96 2.77 20.94 11.46
C PRO F 96 3.36 22.07 10.60
N PRO F 97 3.01 22.19 9.31
CA PRO F 97 3.82 23.20 8.65
C PRO F 97 3.66 24.53 9.35
N TYR F 98 3.14 24.47 10.59
CA TYR F 98 2.72 25.63 11.37
C TYR F 98 3.63 26.83 11.19
N THR F 99 3.05 28.01 11.03
CA THR F 99 3.82 29.20 10.74
C THR F 99 3.39 30.34 11.66
N PHE F 100 4.27 31.32 11.79
CA PHE F 100 4.00 32.55 12.52
C PHE F 100 3.92 33.72 11.55
N GLY F 101 3.30 34.80 12.01
CA GLY F 101 3.33 36.04 11.26
C GLY F 101 4.63 36.79 11.46
N GLN F 102 4.82 37.83 10.63
CA GLN F 102 6.03 38.63 10.75
C GLN F 102 6.10 39.44 12.03
N GLY F 103 5.00 39.51 12.78
CA GLY F 103 5.04 40.18 14.07
C GLY F 103 4.72 41.66 13.97
N THR F 104 4.03 42.15 15.00
CA THR F 104 3.68 43.56 15.12
C THR F 104 4.14 44.05 16.47
N LYS F 105 4.86 45.17 16.48
CA LYS F 105 5.44 45.72 17.70
C LYS F 105 4.58 46.85 18.24
N VAL F 106 4.24 46.77 19.52
CA VAL F 106 3.45 47.80 20.20
C VAL F 106 4.43 48.72 20.92
N GLU F 107 4.62 49.92 20.39
CA GLU F 107 5.60 50.86 20.90
C GLU F 107 4.90 52.01 21.63
N ILE F 108 5.58 52.54 22.65
CA ILE F 108 5.03 53.66 23.41
C ILE F 108 5.06 54.92 22.56
N LYS F 109 3.91 55.56 22.42
CA LYS F 109 3.80 56.80 21.63
C LYS F 109 4.05 58.02 22.50
N ILE G 136 -18.80 15.43 24.32
CA ILE G 136 -17.43 15.77 24.39
C ILE G 136 -16.71 14.50 24.64
N ARG G 137 -15.68 14.28 23.86
CA ARG G 137 -14.74 13.19 23.80
C ARG G 137 -15.24 12.04 23.05
N CYS G 138 -16.37 12.17 22.41
CA CYS G 138 -16.85 11.08 21.64
C CYS G 138 -17.60 11.62 20.48
N ILE G 139 -17.32 12.84 20.08
CA ILE G 139 -17.96 13.46 18.93
C ILE G 139 -17.48 12.82 17.63
N GLY G 140 -16.18 12.82 17.40
CA GLY G 140 -15.62 12.36 16.15
C GLY G 140 -15.17 10.92 16.11
N VAL G 141 -15.55 10.10 17.08
CA VAL G 141 -14.95 8.78 17.23
C VAL G 141 -15.30 7.86 16.07
N SER G 142 -16.45 8.05 15.44
CA SER G 142 -16.90 7.30 14.27
C SER G 142 -17.17 5.83 14.57
N ASN G 143 -17.03 5.40 15.82
CA ASN G 143 -17.41 4.07 16.22
C ASN G 143 -18.16 4.13 17.53
N ARG G 144 -18.93 5.19 17.73
CA ARG G 144 -19.69 5.35 18.96
C ARG G 144 -21.13 4.93 18.74
N ASP G 145 -21.75 4.43 19.80
CA ASP G 145 -23.15 4.04 19.76
C ASP G 145 -23.86 4.66 20.96
N PHE G 146 -25.15 4.94 20.77
CA PHE G 146 -25.94 5.64 21.77
C PHE G 146 -26.75 4.62 22.56
N VAL G 147 -26.71 4.73 23.88
CA VAL G 147 -27.42 3.81 24.75
C VAL G 147 -28.61 4.55 25.33
N GLU G 148 -29.18 5.44 24.51
CA GLU G 148 -30.41 6.13 24.87
C GLU G 148 -31.39 5.18 25.53
N GLY G 149 -31.92 5.59 26.66
CA GLY G 149 -32.90 4.77 27.31
C GLY G 149 -32.43 4.31 28.67
N MET G 150 -33.36 4.36 29.62
CA MET G 150 -33.15 3.85 30.97
C MET G 150 -34.54 3.59 31.52
N SER G 151 -34.90 2.31 31.66
CA SER G 151 -36.25 1.95 32.05
C SER G 151 -36.34 1.41 33.47
N GLY G 152 -35.22 1.29 34.17
CA GLY G 152 -35.22 0.99 35.58
C GLY G 152 -35.08 2.20 36.48
N GLY G 153 -35.06 3.41 35.91
CA GLY G 153 -34.76 4.60 36.68
C GLY G 153 -33.37 4.60 37.27
N THR G 154 -32.54 3.64 36.90
CA THR G 154 -31.33 3.26 37.61
C THR G 154 -30.34 2.68 36.61
N TRP G 155 -29.44 1.85 37.10
CA TRP G 155 -28.36 1.24 36.33
C TRP G 155 -28.77 0.84 34.91
N VAL G 156 -27.86 1.05 33.97
CA VAL G 156 -27.98 0.56 32.60
C VAL G 156 -26.70 -0.19 32.26
N ASP G 157 -26.85 -1.43 31.79
CA ASP G 157 -25.68 -2.20 31.41
C ASP G 157 -25.08 -1.65 30.12
N VAL G 158 -23.76 -1.73 30.03
CA VAL G 158 -23.02 -1.23 28.88
C VAL G 158 -21.75 -2.04 28.73
N VAL G 159 -21.43 -2.46 27.52
CA VAL G 159 -20.20 -3.17 27.22
C VAL G 159 -19.25 -2.21 26.52
N LEU G 160 -18.06 -2.05 27.07
CA LEU G 160 -17.09 -1.09 26.59
C LEU G 160 -16.01 -1.80 25.77
N GLU G 161 -15.62 -1.18 24.66
CA GLU G 161 -14.60 -1.74 23.79
C GLU G 161 -13.54 -0.69 23.53
N HIS G 162 -12.35 -1.17 23.14
CA HIS G 162 -11.26 -0.25 22.86
C HIS G 162 -11.54 0.58 21.61
N GLY G 163 -12.29 0.03 20.65
CA GLY G 163 -12.48 0.73 19.40
C GLY G 163 -13.21 2.05 19.57
N GLY G 164 -14.43 2.00 20.10
CA GLY G 164 -15.24 3.19 20.21
C GLY G 164 -15.63 3.55 21.62
N CYS G 165 -16.65 4.39 21.77
CA CYS G 165 -17.11 4.77 23.09
C CYS G 165 -18.63 4.89 23.08
N VAL G 166 -19.19 5.08 24.26
CA VAL G 166 -20.63 4.97 24.48
C VAL G 166 -21.12 6.28 25.06
N THR G 167 -22.13 6.87 24.42
CA THR G 167 -22.81 8.03 24.97
C THR G 167 -24.11 7.59 25.61
N VAL G 168 -24.25 7.84 26.89
CA VAL G 168 -25.42 7.46 27.66
C VAL G 168 -26.25 8.70 27.89
N MET G 169 -27.48 8.68 27.42
CA MET G 169 -28.43 9.77 27.60
C MET G 169 -29.66 9.21 28.30
N ALA G 170 -30.00 9.81 29.44
CA ALA G 170 -31.12 9.35 30.25
C ALA G 170 -32.25 10.36 30.14
N GLN G 171 -33.32 10.12 30.89
CA GLN G 171 -34.50 10.95 30.77
C GLN G 171 -34.24 12.38 31.25
N ASP G 172 -33.81 12.52 32.50
CA ASP G 172 -33.59 13.84 33.07
C ASP G 172 -32.19 13.93 33.65
N LYS G 173 -31.21 13.41 32.94
CA LYS G 173 -29.85 13.34 33.43
C LYS G 173 -28.87 13.68 32.31
N PRO G 174 -27.71 14.23 32.64
CA PRO G 174 -26.81 14.74 31.61
C PRO G 174 -26.17 13.63 30.81
N THR G 175 -26.00 13.87 29.52
CA THR G 175 -25.38 12.90 28.63
C THR G 175 -23.92 12.71 28.98
N VAL G 176 -23.51 11.47 29.18
CA VAL G 176 -22.14 11.15 29.57
C VAL G 176 -21.50 10.29 28.47
N ASP G 177 -20.29 10.64 28.08
CA ASP G 177 -19.51 9.83 27.16
C ASP G 177 -18.49 9.03 27.94
N ILE G 178 -18.46 7.72 27.74
CA ILE G 178 -17.62 6.80 28.48
C ILE G 178 -16.78 6.03 27.47
N GLU G 179 -15.48 5.92 27.74
CA GLU G 179 -14.56 5.26 26.83
C GLU G 179 -13.58 4.42 27.62
N LEU G 180 -13.30 3.23 27.11
CA LEU G 180 -12.20 2.41 27.63
C LEU G 180 -10.94 2.80 26.90
N VAL G 181 -9.85 3.02 27.65
CA VAL G 181 -8.66 3.65 27.12
C VAL G 181 -7.52 2.65 26.97
N THR G 182 -7.05 2.07 28.07
CA THR G 182 -5.89 1.18 28.04
C THR G 182 -6.12 0.03 29.02
N THR G 183 -5.55 -1.13 28.70
CA THR G 183 -5.54 -2.23 29.67
C THR G 183 -4.10 -2.56 29.99
N THR G 184 -3.67 -2.30 31.21
CA THR G 184 -2.30 -2.56 31.59
C THR G 184 -2.20 -3.88 32.35
N VAL G 185 -1.13 -4.62 32.12
CA VAL G 185 -0.84 -5.84 32.86
C VAL G 185 0.48 -5.62 33.59
N SER G 186 0.59 -6.21 34.77
CA SER G 186 1.73 -5.93 35.64
C SER G 186 2.22 -7.22 36.29
N ASN G 187 3.52 -7.23 36.60
CA ASN G 187 4.21 -8.33 37.28
C ASN G 187 3.77 -9.69 36.74
N MET G 188 3.98 -9.86 35.44
CA MET G 188 3.70 -11.15 34.83
C MET G 188 4.79 -12.14 35.19
N ALA G 189 4.47 -13.43 35.02
CA ALA G 189 5.33 -14.52 35.46
C ALA G 189 5.88 -15.25 34.24
N GLU G 190 7.20 -15.26 34.10
CA GLU G 190 7.83 -15.89 32.96
C GLU G 190 7.54 -17.39 32.93
N VAL G 191 7.24 -17.90 31.73
CA VAL G 191 6.88 -19.30 31.54
C VAL G 191 7.42 -19.76 30.19
N ARG G 192 8.35 -20.72 30.20
CA ARG G 192 8.72 -21.45 28.99
C ARG G 192 9.19 -20.55 27.85
N SER G 193 10.38 -20.00 27.95
CA SER G 193 10.96 -19.23 26.85
C SER G 193 11.59 -20.17 25.83
N TYR G 194 11.32 -19.92 24.56
CA TYR G 194 11.88 -20.69 23.47
C TYR G 194 13.16 -20.04 22.95
N CYS G 195 13.95 -20.80 22.21
CA CYS G 195 15.18 -20.30 21.61
C CYS G 195 15.02 -20.31 20.10
N TYR G 196 14.86 -19.13 19.52
CA TYR G 196 14.52 -19.02 18.11
C TYR G 196 15.74 -18.77 17.23
N GLU G 197 16.95 -18.83 17.78
CA GLU G 197 18.16 -18.76 16.97
C GLU G 197 19.26 -19.53 17.68
N ALA G 198 19.81 -20.54 17.00
CA ALA G 198 20.84 -21.36 17.61
C ALA G 198 22.22 -20.95 17.12
N SER G 199 23.23 -21.39 17.87
CA SER G 199 24.62 -21.27 17.48
C SER G 199 25.31 -22.57 17.82
N ILE G 200 26.17 -23.03 16.92
CA ILE G 200 26.84 -24.29 17.07
C ILE G 200 28.29 -24.04 17.46
N SER G 201 28.98 -25.11 17.84
CA SER G 201 30.28 -24.98 18.47
C SER G 201 31.13 -26.18 18.08
N ASP G 202 32.11 -26.50 18.92
CA ASP G 202 33.18 -27.41 18.53
C ASP G 202 32.67 -28.82 18.30
N MET G 203 32.36 -29.13 17.05
CA MET G 203 31.91 -30.46 16.70
C MET G 203 33.02 -31.47 16.87
N ALA G 204 32.64 -32.71 17.12
CA ALA G 204 33.59 -33.81 17.22
C ALA G 204 32.88 -35.08 16.79
N SER G 205 33.66 -36.12 16.54
CA SER G 205 33.08 -37.34 16.01
C SER G 205 33.98 -38.53 16.30
N ASP G 206 33.40 -39.71 16.17
CA ASP G 206 34.12 -40.96 16.42
C ASP G 206 33.51 -42.06 15.58
N SER G 207 34.32 -43.04 15.27
CA SER G 207 33.78 -44.16 14.56
C SER G 207 34.55 -45.34 14.99
N ARG G 208 33.90 -46.46 15.07
CA ARG G 208 34.57 -47.65 15.48
C ARG G 208 34.45 -48.60 14.31
N CYS G 209 35.37 -49.56 14.16
CA CYS G 209 35.27 -50.43 13.01
C CYS G 209 34.03 -51.27 13.04
N PRO G 210 33.59 -51.73 11.88
CA PRO G 210 32.30 -52.31 11.60
C PRO G 210 32.01 -53.44 12.50
N THR G 211 32.99 -54.00 13.15
CA THR G 211 32.65 -55.06 14.08
C THR G 211 33.31 -54.73 15.43
N GLN G 212 32.62 -53.90 16.19
CA GLN G 212 33.04 -53.46 17.52
C GLN G 212 31.76 -53.15 18.30
N GLY G 213 31.87 -52.30 19.30
CA GLY G 213 30.67 -51.88 20.00
C GLY G 213 30.05 -50.72 19.25
N GLU G 214 29.99 -49.55 19.88
CA GLU G 214 29.51 -48.36 19.20
C GLU G 214 30.49 -47.23 19.47
N ALA G 215 30.50 -46.24 18.58
CA ALA G 215 31.36 -45.10 18.80
C ALA G 215 30.90 -44.32 20.03
N TYR G 216 31.85 -43.78 20.76
CA TYR G 216 31.54 -43.18 22.05
C TYR G 216 32.38 -41.92 22.23
N LEU G 217 31.75 -40.76 22.06
CA LEU G 217 32.36 -39.52 22.49
C LEU G 217 32.10 -39.32 23.97
N ASP G 218 33.11 -38.83 24.69
CA ASP G 218 32.93 -38.56 26.11
C ASP G 218 31.92 -37.46 26.34
N LYS G 219 31.68 -36.61 25.35
CA LYS G 219 30.70 -35.54 25.44
C LYS G 219 29.30 -36.01 25.10
N GLN G 220 29.05 -37.31 25.17
CA GLN G 220 27.71 -37.84 24.96
C GLN G 220 26.89 -37.88 26.25
N SER G 221 27.53 -37.70 27.39
CA SER G 221 26.85 -37.63 28.68
C SER G 221 26.73 -36.20 29.17
N ASP G 222 26.77 -35.24 28.26
CA ASP G 222 26.63 -33.83 28.60
C ASP G 222 25.34 -33.32 27.97
N THR G 223 24.46 -32.76 28.80
CA THR G 223 23.16 -32.30 28.33
C THR G 223 23.25 -30.94 27.67
N GLN G 224 24.43 -30.54 27.24
CA GLN G 224 24.63 -29.30 26.51
C GLN G 224 25.17 -29.56 25.11
N TYR G 225 25.05 -30.79 24.63
CA TYR G 225 25.55 -31.19 23.33
C TYR G 225 24.49 -32.00 22.61
N VAL G 226 24.39 -31.77 21.30
CA VAL G 226 23.53 -32.56 20.44
C VAL G 226 24.39 -33.64 19.82
N CYS G 227 23.99 -34.89 19.99
CA CYS G 227 24.76 -36.02 19.48
C CYS G 227 23.88 -36.86 18.57
N LYS G 228 24.45 -37.27 17.44
CA LYS G 228 23.75 -38.08 16.46
C LYS G 228 24.60 -39.28 16.10
N ARG G 229 23.98 -40.45 16.05
CA ARG G 229 24.66 -41.70 15.74
C ARG G 229 24.12 -42.28 14.44
N THR G 230 25.01 -42.74 13.58
CA THR G 230 24.63 -43.28 12.28
C THR G 230 25.60 -44.40 11.89
N LEU G 231 25.38 -44.96 10.71
CA LEU G 231 26.22 -46.02 10.16
C LEU G 231 27.00 -45.47 8.98
N VAL G 232 28.29 -45.79 8.92
CA VAL G 232 29.20 -45.29 7.90
C VAL G 232 29.88 -46.45 7.22
N ASP G 233 30.05 -46.35 5.90
CA ASP G 233 30.81 -47.34 5.16
C ASP G 233 32.26 -47.34 5.63
N ARG G 234 32.77 -48.52 5.94
CA ARG G 234 34.10 -48.58 6.52
C ARG G 234 34.74 -49.92 6.23
N GLY G 235 36.06 -49.91 6.11
CA GLY G 235 36.82 -51.15 6.12
C GLY G 235 37.91 -51.31 5.08
N TRP G 236 39.11 -51.62 5.57
CA TRP G 236 40.24 -52.09 4.77
C TRP G 236 40.83 -50.96 3.92
N GLY G 237 40.13 -49.84 3.84
CA GLY G 237 40.65 -48.65 3.22
C GLY G 237 40.81 -47.59 4.29
N ASN G 238 39.86 -47.57 5.21
CA ASN G 238 39.91 -46.63 6.32
C ASN G 238 40.86 -47.10 7.41
N GLY G 239 41.10 -48.40 7.51
CA GLY G 239 42.15 -48.87 8.39
C GLY G 239 41.85 -50.12 9.18
N CYS G 240 40.60 -50.58 9.14
CA CYS G 240 40.18 -51.72 9.95
C CYS G 240 39.69 -52.81 9.01
N GLY G 241 40.31 -53.99 9.08
CA GLY G 241 39.96 -55.02 8.14
C GLY G 241 38.68 -55.75 8.51
N LEU G 242 37.60 -55.36 7.84
CA LEU G 242 36.27 -55.95 7.77
C LEU G 242 35.46 -54.99 6.93
N PHE G 243 34.35 -55.46 6.37
CA PHE G 243 33.63 -54.63 5.40
C PHE G 243 32.20 -54.31 5.77
N GLY G 244 31.80 -54.54 7.01
CA GLY G 244 30.45 -54.15 7.39
C GLY G 244 30.26 -52.66 7.44
N LYS G 245 29.18 -52.21 8.08
CA LYS G 245 28.95 -50.79 8.30
C LYS G 245 29.48 -50.40 9.65
N GLY G 246 30.18 -49.27 9.71
CA GLY G 246 30.71 -48.76 10.95
C GLY G 246 29.65 -47.96 11.70
N SER G 247 30.05 -47.39 12.82
CA SER G 247 29.17 -46.56 13.62
C SER G 247 29.86 -45.23 13.89
N LEU G 248 29.22 -44.15 13.49
CA LEU G 248 29.78 -42.81 13.59
C LEU G 248 28.89 -41.97 14.50
N VAL G 249 29.50 -41.35 15.49
CA VAL G 249 28.81 -40.46 16.42
C VAL G 249 29.39 -39.07 16.25
N THR G 250 28.52 -38.07 16.18
CA THR G 250 28.96 -36.68 16.08
C THR G 250 28.21 -35.84 17.11
N CYS G 251 28.97 -35.02 17.83
CA CYS G 251 28.41 -34.19 18.88
C CYS G 251 28.83 -32.75 18.68
N ALA G 252 27.92 -31.83 18.98
CA ALA G 252 28.15 -30.40 18.81
C ALA G 252 27.53 -29.64 19.97
N LYS G 253 28.24 -28.63 20.46
CA LYS G 253 27.75 -27.84 21.58
C LYS G 253 26.73 -26.81 21.12
N PHE G 254 25.68 -26.63 21.91
CA PHE G 254 24.56 -25.78 21.58
C PHE G 254 24.61 -24.48 22.36
N ALA G 255 24.35 -23.38 21.67
CA ALA G 255 24.34 -22.05 22.25
C ALA G 255 23.10 -21.36 21.70
N CYS G 256 22.52 -20.44 22.47
CA CYS G 256 21.33 -19.75 22.02
C CYS G 256 21.52 -18.25 21.85
N SER G 257 20.84 -17.70 20.89
CA SER G 257 20.84 -16.28 20.74
C SER G 257 19.39 -15.89 20.50
N LYS G 258 19.00 -14.74 20.95
CA LYS G 258 17.66 -14.31 20.70
C LYS G 258 16.44 -15.14 21.03
N LYS G 259 16.38 -15.71 22.22
CA LYS G 259 15.22 -16.45 22.58
C LYS G 259 14.08 -15.56 22.88
N MET G 260 12.86 -16.02 22.66
CA MET G 260 11.65 -15.27 22.93
C MET G 260 10.97 -15.88 24.12
N THR G 261 10.25 -15.12 24.91
CA THR G 261 9.62 -15.73 26.06
C THR G 261 8.22 -15.35 26.19
N GLY G 262 7.46 -16.23 26.79
CA GLY G 262 6.05 -16.08 27.11
C GLY G 262 5.84 -15.98 28.60
N LYS G 263 4.80 -15.24 28.99
CA LYS G 263 4.50 -14.99 30.39
C LYS G 263 3.01 -15.16 30.61
N SER G 264 2.65 -15.50 31.84
CA SER G 264 1.27 -15.79 32.19
C SER G 264 0.58 -14.54 32.71
N ILE G 265 -0.68 -14.38 32.37
CA ILE G 265 -1.50 -13.26 32.82
C ILE G 265 -2.55 -13.84 33.76
N GLN G 266 -2.39 -13.60 35.05
CA GLN G 266 -3.43 -14.02 35.97
C GLN G 266 -4.62 -13.08 35.85
N PRO G 267 -5.83 -13.55 36.14
CA PRO G 267 -6.98 -12.64 36.12
C PRO G 267 -6.81 -11.49 37.09
N GLU G 268 -6.25 -11.76 38.26
CA GLU G 268 -5.87 -10.69 39.16
C GLU G 268 -4.63 -9.99 38.63
N ASN G 269 -4.48 -8.72 39.00
CA ASN G 269 -3.32 -7.88 38.72
C ASN G 269 -3.27 -7.36 37.29
N LEU G 270 -4.40 -7.26 36.60
CA LEU G 270 -4.51 -6.49 35.36
C LEU G 270 -5.50 -5.36 35.58
N GLU G 271 -5.15 -4.16 35.11
CA GLU G 271 -5.90 -2.96 35.41
C GLU G 271 -6.52 -2.36 34.15
N TYR G 272 -7.74 -1.84 34.30
CA TYR G 272 -8.43 -1.09 33.27
C TYR G 272 -8.53 0.38 33.67
N ARG G 273 -8.49 1.26 32.68
CA ARG G 273 -8.59 2.69 32.90
C ARG G 273 -9.68 3.24 32.00
N ILE G 274 -10.74 3.76 32.60
CA ILE G 274 -11.89 4.27 31.88
C ILE G 274 -11.93 5.78 32.01
N MET G 275 -12.10 6.46 30.88
CA MET G 275 -12.18 7.91 30.85
C MET G 275 -13.60 8.31 30.47
N LEU G 276 -14.21 9.15 31.29
CA LEU G 276 -15.55 9.62 30.98
C LEU G 276 -15.59 11.13 31.05
N SER G 277 -16.53 11.69 30.30
CA SER G 277 -16.71 13.14 30.23
C SER G 277 -18.19 13.42 30.09
N VAL G 278 -18.55 14.68 30.29
CA VAL G 278 -19.95 15.07 30.31
C VAL G 278 -20.16 16.18 29.28
N HIS G 279 -21.39 16.27 28.79
CA HIS G 279 -21.74 17.33 27.87
C HIS G 279 -22.04 18.60 28.67
N GLY G 280 -22.66 19.57 28.04
CA GLY G 280 -23.01 20.79 28.74
C GLY G 280 -22.22 22.01 28.32
N SER G 281 -21.28 22.44 29.14
CA SER G 281 -20.70 23.76 29.03
C SER G 281 -19.31 23.78 28.41
N GLN G 282 -18.79 22.65 27.96
CA GLN G 282 -17.42 22.60 27.51
C GLN G 282 -17.32 23.09 26.07
N HIS G 283 -16.49 24.10 25.84
CA HIS G 283 -16.29 24.60 24.50
C HIS G 283 -15.48 23.60 23.68
N SER G 284 -15.58 23.73 22.36
CA SER G 284 -15.05 22.73 21.44
C SER G 284 -13.60 22.35 21.70
N GLY G 285 -12.81 23.28 22.25
CA GLY G 285 -11.41 22.99 22.49
C GLY G 285 -11.19 21.80 23.39
N THR G 295 -9.30 18.43 38.37
CA THR G 295 -9.91 19.70 38.69
C THR G 295 -10.92 20.17 37.65
N ASP G 296 -11.13 19.41 36.58
CA ASP G 296 -11.96 19.90 35.48
C ASP G 296 -13.44 19.84 35.83
N GLU G 297 -13.84 18.86 36.65
CA GLU G 297 -15.21 18.63 37.12
C GLU G 297 -16.16 18.21 36.00
N ASN G 298 -15.73 18.21 34.75
CA ASN G 298 -16.54 17.65 33.67
C ASN G 298 -15.96 16.35 33.12
N ARG G 299 -14.74 16.00 33.50
CA ARG G 299 -14.12 14.76 33.06
C ARG G 299 -13.57 14.02 34.27
N ALA G 300 -13.56 12.70 34.19
CA ALA G 300 -13.02 11.89 35.27
C ALA G 300 -12.36 10.64 34.69
N LYS G 301 -11.51 10.04 35.51
CA LYS G 301 -10.73 8.85 35.16
C LYS G 301 -10.89 7.83 36.28
N VAL G 302 -11.20 6.60 35.90
CA VAL G 302 -11.51 5.55 36.87
C VAL G 302 -10.59 4.36 36.62
N GLU G 303 -9.94 3.90 37.67
CA GLU G 303 -9.13 2.70 37.63
C GLU G 303 -9.93 1.53 38.17
N ILE G 304 -9.96 0.43 37.43
CA ILE G 304 -10.74 -0.75 37.81
C ILE G 304 -9.84 -1.97 37.75
N THR G 305 -9.77 -2.70 38.85
CA THR G 305 -9.04 -3.95 38.94
C THR G 305 -9.96 -4.99 39.54
N PRO G 306 -9.69 -6.27 39.31
CA PRO G 306 -10.48 -7.30 39.99
C PRO G 306 -10.52 -7.14 41.49
N ASN G 307 -9.52 -6.47 42.08
CA ASN G 307 -9.58 -6.17 43.50
C ASN G 307 -10.56 -5.05 43.82
N SER G 308 -10.92 -4.22 42.84
CA SER G 308 -11.87 -3.12 43.05
C SER G 308 -12.74 -3.01 41.80
N PRO G 309 -13.73 -3.88 41.66
CA PRO G 309 -14.52 -3.90 40.42
C PRO G 309 -15.49 -2.74 40.30
N ARG G 310 -15.78 -2.03 41.39
CA ARG G 310 -16.75 -0.95 41.37
C ARG G 310 -16.09 0.33 41.87
N ALA G 311 -16.43 1.44 41.22
CA ALA G 311 -15.92 2.75 41.62
C ALA G 311 -16.92 3.82 41.24
N GLU G 312 -16.76 5.00 41.82
CA GLU G 312 -17.62 6.13 41.55
C GLU G 312 -16.81 7.27 40.94
N ALA G 313 -17.27 7.78 39.81
CA ALA G 313 -16.68 8.95 39.18
C ALA G 313 -17.38 10.18 39.75
N THR G 314 -16.65 10.97 40.52
CA THR G 314 -17.21 12.17 41.14
C THR G 314 -17.15 13.33 40.16
N LEU G 315 -18.30 13.70 39.60
CA LEU G 315 -18.39 14.83 38.69
C LEU G 315 -18.92 16.01 39.50
N GLY G 316 -18.02 16.91 39.88
CA GLY G 316 -18.38 18.05 40.71
C GLY G 316 -19.50 18.87 40.14
N GLY G 317 -20.61 18.96 40.88
CA GLY G 317 -21.76 19.70 40.44
C GLY G 317 -22.78 18.87 39.68
N PHE G 318 -22.34 17.77 39.08
CA PHE G 318 -23.25 16.82 38.43
C PHE G 318 -23.55 15.63 39.31
N GLY G 319 -22.90 15.52 40.46
CA GLY G 319 -23.09 14.38 41.34
C GLY G 319 -21.98 13.34 41.14
N SER G 320 -22.38 12.08 41.04
CA SER G 320 -21.39 11.03 40.90
C SER G 320 -22.02 9.87 40.13
N LEU G 321 -21.27 9.35 39.18
CA LEU G 321 -21.70 8.20 38.39
C LEU G 321 -21.13 6.95 39.05
N GLY G 322 -22.00 6.11 39.63
CA GLY G 322 -21.54 4.83 40.12
C GLY G 322 -21.32 3.90 38.95
N LEU G 323 -20.30 3.04 39.06
CA LEU G 323 -19.84 2.28 37.92
C LEU G 323 -19.34 0.93 38.42
N ASP G 324 -20.08 -0.13 38.15
CA ASP G 324 -19.69 -1.48 38.52
C ASP G 324 -19.26 -2.20 37.26
N CYS G 325 -18.20 -2.99 37.36
CA CYS G 325 -17.70 -3.66 36.17
C CYS G 325 -17.34 -5.09 36.51
N GLU G 326 -17.37 -5.93 35.48
CA GLU G 326 -16.93 -7.31 35.63
C GLU G 326 -15.55 -7.44 35.00
N PRO G 327 -14.48 -7.28 35.75
CA PRO G 327 -13.14 -7.24 35.13
C PRO G 327 -12.59 -8.63 34.86
N ARG G 328 -12.88 -9.57 35.75
CA ARG G 328 -12.42 -10.94 35.54
C ARG G 328 -13.13 -11.54 34.34
N THR G 329 -14.44 -11.27 34.29
CA THR G 329 -15.34 -11.75 33.24
C THR G 329 -15.14 -11.20 31.82
N GLY G 330 -14.79 -9.93 31.72
CA GLY G 330 -14.67 -9.29 30.42
C GLY G 330 -13.69 -9.79 29.37
N LEU G 331 -12.44 -10.11 29.59
CA LEU G 331 -11.78 -10.72 28.41
C LEU G 331 -11.00 -11.88 28.91
N ASP G 332 -11.10 -13.04 28.30
CA ASP G 332 -10.42 -14.15 28.92
C ASP G 332 -8.98 -14.04 28.87
N PHE G 333 -8.38 -14.08 30.02
CA PHE G 333 -6.99 -13.96 30.14
C PHE G 333 -6.55 -15.19 30.77
N SER G 334 -7.33 -16.21 30.67
CA SER G 334 -6.85 -17.44 31.26
C SER G 334 -6.35 -18.37 30.17
N ASP G 335 -6.18 -17.84 28.98
CA ASP G 335 -5.64 -18.60 27.85
C ASP G 335 -4.64 -17.78 27.07
N LEU G 336 -4.28 -16.59 27.51
CA LEU G 336 -3.44 -15.68 26.75
C LEU G 336 -2.14 -15.47 27.50
N TYR G 337 -1.04 -15.81 26.85
CA TYR G 337 0.29 -15.48 27.30
C TYR G 337 0.76 -14.19 26.64
N TYR G 338 1.54 -13.44 27.38
CA TYR G 338 2.20 -12.25 26.88
C TYR G 338 3.54 -12.66 26.29
N LEU G 339 3.74 -12.39 25.01
CA LEU G 339 4.90 -12.94 24.28
C LEU G 339 5.79 -11.80 23.82
N THR G 340 7.09 -11.91 24.06
CA THR G 340 8.05 -10.95 23.54
C THR G 340 9.15 -11.67 22.78
N MET G 341 9.59 -11.09 21.66
CA MET G 341 10.72 -11.65 20.93
C MET G 341 11.93 -10.73 20.97
N ASN G 342 11.82 -9.52 20.40
CA ASN G 342 12.86 -8.51 20.58
C ASN G 342 12.13 -7.16 20.53
N ASN G 343 11.76 -6.66 21.70
CA ASN G 343 11.09 -5.38 21.83
C ASN G 343 9.78 -5.32 21.06
N LYS G 344 9.20 -6.47 20.75
CA LYS G 344 7.87 -6.55 20.16
C LYS G 344 7.06 -7.55 20.97
N HIS G 345 5.83 -7.19 21.31
CA HIS G 345 5.02 -7.98 22.23
C HIS G 345 3.67 -8.28 21.62
N TRP G 346 3.16 -9.46 21.93
CA TRP G 346 1.88 -9.93 21.42
C TRP G 346 1.10 -10.60 22.53
N LEU G 347 -0.18 -10.83 22.27
CA LEU G 347 -1.02 -11.72 23.07
C LEU G 347 -1.20 -13.00 22.30
N VAL G 348 -0.98 -14.13 22.95
CA VAL G 348 -0.86 -15.41 22.28
C VAL G 348 -1.72 -16.43 22.99
N HIS G 349 -2.50 -17.20 22.23
CA HIS G 349 -3.34 -18.19 22.85
C HIS G 349 -2.50 -19.26 23.52
N LYS G 350 -2.92 -19.71 24.70
CA LYS G 350 -2.14 -20.69 25.44
C LYS G 350 -2.45 -22.09 24.90
N GLU G 351 -2.52 -22.21 23.59
CA GLU G 351 -2.46 -23.48 22.90
C GLU G 351 -1.59 -23.40 21.67
N TRP G 352 -1.29 -22.20 21.20
CA TRP G 352 -0.33 -21.97 20.15
C TRP G 352 1.07 -21.81 20.71
N PHE G 353 1.20 -21.72 22.03
CA PHE G 353 2.48 -21.50 22.68
C PHE G 353 2.84 -22.74 23.49
N HIS G 354 2.29 -23.86 23.11
CA HIS G 354 2.78 -25.14 23.60
C HIS G 354 3.02 -26.15 22.50
N ASP G 355 2.39 -25.99 21.34
CA ASP G 355 2.71 -26.81 20.18
C ASP G 355 3.75 -26.13 19.30
N ILE G 356 4.86 -25.70 19.87
CA ILE G 356 5.88 -25.02 19.07
C ILE G 356 7.12 -25.90 19.00
N PRO G 357 7.61 -26.19 17.80
CA PRO G 357 8.79 -27.05 17.66
C PRO G 357 10.10 -26.26 17.67
N LEU G 358 10.46 -25.77 18.84
CA LEU G 358 11.69 -25.00 19.01
C LEU G 358 12.26 -25.29 20.38
N PRO G 359 13.57 -25.18 20.54
CA PRO G 359 14.18 -25.45 21.85
C PRO G 359 13.62 -24.54 22.92
N TRP G 360 13.15 -25.13 24.01
CA TRP G 360 12.42 -24.39 25.03
C TRP G 360 13.02 -24.62 26.40
N HIS G 361 13.25 -23.54 27.12
CA HIS G 361 13.52 -23.58 28.54
C HIS G 361 12.19 -23.64 29.29
N ALA G 362 12.25 -23.68 30.62
CA ALA G 362 11.06 -23.66 31.46
C ALA G 362 11.27 -22.66 32.58
N GLY G 363 10.39 -21.68 32.68
CA GLY G 363 10.54 -20.66 33.69
C GLY G 363 11.68 -19.71 33.39
N ALA G 364 11.99 -18.89 34.39
CA ALA G 364 13.08 -17.94 34.26
C ALA G 364 14.43 -18.64 34.34
N ASP G 365 15.45 -17.98 33.82
CA ASP G 365 16.79 -18.55 33.75
C ASP G 365 17.67 -17.91 34.81
N THR G 366 18.13 -18.73 35.76
CA THR G 366 19.09 -18.24 36.75
C THR G 366 20.43 -17.93 36.09
N GLY G 367 20.94 -18.85 35.27
CA GLY G 367 22.21 -18.68 34.60
C GLY G 367 22.14 -19.06 33.13
N THR G 368 22.99 -19.98 32.71
CA THR G 368 22.93 -20.49 31.34
C THR G 368 21.83 -21.53 31.24
N PRO G 369 20.90 -21.39 30.31
CA PRO G 369 19.75 -22.31 30.28
C PRO G 369 20.12 -23.69 29.81
N HIS G 370 19.34 -24.67 30.26
CA HIS G 370 19.39 -26.03 29.74
C HIS G 370 18.18 -26.22 28.84
N TRP G 371 18.43 -26.51 27.56
CA TRP G 371 17.35 -26.74 26.60
C TRP G 371 17.26 -28.24 26.30
N ASN G 372 16.09 -28.82 26.59
CA ASN G 372 15.81 -30.24 26.42
C ASN G 372 15.76 -30.88 25.02
N ASN G 373 15.18 -30.19 24.04
CA ASN G 373 15.00 -30.81 22.72
C ASN G 373 16.22 -31.24 21.91
N LYS G 374 17.24 -30.38 21.79
CA LYS G 374 18.46 -30.71 21.05
C LYS G 374 18.18 -31.26 19.64
N GLU G 375 17.26 -30.62 18.92
CA GLU G 375 16.85 -31.08 17.61
C GLU G 375 15.71 -30.16 17.19
N ALA G 376 15.42 -30.13 15.89
CA ALA G 376 14.44 -29.23 15.30
C ALA G 376 15.03 -27.84 15.15
N LEU G 377 16.28 -27.66 15.55
CA LEU G 377 17.06 -26.51 15.15
C LEU G 377 18.47 -26.89 14.71
N VAL G 378 18.95 -28.08 15.04
CA VAL G 378 20.23 -28.59 14.59
C VAL G 378 19.96 -29.76 13.66
N GLU G 379 20.61 -29.76 12.51
CA GLU G 379 20.38 -30.75 11.46
C GLU G 379 21.67 -31.51 11.21
N PHE G 380 21.60 -32.83 11.41
CA PHE G 380 22.74 -33.72 11.15
C PHE G 380 22.56 -34.32 9.76
N LYS G 381 23.09 -33.64 8.76
CA LYS G 381 23.05 -34.20 7.43
C LYS G 381 24.20 -35.17 7.23
N ASP G 382 24.01 -36.10 6.29
CA ASP G 382 24.96 -37.17 6.04
C ASP G 382 25.56 -37.01 4.65
N ALA G 383 26.87 -37.15 4.55
CA ALA G 383 27.54 -37.13 3.26
C ALA G 383 27.25 -38.45 2.55
N HIS G 384 27.87 -38.67 1.39
CA HIS G 384 27.60 -39.90 0.65
C HIS G 384 28.36 -41.05 1.30
N ALA G 385 27.82 -41.48 2.45
CA ALA G 385 28.15 -42.70 3.19
C ALA G 385 29.49 -42.66 3.89
N LYS G 386 30.12 -41.49 4.05
CA LYS G 386 31.43 -41.44 4.67
C LYS G 386 31.61 -40.36 5.73
N ARG G 387 30.68 -39.43 5.88
CA ARG G 387 30.86 -38.30 6.78
C ARG G 387 29.53 -37.90 7.40
N GLN G 388 29.62 -37.08 8.44
CA GLN G 388 28.46 -36.41 9.01
C GLN G 388 28.77 -34.93 9.16
N THR G 389 27.77 -34.10 8.92
CA THR G 389 27.91 -32.67 9.00
C THR G 389 26.75 -32.10 9.80
N VAL G 390 27.02 -31.08 10.59
CA VAL G 390 26.05 -30.50 11.50
C VAL G 390 25.84 -29.05 11.11
N VAL G 391 24.60 -28.67 10.89
CA VAL G 391 24.26 -27.29 10.55
C VAL G 391 23.15 -26.81 11.46
N VAL G 392 23.03 -25.50 11.60
CA VAL G 392 21.94 -24.91 12.35
C VAL G 392 21.04 -24.14 11.41
N LEU G 393 19.75 -24.09 11.73
CA LEU G 393 18.78 -23.36 10.93
C LEU G 393 18.73 -21.90 11.34
N GLY G 394 18.50 -21.02 10.37
CA GLY G 394 18.74 -19.61 10.61
C GLY G 394 17.63 -18.78 11.21
N SER G 395 17.68 -18.60 12.52
CA SER G 395 17.11 -17.48 13.25
C SER G 395 15.59 -17.44 13.32
N GLN G 396 14.88 -18.21 12.49
CA GLN G 396 13.50 -18.61 12.80
C GLN G 396 12.54 -17.46 13.06
N GLU G 397 13.03 -16.21 13.05
CA GLU G 397 12.27 -15.08 13.52
C GLU G 397 11.32 -14.55 12.48
N GLY G 398 11.31 -15.14 11.30
CA GLY G 398 10.44 -14.65 10.26
C GLY G 398 9.32 -15.62 10.09
N ALA G 399 9.57 -16.88 10.46
CA ALA G 399 8.53 -17.87 10.43
C ALA G 399 7.60 -17.69 11.63
N VAL G 400 8.16 -17.32 12.78
CA VAL G 400 7.32 -17.06 13.94
C VAL G 400 6.43 -15.85 13.69
N HIS G 401 6.97 -14.82 13.04
CA HIS G 401 6.17 -13.65 12.73
C HIS G 401 5.00 -14.01 11.83
N THR G 402 5.19 -14.94 10.90
CA THR G 402 4.08 -15.38 10.06
C THR G 402 3.26 -16.47 10.72
N ALA G 403 3.85 -17.24 11.65
CA ALA G 403 3.04 -18.14 12.43
C ALA G 403 2.05 -17.38 13.30
N LEU G 404 2.47 -16.25 13.84
CA LEU G 404 1.56 -15.33 14.50
C LEU G 404 0.65 -14.70 13.45
N ALA G 405 -0.62 -15.01 13.52
CA ALA G 405 -1.61 -14.33 12.70
C ALA G 405 -2.92 -14.44 13.45
N GLY G 406 -3.62 -13.33 13.61
CA GLY G 406 -4.72 -13.32 14.54
C GLY G 406 -4.29 -13.23 15.98
N ALA G 407 -3.06 -12.82 16.23
CA ALA G 407 -2.59 -12.58 17.59
C ALA G 407 -2.51 -11.08 17.81
N LEU G 408 -2.98 -10.62 18.97
CA LEU G 408 -3.07 -9.19 19.21
C LEU G 408 -1.71 -8.59 19.59
N GLU G 409 -1.38 -7.48 18.96
CA GLU G 409 -0.17 -6.76 19.31
C GLU G 409 -0.37 -6.02 20.63
N ALA G 410 0.75 -5.73 21.30
CA ALA G 410 0.73 -4.98 22.54
C ALA G 410 1.95 -4.06 22.56
N GLU G 411 2.15 -3.38 23.68
CA GLU G 411 3.38 -2.63 23.88
C GLU G 411 3.73 -2.66 25.35
N MET G 412 4.95 -2.28 25.68
CA MET G 412 5.42 -2.45 27.06
C MET G 412 6.14 -1.20 27.52
N ASP G 413 5.85 -0.78 28.75
CA ASP G 413 6.61 0.23 29.48
C ASP G 413 7.01 -0.41 30.80
N GLY G 414 8.31 -0.60 30.99
CA GLY G 414 8.81 -1.21 32.21
C GLY G 414 8.14 -2.54 32.50
N ALA G 415 7.86 -2.77 33.78
CA ALA G 415 7.22 -4.02 34.20
C ALA G 415 5.76 -4.10 33.78
N LYS G 416 5.23 -3.11 33.06
CA LYS G 416 3.83 -3.08 32.70
C LYS G 416 3.68 -3.18 31.20
N GLY G 417 2.64 -3.87 30.76
CA GLY G 417 2.36 -4.05 29.34
C GLY G 417 0.98 -3.59 28.98
N ARG G 418 0.89 -2.63 28.08
CA ARG G 418 -0.38 -2.08 27.66
C ARG G 418 -0.91 -2.84 26.45
N LEU G 419 -2.08 -3.44 26.62
CA LEU G 419 -2.89 -3.91 25.50
C LEU G 419 -3.87 -2.82 25.12
N SER G 420 -4.05 -2.67 23.81
CA SER G 420 -4.87 -1.63 23.22
C SER G 420 -6.13 -2.17 22.57
N SER G 421 -6.41 -3.46 22.73
CA SER G 421 -7.67 -4.03 22.25
C SER G 421 -8.18 -4.99 23.30
N GLY G 422 -9.33 -4.67 23.87
CA GLY G 422 -9.93 -5.48 24.91
C GLY G 422 -11.43 -5.40 24.83
N HIS G 423 -12.10 -5.79 25.91
CA HIS G 423 -13.56 -5.79 25.93
C HIS G 423 -14.01 -5.91 27.38
N LEU G 424 -14.67 -4.88 27.91
CA LEU G 424 -15.11 -4.85 29.29
C LEU G 424 -16.60 -4.54 29.38
N LYS G 425 -17.25 -5.11 30.40
CA LYS G 425 -18.69 -4.95 30.61
C LYS G 425 -18.96 -4.31 31.96
N CYS G 426 -19.64 -3.18 31.94
CA CYS G 426 -19.95 -2.40 33.13
C CYS G 426 -21.43 -2.08 33.21
N ARG G 427 -21.95 -2.05 34.43
CA ARG G 427 -23.26 -1.50 34.73
C ARG G 427 -23.08 -0.10 35.29
N LEU G 428 -23.88 0.85 34.79
CA LEU G 428 -23.74 2.26 35.11
C LEU G 428 -24.86 2.67 36.06
N LYS G 429 -24.55 2.74 37.34
CA LYS G 429 -25.52 3.22 38.33
C LYS G 429 -25.57 4.74 38.22
N MET G 430 -26.47 5.23 37.39
CA MET G 430 -26.70 6.66 37.24
C MET G 430 -27.99 7.05 37.97
N ASP G 431 -27.89 7.08 39.30
CA ASP G 431 -28.97 7.57 40.12
C ASP G 431 -28.51 8.65 41.09
N LYS G 432 -27.24 9.01 41.06
CA LYS G 432 -26.74 10.17 41.79
C LYS G 432 -26.28 11.25 40.82
N LEU G 433 -26.79 11.19 39.59
CA LEU G 433 -26.54 12.20 38.59
C LEU G 433 -27.63 13.25 38.66
N ARG G 434 -27.22 14.51 38.66
CA ARG G 434 -28.14 15.62 38.64
C ARG G 434 -27.90 16.43 37.37
N LEU G 435 -28.64 17.51 37.23
CA LEU G 435 -28.42 18.47 36.15
C LEU G 435 -27.91 19.75 36.79
N LYS G 436 -26.84 20.30 36.21
CA LYS G 436 -26.21 21.49 36.76
C LYS G 436 -26.83 22.76 36.18
N GLY G 437 -28.01 22.64 35.58
CA GLY G 437 -28.53 23.73 34.79
C GLY G 437 -30.01 23.98 34.89
N VAL G 438 -30.65 23.45 35.90
CA VAL G 438 -32.05 23.76 36.14
C VAL G 438 -32.08 24.89 37.17
N SER G 439 -33.18 25.63 37.18
CA SER G 439 -33.29 26.85 37.98
C SER G 439 -32.30 27.90 37.50
N TYR G 440 -32.12 27.97 36.19
CA TYR G 440 -31.35 29.03 35.57
C TYR G 440 -32.26 29.87 34.69
N SER G 441 -31.95 31.16 34.61
CA SER G 441 -32.71 32.08 33.79
C SER G 441 -32.20 32.01 32.36
N LEU G 442 -33.11 32.12 31.40
CA LEU G 442 -32.75 31.98 30.00
C LEU G 442 -31.78 33.09 29.58
N CYS G 443 -30.70 32.70 28.91
CA CYS G 443 -29.79 33.69 28.36
C CYS G 443 -30.49 34.50 27.28
N THR G 444 -30.55 35.81 27.46
CA THR G 444 -31.09 36.70 26.43
C THR G 444 -30.12 37.87 26.23
N ALA G 445 -29.05 37.64 25.46
CA ALA G 445 -28.30 38.75 24.89
C ALA G 445 -28.13 38.64 23.38
N ALA G 446 -27.51 37.58 22.91
CA ALA G 446 -27.12 37.37 21.52
C ALA G 446 -26.37 36.06 21.44
N PHE G 447 -26.26 35.53 20.24
CA PHE G 447 -25.49 34.32 20.00
C PHE G 447 -24.85 34.39 18.63
N THR G 448 -23.59 33.99 18.53
CA THR G 448 -22.89 33.97 17.25
C THR G 448 -22.30 32.60 17.01
N PHE G 449 -22.52 32.04 15.83
CA PHE G 449 -21.81 30.84 15.45
C PHE G 449 -20.33 31.14 15.29
N THR G 450 -19.48 30.36 15.95
CA THR G 450 -18.05 30.64 15.95
C THR G 450 -17.25 29.84 14.93
N LYS G 451 -17.66 28.61 14.63
CA LYS G 451 -17.03 27.90 13.52
C LYS G 451 -17.97 27.67 12.36
N ILE G 452 -18.92 26.76 12.51
CA ILE G 452 -20.01 26.49 11.59
C ILE G 452 -20.73 25.35 12.29
N PRO G 453 -21.95 25.00 11.92
CA PRO G 453 -22.50 23.74 12.44
C PRO G 453 -22.05 22.58 11.59
N ALA G 454 -21.45 21.56 12.21
CA ALA G 454 -20.86 20.45 11.47
C ALA G 454 -21.62 19.17 11.72
N GLU G 455 -21.43 18.20 10.84
CA GLU G 455 -22.14 16.93 10.89
C GLU G 455 -21.16 15.81 11.21
N THR G 456 -21.44 15.07 12.28
CA THR G 456 -20.64 13.90 12.62
C THR G 456 -20.98 12.78 11.65
N LEU G 457 -20.38 11.61 11.85
CA LEU G 457 -20.60 10.51 10.91
C LEU G 457 -21.94 9.84 11.09
N HIS G 458 -22.56 9.96 12.26
CA HIS G 458 -23.77 9.23 12.55
C HIS G 458 -25.03 10.03 12.30
N GLY G 459 -24.91 11.31 12.00
CA GLY G 459 -26.08 12.10 11.69
C GLY G 459 -26.20 13.32 12.58
N THR G 460 -25.62 13.26 13.77
CA THR G 460 -25.76 14.35 14.72
C THR G 460 -25.09 15.61 14.17
N VAL G 461 -25.31 16.72 14.86
CA VAL G 461 -24.82 18.02 14.43
C VAL G 461 -24.21 18.71 15.64
N THR G 462 -22.97 19.14 15.52
CA THR G 462 -22.31 19.89 16.57
C THR G 462 -22.32 21.37 16.22
N VAL G 463 -22.58 22.19 17.22
CA VAL G 463 -22.67 23.64 17.09
C VAL G 463 -21.83 24.26 18.19
N GLU G 464 -21.01 25.23 17.83
CA GLU G 464 -20.21 25.98 18.79
C GLU G 464 -20.67 27.43 18.76
N VAL G 465 -21.17 27.92 19.88
CA VAL G 465 -21.81 29.22 19.95
C VAL G 465 -21.03 30.10 20.91
N GLN G 466 -21.05 31.41 20.63
CA GLN G 466 -20.47 32.42 21.51
C GLN G 466 -21.55 33.36 21.98
N TYR G 467 -21.57 33.58 23.29
CA TYR G 467 -22.53 34.47 23.93
C TYR G 467 -21.90 35.82 24.21
N ALA G 468 -22.63 36.87 23.86
CA ALA G 468 -22.11 38.23 23.90
C ALA G 468 -22.35 38.89 25.26
N GLY G 469 -23.56 38.77 25.79
CA GLY G 469 -23.90 39.43 27.04
C GLY G 469 -23.22 38.80 28.24
N THR G 470 -23.42 39.46 29.38
CA THR G 470 -22.92 38.99 30.67
C THR G 470 -24.12 38.88 31.61
N ASP G 471 -24.69 37.68 31.69
CA ASP G 471 -25.85 37.43 32.53
C ASP G 471 -25.53 36.52 33.70
N GLY G 472 -24.26 36.23 33.96
CA GLY G 472 -23.91 35.22 34.92
C GLY G 472 -24.18 33.86 34.31
N PRO G 473 -24.10 32.81 35.12
CA PRO G 473 -24.48 31.49 34.63
C PRO G 473 -25.96 31.46 34.30
N CYS G 474 -26.29 31.06 33.08
CA CYS G 474 -27.65 31.15 32.57
C CYS G 474 -27.84 30.13 31.47
N LYS G 475 -29.10 29.81 31.22
CA LYS G 475 -29.48 28.71 30.35
C LYS G 475 -29.50 29.15 28.89
N VAL G 476 -29.20 28.22 27.98
CA VAL G 476 -29.16 28.48 26.55
C VAL G 476 -30.44 27.95 25.93
N PRO G 477 -31.22 28.77 25.24
CA PRO G 477 -32.37 28.24 24.49
C PRO G 477 -31.97 27.80 23.10
N ALA G 478 -32.29 26.56 22.73
CA ALA G 478 -31.91 26.04 21.43
C ALA G 478 -32.87 24.94 21.02
N GLN G 479 -33.12 24.84 19.72
CA GLN G 479 -34.02 23.80 19.23
C GLN G 479 -33.80 23.58 17.75
N MET G 480 -34.34 22.48 17.26
CA MET G 480 -34.42 22.19 15.83
C MET G 480 -35.85 22.49 15.40
N ALA G 481 -36.00 23.29 14.35
CA ALA G 481 -37.31 23.77 13.94
C ALA G 481 -37.50 23.64 12.44
N VAL G 482 -38.77 23.56 12.04
CA VAL G 482 -39.20 23.79 10.68
C VAL G 482 -40.42 24.69 10.77
N ASP G 483 -40.69 25.46 9.72
CA ASP G 483 -41.78 26.43 9.73
C ASP G 483 -41.55 27.47 10.84
N MET G 484 -40.56 28.32 10.58
CA MET G 484 -40.20 29.37 11.53
C MET G 484 -41.35 30.32 11.85
N GLN G 485 -42.52 30.14 11.23
CA GLN G 485 -43.70 30.86 11.70
C GLN G 485 -44.12 30.34 13.07
N THR G 486 -44.32 29.03 13.18
CA THR G 486 -44.61 28.38 14.45
C THR G 486 -43.40 27.56 14.83
N LEU G 487 -42.59 28.09 15.74
CA LEU G 487 -41.39 27.37 16.18
C LEU G 487 -41.84 26.13 16.93
N THR G 488 -41.77 24.98 16.27
CA THR G 488 -42.27 23.74 16.83
C THR G 488 -41.09 22.79 16.99
N PRO G 489 -40.86 22.28 18.18
CA PRO G 489 -39.68 21.43 18.39
C PRO G 489 -39.77 20.12 17.62
N VAL G 490 -38.94 19.97 16.60
CA VAL G 490 -38.81 18.73 15.85
C VAL G 490 -37.42 18.17 16.09
N GLY G 491 -37.30 16.85 16.07
CA GLY G 491 -36.04 16.24 16.34
C GLY G 491 -35.80 16.12 17.84
N ARG G 492 -34.57 15.73 18.16
CA ARG G 492 -34.17 15.56 19.55
C ARG G 492 -32.82 16.24 19.74
N LEU G 493 -32.65 16.84 20.90
CA LEU G 493 -31.43 17.58 21.23
C LEU G 493 -30.60 16.72 22.17
N ILE G 494 -29.53 16.13 21.64
CA ILE G 494 -28.71 15.22 22.43
C ILE G 494 -28.21 15.95 23.66
N THR G 495 -27.56 17.08 23.62
CA THR G 495 -27.02 17.54 24.90
C THR G 495 -28.13 17.74 25.86
N ALA G 496 -27.93 17.50 27.15
CA ALA G 496 -29.07 17.59 28.03
C ALA G 496 -29.71 18.90 28.13
N ASN G 497 -29.00 19.95 28.45
CA ASN G 497 -29.57 21.30 28.43
C ASN G 497 -28.38 22.13 28.40
N PRO G 498 -28.36 23.09 27.55
CA PRO G 498 -27.11 23.79 27.42
C PRO G 498 -27.04 25.08 28.13
N VAL G 499 -26.30 25.06 29.19
CA VAL G 499 -26.03 26.17 30.08
C VAL G 499 -24.63 26.77 30.02
N ILE G 500 -24.60 28.09 29.87
CA ILE G 500 -23.37 28.87 29.91
C ILE G 500 -22.99 29.13 31.36
N THR G 501 -21.77 28.75 31.73
CA THR G 501 -21.32 28.83 33.12
C THR G 501 -20.28 29.91 33.35
N GLU G 502 -19.66 30.44 32.31
CA GLU G 502 -18.64 31.47 32.43
C GLU G 502 -19.20 32.76 31.88
N SER G 503 -19.20 33.81 32.70
CA SER G 503 -19.75 35.10 32.30
C SER G 503 -18.73 36.18 32.61
N THR G 504 -17.85 36.48 31.65
CA THR G 504 -16.99 37.65 31.79
C THR G 504 -17.31 38.71 30.75
N GLU G 505 -17.07 38.44 29.47
CA GLU G 505 -17.70 39.24 28.42
C GLU G 505 -18.39 38.35 27.40
N ASN G 506 -17.61 37.48 26.78
CA ASN G 506 -18.08 36.57 25.75
C ASN G 506 -17.71 35.15 26.17
N SER G 507 -18.64 34.23 26.02
CA SER G 507 -18.36 32.85 26.40
C SER G 507 -18.52 31.95 25.19
N LYS G 508 -17.88 30.79 25.27
CA LYS G 508 -17.97 29.78 24.23
C LYS G 508 -18.60 28.54 24.81
N MET G 509 -19.46 27.89 24.01
CA MET G 509 -20.02 26.62 24.42
C MET G 509 -20.22 25.76 23.20
N MET G 510 -20.25 24.45 23.41
CA MET G 510 -20.47 23.51 22.32
C MET G 510 -21.59 22.57 22.72
N LEU G 511 -22.60 22.46 21.86
CA LEU G 511 -23.64 21.47 22.05
C LEU G 511 -23.76 20.66 20.79
N GLU G 512 -24.43 19.52 20.88
CA GLU G 512 -24.78 18.78 19.68
C GLU G 512 -26.22 18.33 19.79
N LEU G 513 -26.77 17.88 18.66
CA LEU G 513 -28.19 17.58 18.62
C LEU G 513 -28.48 16.69 17.42
N ASP G 514 -29.58 15.96 17.52
CA ASP G 514 -29.96 14.93 16.56
C ASP G 514 -31.14 15.43 15.74
N PRO G 515 -30.92 15.96 14.54
CA PRO G 515 -31.98 16.62 13.81
C PRO G 515 -32.82 15.64 13.03
N PRO G 516 -34.01 16.05 12.59
CA PRO G 516 -34.81 15.18 11.72
C PRO G 516 -34.18 15.06 10.35
N PHE G 517 -34.78 14.23 9.52
CA PHE G 517 -34.14 13.83 8.28
C PHE G 517 -34.31 14.86 7.16
N GLY G 518 -35.40 15.59 7.13
CA GLY G 518 -35.58 16.62 6.13
C GLY G 518 -34.67 17.81 6.35
N ASP G 519 -34.93 18.86 5.56
CA ASP G 519 -34.35 20.16 5.88
C ASP G 519 -34.84 20.63 7.23
N SER G 520 -34.05 21.47 7.89
CA SER G 520 -34.45 22.02 9.17
C SER G 520 -33.59 23.25 9.46
N TYR G 521 -33.96 23.95 10.52
CA TYR G 521 -33.22 25.11 10.99
C TYR G 521 -32.79 24.88 12.43
N ILE G 522 -31.50 25.05 12.69
CA ILE G 522 -31.01 25.17 14.05
C ILE G 522 -31.33 26.57 14.53
N VAL G 523 -32.14 26.67 15.59
CA VAL G 523 -32.62 27.94 16.12
C VAL G 523 -32.04 28.12 17.51
N ILE G 524 -31.23 29.15 17.69
CA ILE G 524 -30.54 29.42 18.94
C ILE G 524 -30.82 30.86 19.31
N GLY G 525 -31.64 31.07 20.33
CA GLY G 525 -32.01 32.42 20.72
C GLY G 525 -33.46 32.50 21.13
N VAL G 526 -33.96 33.70 21.41
CA VAL G 526 -35.31 33.85 21.92
C VAL G 526 -36.15 34.68 20.97
N GLY G 527 -35.80 35.96 20.85
CA GLY G 527 -36.59 36.86 20.03
C GLY G 527 -35.78 37.89 19.29
N GLU G 528 -35.98 37.99 17.98
CA GLU G 528 -35.43 39.08 17.18
C GLU G 528 -33.92 38.99 17.05
N LYS G 529 -33.29 38.11 17.84
CA LYS G 529 -31.86 37.90 17.77
C LYS G 529 -31.51 36.43 17.70
N LYS G 530 -32.47 35.58 17.35
CA LYS G 530 -32.24 34.14 17.28
C LYS G 530 -31.54 33.82 15.96
N ILE G 531 -30.21 33.84 16.00
CA ILE G 531 -29.45 33.37 14.86
C ILE G 531 -29.88 31.96 14.53
N THR G 532 -30.00 31.67 13.24
CA THR G 532 -30.42 30.36 12.79
C THR G 532 -29.50 29.87 11.69
N HIS G 533 -29.52 28.56 11.49
CA HIS G 533 -28.69 27.92 10.49
C HIS G 533 -29.51 26.89 9.76
N HIS G 534 -29.25 26.73 8.46
CA HIS G 534 -29.99 25.78 7.65
C HIS G 534 -29.21 24.48 7.59
N TRP G 535 -29.85 23.37 7.95
CA TRP G 535 -29.17 22.10 8.03
C TRP G 535 -30.01 21.00 7.40
N HIS G 536 -29.34 20.12 6.66
CA HIS G 536 -29.99 19.07 5.89
C HIS G 536 -29.41 17.71 6.24
N ARG G 537 -30.29 16.73 6.47
CA ARG G 537 -29.87 15.37 6.80
C ARG G 537 -30.27 14.43 5.67
N SER G 538 -29.53 13.33 5.55
CA SER G 538 -29.60 12.52 4.33
C SER G 538 -30.73 11.49 4.36
N GLY G 539 -30.68 10.56 5.31
CA GLY G 539 -31.36 9.29 5.11
C GLY G 539 -32.60 8.99 5.93
N SER G 540 -33.62 8.45 5.28
CA SER G 540 -34.88 8.08 5.90
C SER G 540 -34.71 7.09 7.05
N THR G 541 -35.74 6.95 7.89
CA THR G 541 -35.65 6.08 9.06
C THR G 541 -35.36 4.64 8.68
N ILE G 542 -35.78 4.20 7.50
CA ILE G 542 -35.56 2.82 7.10
C ILE G 542 -34.07 2.52 7.02
N GLY G 543 -33.32 3.39 6.37
CA GLY G 543 -31.89 3.22 6.31
C GLY G 543 -31.25 3.22 7.68
N LYS G 544 -31.77 4.05 8.58
CA LYS G 544 -31.24 4.09 9.94
C LYS G 544 -31.47 2.77 10.65
N ALA G 545 -32.66 2.19 10.50
CA ALA G 545 -32.93 0.90 11.13
C ALA G 545 -32.06 -0.19 10.52
N PHE G 546 -31.84 -0.13 9.21
CA PHE G 546 -30.97 -1.10 8.57
C PHE G 546 -29.55 -1.01 9.11
N GLU G 547 -29.02 0.21 9.23
CA GLU G 547 -27.68 0.37 9.78
C GLU G 547 -27.61 -0.06 11.23
N ALA G 548 -28.69 0.17 11.99
CA ALA G 548 -28.71 -0.29 13.37
C ALA G 548 -28.65 -1.80 13.45
N THR G 549 -29.38 -2.49 12.57
CA THR G 549 -29.31 -3.94 12.55
C THR G 549 -27.92 -4.41 12.15
N VAL G 550 -27.27 -3.71 11.22
CA VAL G 550 -25.93 -4.09 10.81
C VAL G 550 -24.95 -3.93 11.97
N ARG G 551 -25.04 -2.81 12.69
CA ARG G 551 -24.17 -2.61 13.85
C ARG G 551 -24.42 -3.67 14.90
N GLY G 552 -25.68 -4.01 15.15
CA GLY G 552 -25.97 -5.06 16.11
C GLY G 552 -25.40 -6.39 15.68
N ALA G 553 -25.47 -6.69 14.38
CA ALA G 553 -24.92 -7.95 13.89
C ALA G 553 -23.41 -7.99 14.05
N LYS G 554 -22.73 -6.88 13.74
CA LYS G 554 -21.29 -6.86 13.92
C LYS G 554 -20.91 -7.00 15.39
N ARG G 555 -21.62 -6.31 16.28
CA ARG G 555 -21.33 -6.44 17.69
C ARG G 555 -21.56 -7.86 18.17
N MET G 556 -22.59 -8.52 17.65
CA MET G 556 -22.82 -9.92 18.00
C MET G 556 -21.67 -10.78 17.53
N ALA G 557 -21.28 -10.63 16.26
CA ALA G 557 -20.18 -11.41 15.72
C ALA G 557 -18.90 -11.21 16.53
N VAL G 558 -18.73 -10.04 17.12
CA VAL G 558 -17.50 -9.78 17.88
C VAL G 558 -17.60 -10.37 19.28
N LEU G 559 -18.77 -10.28 19.93
CA LEU G 559 -18.85 -10.58 21.35
C LEU G 559 -19.68 -11.81 21.70
N GLY G 560 -20.86 -11.98 21.11
CA GLY G 560 -21.73 -13.07 21.52
C GLY G 560 -22.68 -12.67 22.64
N ASP G 561 -22.60 -13.39 23.76
CA ASP G 561 -23.50 -13.12 24.87
C ASP G 561 -23.26 -11.72 25.43
N THR G 562 -22.01 -11.35 25.60
CA THR G 562 -21.72 -10.01 26.08
C THR G 562 -22.31 -8.96 25.15
N ALA G 563 -22.42 -9.28 23.86
CA ALA G 563 -23.14 -8.40 22.95
C ALA G 563 -24.62 -8.40 23.27
N TRP G 564 -25.16 -9.55 23.64
CA TRP G 564 -26.53 -9.59 24.12
C TRP G 564 -26.72 -8.74 25.37
N ASP G 565 -25.65 -8.40 26.06
CA ASP G 565 -25.74 -7.62 27.28
C ASP G 565 -25.55 -6.11 27.07
N PHE G 566 -25.49 -5.64 25.82
CA PHE G 566 -25.08 -4.26 25.59
C PHE G 566 -26.10 -3.24 26.09
N GLY G 567 -27.34 -3.37 25.65
CA GLY G 567 -28.38 -2.44 26.04
C GLY G 567 -29.38 -3.10 26.97
N SER G 568 -28.89 -4.04 27.76
CA SER G 568 -29.78 -4.82 28.61
C SER G 568 -30.32 -4.35 29.98
N VAL G 569 -31.04 -3.23 30.00
CA VAL G 569 -31.79 -2.91 31.22
C VAL G 569 -32.28 -4.18 31.89
N GLY G 570 -32.71 -5.16 31.10
CA GLY G 570 -32.92 -6.49 31.65
C GLY G 570 -34.36 -6.89 31.76
N GLY G 571 -34.79 -7.84 30.93
CA GLY G 571 -36.14 -8.31 30.97
C GLY G 571 -36.23 -9.82 31.03
N ALA G 572 -37.04 -10.41 30.16
CA ALA G 572 -37.14 -11.85 30.08
C ALA G 572 -36.85 -12.31 28.66
N LEU G 573 -37.24 -11.50 27.68
CA LEU G 573 -36.83 -11.77 26.31
C LEU G 573 -35.32 -11.64 26.17
N ASN G 574 -34.74 -10.64 26.83
CA ASN G 574 -33.31 -10.42 26.74
C ASN G 574 -32.54 -11.57 27.38
N SER G 575 -32.92 -11.96 28.59
CA SER G 575 -32.20 -13.03 29.27
C SER G 575 -32.38 -14.36 28.54
N LEU G 576 -33.57 -14.61 28.01
CA LEU G 576 -33.79 -15.84 27.25
C LEU G 576 -32.94 -15.86 25.99
N GLY G 577 -32.91 -14.75 25.25
CA GLY G 577 -32.04 -14.66 24.09
C GLY G 577 -30.59 -14.89 24.45
N LYS G 578 -30.14 -14.32 25.57
CA LYS G 578 -28.76 -14.50 25.99
C LYS G 578 -28.48 -15.97 26.32
N GLY G 579 -29.43 -16.64 26.95
CA GLY G 579 -29.22 -18.05 27.27
C GLY G 579 -29.15 -18.93 26.03
N ILE G 580 -30.10 -18.75 25.11
CA ILE G 580 -30.06 -19.58 23.91
C ILE G 580 -28.82 -19.25 23.09
N HIS G 581 -28.37 -17.99 23.12
CA HIS G 581 -27.16 -17.64 22.41
C HIS G 581 -25.95 -18.28 23.06
N GLN G 582 -25.94 -18.37 24.39
CA GLN G 582 -24.85 -19.07 25.07
C GLN G 582 -24.78 -20.52 24.61
N ILE G 583 -25.93 -21.19 24.58
CA ILE G 583 -25.92 -22.61 24.20
C ILE G 583 -25.46 -22.78 22.76
N PHE G 584 -26.04 -21.99 21.84
CA PHE G 584 -25.68 -22.13 20.44
C PHE G 584 -24.23 -21.75 20.21
N GLY G 585 -23.73 -20.73 20.92
CA GLY G 585 -22.35 -20.33 20.75
C GLY G 585 -21.38 -21.36 21.26
N ALA G 586 -21.70 -22.00 22.39
CA ALA G 586 -20.85 -23.06 22.88
C ALA G 586 -20.80 -24.21 21.87
N ALA G 587 -21.96 -24.61 21.34
CA ALA G 587 -21.96 -25.68 20.36
C ALA G 587 -21.18 -25.30 19.11
N PHE G 588 -21.35 -24.08 18.63
CA PHE G 588 -20.68 -23.64 17.42
C PHE G 588 -19.18 -23.54 17.60
N LYS G 589 -18.74 -23.03 18.75
CA LYS G 589 -17.32 -22.96 19.03
C LYS G 589 -16.73 -24.35 19.19
N SER G 590 -17.51 -25.31 19.71
CA SER G 590 -17.00 -26.67 19.81
C SER G 590 -16.83 -27.30 18.43
N LEU G 591 -17.87 -27.22 17.59
CA LEU G 591 -17.79 -27.86 16.28
C LEU G 591 -16.85 -27.10 15.36
N PHE G 592 -17.23 -25.87 15.05
CA PHE G 592 -16.43 -25.01 14.18
C PHE G 592 -15.50 -24.19 15.08
N GLY G 593 -14.94 -23.11 14.56
CA GLY G 593 -14.05 -22.31 15.37
C GLY G 593 -12.66 -22.89 15.44
N GLY G 594 -12.16 -23.39 14.32
CA GLY G 594 -10.79 -23.81 14.19
C GLY G 594 -10.30 -23.44 12.81
N MET G 595 -10.79 -22.32 12.30
CA MET G 595 -10.57 -21.96 10.90
C MET G 595 -10.48 -20.44 10.81
N SER G 596 -9.96 -19.97 9.69
CA SER G 596 -9.65 -18.55 9.55
C SER G 596 -9.91 -18.08 8.13
N TRP G 597 -11.07 -17.46 7.93
CA TRP G 597 -11.43 -16.67 6.76
C TRP G 597 -11.45 -17.45 5.47
N PHE G 598 -10.84 -18.62 5.43
CA PHE G 598 -10.81 -19.37 4.19
C PHE G 598 -11.34 -20.78 4.37
N SER G 599 -10.85 -21.50 5.38
CA SER G 599 -11.46 -22.78 5.67
C SER G 599 -12.94 -22.63 5.96
N GLN G 600 -13.31 -21.58 6.67
CA GLN G 600 -14.73 -21.44 7.00
C GLN G 600 -15.53 -20.87 5.84
N ILE G 601 -14.96 -20.04 4.98
CA ILE G 601 -15.70 -19.64 3.78
C ILE G 601 -15.91 -20.84 2.88
N LEU G 602 -14.92 -21.74 2.81
CA LEU G 602 -15.07 -22.94 1.98
C LEU G 602 -16.15 -23.85 2.54
N ILE G 603 -16.09 -24.12 3.85
CA ILE G 603 -17.11 -24.97 4.43
C ILE G 603 -18.48 -24.30 4.36
N GLY G 604 -18.52 -22.97 4.41
CA GLY G 604 -19.78 -22.28 4.29
C GLY G 604 -20.41 -22.48 2.92
N THR G 605 -19.64 -22.24 1.86
CA THR G 605 -20.16 -22.46 0.53
C THR G 605 -20.54 -23.92 0.31
N LEU G 606 -19.72 -24.84 0.84
CA LEU G 606 -20.02 -26.26 0.68
C LEU G 606 -21.35 -26.62 1.30
N LEU G 607 -21.53 -26.29 2.58
CA LEU G 607 -22.80 -26.63 3.21
C LEU G 607 -23.94 -25.81 2.62
N MET G 608 -23.67 -24.64 2.05
CA MET G 608 -24.74 -23.87 1.43
C MET G 608 -25.31 -24.63 0.25
N TRP G 609 -24.43 -25.11 -0.64
CA TRP G 609 -24.89 -26.00 -1.70
C TRP G 609 -25.59 -27.22 -1.11
N LEU G 610 -25.00 -27.81 -0.08
CA LEU G 610 -25.55 -29.05 0.48
C LEU G 610 -26.98 -28.85 0.96
N GLY G 611 -27.20 -27.83 1.79
CA GLY G 611 -28.55 -27.52 2.25
C GLY G 611 -29.47 -27.06 1.15
N LEU G 612 -28.91 -26.46 0.09
CA LEU G 612 -29.74 -26.05 -1.03
C LEU G 612 -30.32 -27.25 -1.76
N ASN G 613 -29.58 -28.34 -1.85
CA ASN G 613 -30.00 -29.44 -2.70
C ASN G 613 -30.38 -30.73 -1.94
N THR G 614 -30.38 -30.73 -0.61
CA THR G 614 -30.58 -31.99 0.11
C THR G 614 -32.06 -32.37 0.31
N LYS G 615 -32.98 -31.41 0.23
CA LYS G 615 -34.42 -31.66 0.33
C LYS G 615 -34.81 -32.40 1.62
N ASN G 616 -34.60 -31.71 2.74
CA ASN G 616 -35.07 -32.18 4.03
C ASN G 616 -35.31 -30.97 4.96
N GLY G 617 -35.40 -31.20 6.26
CA GLY G 617 -35.34 -30.12 7.24
C GLY G 617 -33.90 -29.75 7.51
N SER G 618 -33.01 -30.69 7.22
CA SER G 618 -31.59 -30.36 7.22
C SER G 618 -31.29 -29.24 6.24
N ILE G 619 -32.16 -28.99 5.26
CA ILE G 619 -32.04 -27.77 4.45
C ILE G 619 -31.95 -26.55 5.35
N SER G 620 -32.95 -26.38 6.22
CA SER G 620 -32.98 -25.21 7.09
C SER G 620 -31.82 -25.26 8.07
N LEU G 621 -31.53 -26.42 8.64
CA LEU G 621 -30.42 -26.51 9.59
C LEU G 621 -29.12 -26.02 8.97
N MET G 622 -28.75 -26.58 7.82
CA MET G 622 -27.54 -26.16 7.13
C MET G 622 -27.61 -24.66 6.83
N CYS G 623 -28.61 -24.24 6.04
CA CYS G 623 -28.66 -22.84 5.60
C CYS G 623 -28.50 -21.87 6.77
N LEU G 624 -29.04 -22.22 7.94
CA LEU G 624 -28.82 -21.39 9.12
C LEU G 624 -27.34 -21.40 9.53
N ALA G 625 -26.74 -22.60 9.62
CA ALA G 625 -25.33 -22.67 10.00
C ALA G 625 -24.46 -21.87 9.04
N LEU G 626 -24.84 -21.92 7.75
CA LEU G 626 -24.16 -21.19 6.67
C LEU G 626 -24.27 -19.67 6.82
N GLY G 627 -25.48 -19.17 7.08
CA GLY G 627 -25.63 -17.76 7.39
C GLY G 627 -24.73 -17.37 8.53
N GLY G 628 -24.70 -18.18 9.59
CA GLY G 628 -23.81 -17.91 10.70
C GLY G 628 -22.35 -17.78 10.27
N VAL G 629 -21.84 -18.80 9.59
CA VAL G 629 -20.42 -18.84 9.25
C VAL G 629 -20.07 -17.70 8.29
N LEU G 630 -20.88 -17.52 7.25
CA LEU G 630 -20.56 -16.53 6.23
C LEU G 630 -20.66 -15.11 6.76
N ILE G 631 -21.60 -14.81 7.66
CA ILE G 631 -21.58 -13.47 8.24
C ILE G 631 -20.41 -13.32 9.21
N PHE G 632 -20.16 -14.36 10.03
CA PHE G 632 -18.98 -14.36 10.89
C PHE G 632 -17.74 -14.03 10.09
N LEU G 633 -17.74 -14.37 8.81
CA LEU G 633 -16.59 -14.07 7.97
C LEU G 633 -16.67 -12.69 7.35
N SER G 634 -17.75 -12.40 6.62
CA SER G 634 -17.85 -11.18 5.85
C SER G 634 -17.87 -9.93 6.72
N THR G 635 -18.19 -10.08 8.02
CA THR G 635 -18.00 -8.96 8.93
C THR G 635 -16.58 -8.42 8.86
N ALA G 636 -15.60 -9.32 8.87
CA ALA G 636 -14.19 -8.97 8.77
C ALA G 636 -13.79 -7.96 9.85
N ALA H 216 10.68 -25.02 14.02
CA ALA H 216 11.28 -25.89 13.01
C ALA H 216 10.48 -25.85 11.73
N VAL H 217 9.97 -27.01 11.32
CA VAL H 217 9.30 -27.11 10.03
C VAL H 217 7.79 -26.87 10.16
N THR H 218 7.19 -27.31 11.26
CA THR H 218 5.73 -27.28 11.35
C THR H 218 5.21 -25.90 11.71
N LEU H 219 5.50 -25.43 12.93
CA LEU H 219 5.12 -24.08 13.37
C LEU H 219 3.63 -23.81 13.17
N PRO H 220 2.77 -24.31 14.06
CA PRO H 220 1.33 -24.18 13.85
C PRO H 220 0.90 -22.73 13.74
N SER H 221 -0.02 -22.48 12.81
CA SER H 221 -0.51 -21.13 12.60
C SER H 221 -1.41 -20.70 13.75
N HIS H 222 -1.35 -19.41 14.08
CA HIS H 222 -2.18 -18.87 15.15
C HIS H 222 -3.56 -18.48 14.66
N SER H 223 -3.78 -18.42 13.34
CA SER H 223 -5.09 -18.07 12.84
C SER H 223 -6.15 -19.08 13.25
N THR H 224 -5.74 -20.28 13.66
CA THR H 224 -6.68 -21.23 14.25
C THR H 224 -7.38 -20.63 15.46
N ARG H 225 -6.64 -19.94 16.32
CA ARG H 225 -7.16 -19.34 17.54
C ARG H 225 -7.27 -17.84 17.43
N LYS H 226 -7.71 -17.34 16.27
CA LYS H 226 -7.76 -15.90 16.01
C LYS H 226 -8.46 -15.16 17.13
N LEU H 227 -7.73 -14.26 17.78
CA LEU H 227 -8.29 -13.43 18.84
C LEU H 227 -9.22 -12.39 18.22
N GLN H 228 -10.49 -12.40 18.62
CA GLN H 228 -11.50 -11.57 17.99
C GLN H 228 -11.71 -10.31 18.82
N THR H 229 -11.59 -9.16 18.16
CA THR H 229 -11.84 -7.87 18.80
C THR H 229 -12.00 -6.83 17.72
N ARG H 230 -12.32 -5.61 18.14
CA ARG H 230 -12.53 -4.54 17.18
C ARG H 230 -11.25 -4.18 16.44
N SER H 231 -10.12 -4.17 17.15
CA SER H 231 -8.87 -3.80 16.54
C SER H 231 -8.36 -4.91 15.63
N GLN H 232 -7.55 -4.53 14.64
CA GLN H 232 -7.00 -5.49 13.70
C GLN H 232 -5.99 -6.40 14.39
N THR H 233 -5.83 -7.59 13.84
CA THR H 233 -4.91 -8.58 14.39
C THR H 233 -3.53 -8.36 13.79
N TRP H 234 -2.61 -9.31 14.02
CA TRP H 234 -1.20 -9.05 13.71
C TRP H 234 -0.97 -8.90 12.22
N LEU H 235 -1.37 -9.88 11.42
CA LEU H 235 -1.23 -9.81 9.97
C LEU H 235 -2.59 -10.15 9.39
N GLU H 236 -3.46 -9.15 9.31
CA GLU H 236 -4.82 -9.41 8.87
C GLU H 236 -4.93 -9.24 7.37
N SER H 237 -4.32 -8.19 6.82
CA SER H 237 -4.51 -7.85 5.42
C SER H 237 -3.99 -8.93 4.47
N ARG H 238 -3.27 -9.92 4.97
CA ARG H 238 -2.59 -10.84 4.08
C ARG H 238 -3.29 -12.17 3.86
N GLU H 239 -4.18 -12.57 4.77
CA GLU H 239 -4.66 -13.96 4.79
C GLU H 239 -5.31 -14.38 3.47
N TYR H 240 -6.13 -13.44 2.98
CA TYR H 240 -6.94 -13.66 1.81
C TYR H 240 -6.18 -14.02 0.59
N THR H 241 -5.30 -13.16 0.22
CA THR H 241 -4.32 -13.33 -0.84
C THR H 241 -3.31 -14.40 -0.49
N LYS H 242 -3.03 -14.62 0.79
CA LYS H 242 -2.09 -15.67 1.17
C LYS H 242 -2.51 -17.01 0.58
N HIS H 243 -3.68 -17.50 1.00
CA HIS H 243 -4.07 -18.83 0.54
C HIS H 243 -4.34 -18.84 -0.96
N LEU H 244 -5.02 -17.81 -1.47
CA LEU H 244 -5.34 -17.81 -2.89
C LEU H 244 -4.09 -17.80 -3.74
N ILE H 245 -3.07 -17.05 -3.32
CA ILE H 245 -1.83 -16.95 -4.07
C ILE H 245 -1.09 -18.27 -4.04
N ARG H 246 -1.04 -18.93 -2.89
CA ARG H 246 -0.37 -20.23 -2.86
C ARG H 246 -1.01 -21.20 -3.84
N VAL H 247 -2.34 -21.29 -3.81
CA VAL H 247 -3.02 -22.25 -4.69
C VAL H 247 -2.82 -21.88 -6.16
N GLU H 248 -3.03 -20.60 -6.49
CA GLU H 248 -2.91 -20.18 -7.89
C GLU H 248 -1.50 -20.43 -8.41
N ASN H 249 -0.49 -20.14 -7.59
CA ASN H 249 0.88 -20.34 -8.04
C ASN H 249 1.16 -21.81 -8.29
N TRP H 250 0.78 -22.68 -7.34
CA TRP H 250 1.07 -24.10 -7.52
C TRP H 250 0.38 -24.64 -8.76
N ILE H 251 -0.86 -24.24 -8.99
CA ILE H 251 -1.56 -24.75 -10.17
C ILE H 251 -0.92 -24.22 -11.44
N PHE H 252 -0.55 -22.93 -11.45
CA PHE H 252 0.06 -22.36 -12.65
C PHE H 252 1.38 -23.03 -12.98
N ARG H 253 2.11 -23.48 -11.96
CA ARG H 253 3.39 -24.15 -12.25
C ARG H 253 3.17 -25.57 -12.74
N ASN H 254 2.17 -26.27 -12.24
CA ASN H 254 1.89 -27.66 -12.61
C ASN H 254 0.50 -27.77 -13.22
N PRO H 255 0.38 -27.58 -14.53
CA PRO H 255 -0.96 -27.61 -15.14
C PRO H 255 -1.50 -29.01 -15.35
N GLY H 256 -0.64 -29.98 -15.67
CA GLY H 256 -1.12 -31.31 -16.00
C GLY H 256 -1.87 -31.98 -14.86
N PHE H 257 -1.52 -31.65 -13.63
CA PHE H 257 -2.25 -32.24 -12.52
C PHE H 257 -3.71 -31.83 -12.53
N ALA H 258 -4.06 -30.73 -13.18
CA ALA H 258 -5.46 -30.43 -13.36
C ALA H 258 -6.16 -31.53 -14.15
N LEU H 259 -5.53 -32.00 -15.23
CA LEU H 259 -6.11 -33.10 -15.99
C LEU H 259 -6.16 -34.37 -15.17
N ALA H 260 -5.08 -34.66 -14.43
CA ALA H 260 -5.10 -35.86 -13.58
C ALA H 260 -6.24 -35.79 -12.57
N ALA H 261 -6.44 -34.63 -11.96
CA ALA H 261 -7.50 -34.48 -10.97
C ALA H 261 -8.87 -34.57 -11.62
N ALA H 262 -9.03 -34.02 -12.82
CA ALA H 262 -10.30 -34.15 -13.52
C ALA H 262 -10.63 -35.62 -13.75
N ALA H 263 -9.66 -36.40 -14.20
CA ALA H 263 -9.90 -37.82 -14.42
C ALA H 263 -10.26 -38.52 -13.11
N ILE H 264 -9.49 -38.26 -12.05
CA ILE H 264 -9.74 -38.94 -10.78
C ILE H 264 -11.11 -38.56 -10.23
N ALA H 265 -11.50 -37.30 -10.38
CA ALA H 265 -12.81 -36.87 -9.91
C ALA H 265 -13.92 -37.48 -10.74
N TRP H 266 -13.73 -37.58 -12.05
CA TRP H 266 -14.75 -38.20 -12.89
C TRP H 266 -14.94 -39.66 -12.52
N LEU H 267 -13.86 -40.37 -12.19
CA LEU H 267 -14.00 -41.77 -11.82
C LEU H 267 -14.69 -41.92 -10.47
N LEU H 268 -14.70 -40.88 -9.65
CA LEU H 268 -15.30 -40.93 -8.33
C LEU H 268 -16.64 -40.20 -8.31
N GLY H 269 -17.59 -40.71 -7.55
CA GLY H 269 -18.82 -39.97 -7.36
C GLY H 269 -19.81 -40.16 -8.47
N SER H 270 -21.06 -40.45 -8.12
CA SER H 270 -22.07 -40.74 -9.13
C SER H 270 -22.52 -39.46 -9.84
N SER H 271 -23.10 -38.52 -9.11
CA SER H 271 -23.72 -37.37 -9.72
C SER H 271 -22.67 -36.36 -10.18
N THR H 272 -23.12 -35.35 -10.92
CA THR H 272 -22.23 -34.31 -11.40
C THR H 272 -21.70 -33.45 -10.25
N SER H 273 -22.59 -33.10 -9.30
CA SER H 273 -22.17 -32.26 -8.20
C SER H 273 -21.08 -32.93 -7.36
N GLN H 274 -21.23 -34.24 -7.12
CA GLN H 274 -20.21 -34.96 -6.38
C GLN H 274 -18.87 -34.94 -7.12
N LYS H 275 -18.90 -35.09 -8.44
CA LYS H 275 -17.65 -35.10 -9.18
C LYS H 275 -16.99 -33.73 -9.18
N VAL H 276 -17.79 -32.67 -9.28
CA VAL H 276 -17.21 -31.33 -9.23
C VAL H 276 -16.63 -31.04 -7.85
N ILE H 277 -17.31 -31.48 -6.80
CA ILE H 277 -16.79 -31.27 -5.46
C ILE H 277 -15.51 -32.05 -5.24
N TYR H 278 -15.45 -33.28 -5.76
CA TYR H 278 -14.21 -34.04 -5.69
C TYR H 278 -13.09 -33.34 -6.43
N LEU H 279 -13.39 -32.79 -7.61
CA LEU H 279 -12.38 -32.05 -8.37
C LEU H 279 -11.84 -30.89 -7.55
N VAL H 280 -12.75 -30.10 -6.97
CA VAL H 280 -12.31 -28.92 -6.22
C VAL H 280 -11.50 -29.33 -5.01
N MET H 281 -11.94 -30.36 -4.30
CA MET H 281 -11.22 -30.74 -3.09
C MET H 281 -9.86 -31.36 -3.40
N ILE H 282 -9.74 -32.09 -4.51
CA ILE H 282 -8.42 -32.59 -4.90
C ILE H 282 -7.51 -31.44 -5.29
N LEU H 283 -8.01 -30.53 -6.14
CA LEU H 283 -7.22 -29.38 -6.56
C LEU H 283 -6.88 -28.48 -5.39
N LEU H 284 -7.63 -28.59 -4.29
CA LEU H 284 -7.32 -27.83 -3.08
C LEU H 284 -6.24 -28.53 -2.26
N ILE H 285 -6.40 -29.85 -2.08
CA ILE H 285 -5.55 -30.57 -1.14
C ILE H 285 -4.17 -30.82 -1.73
N ALA H 286 -4.05 -30.86 -3.06
CA ALA H 286 -2.73 -31.15 -3.64
C ALA H 286 -1.72 -30.03 -3.39
N PRO H 287 -2.01 -28.77 -3.69
CA PRO H 287 -0.97 -27.74 -3.51
C PRO H 287 -0.47 -27.62 -2.09
N ALA H 288 -1.31 -27.89 -1.11
CA ALA H 288 -0.86 -27.85 0.27
C ALA H 288 -0.09 -29.09 0.66
N TYR H 289 -0.15 -30.17 -0.13
CA TYR H 289 0.39 -31.47 0.25
C TYR H 289 -0.10 -31.88 1.63
N SER H 290 -1.30 -31.45 1.99
CA SER H 290 -1.78 -31.60 3.35
C SER H 290 -1.92 -33.05 3.74
N ILE I 136 40.33 -51.46 -4.97
CA ILE I 136 40.97 -50.24 -5.36
C ILE I 136 39.88 -49.35 -5.79
N ARG I 137 39.78 -48.20 -5.14
CA ARG I 137 38.74 -47.22 -5.43
C ARG I 137 37.38 -47.67 -4.91
N CYS I 138 36.92 -48.83 -5.36
CA CYS I 138 35.60 -49.33 -4.97
C CYS I 138 35.46 -50.57 -4.05
N ILE I 139 36.52 -51.07 -3.43
CA ILE I 139 36.30 -52.27 -2.62
C ILE I 139 35.20 -52.03 -1.59
N GLY I 140 35.33 -50.97 -0.81
CA GLY I 140 34.42 -50.72 0.28
C GLY I 140 33.31 -49.74 0.01
N VAL I 141 33.08 -49.35 -1.25
CA VAL I 141 32.14 -48.27 -1.53
C VAL I 141 30.72 -48.67 -1.18
N SER I 142 30.41 -49.96 -1.22
CA SER I 142 29.11 -50.51 -0.84
C SER I 142 27.97 -50.04 -1.73
N ASN I 143 28.26 -49.28 -2.77
CA ASN I 143 27.28 -48.91 -3.77
C ASN I 143 27.84 -49.15 -5.15
N ARG I 144 28.72 -50.13 -5.27
CA ARG I 144 29.41 -50.42 -6.52
C ARG I 144 28.70 -51.54 -7.24
N ASP I 145 28.74 -51.49 -8.56
CA ASP I 145 28.15 -52.53 -9.39
C ASP I 145 29.16 -52.97 -10.44
N PHE I 146 29.05 -54.20 -10.87
CA PHE I 146 29.99 -54.80 -11.80
C PHE I 146 29.37 -54.80 -13.19
N VAL I 147 30.09 -54.25 -14.16
CA VAL I 147 29.67 -54.29 -15.55
C VAL I 147 30.57 -55.30 -16.25
N GLU I 148 30.01 -56.43 -16.63
CA GLU I 148 30.79 -57.55 -17.15
C GLU I 148 30.77 -57.53 -18.67
N GLY I 149 31.94 -57.71 -19.26
CA GLY I 149 32.04 -58.02 -20.67
C GLY I 149 31.67 -56.86 -21.57
N MET I 150 31.90 -57.09 -22.86
CA MET I 150 31.62 -56.10 -23.89
C MET I 150 31.20 -56.88 -25.14
N SER I 151 29.89 -57.11 -25.27
CA SER I 151 29.40 -57.87 -26.41
C SER I 151 29.54 -57.11 -27.73
N GLY I 152 29.95 -55.85 -27.68
CA GLY I 152 30.38 -55.12 -28.85
C GLY I 152 31.83 -55.29 -29.19
N GLY I 153 32.56 -56.06 -28.38
CA GLY I 153 33.97 -56.28 -28.59
C GLY I 153 34.86 -55.11 -28.25
N THR I 154 34.35 -53.88 -28.33
CA THR I 154 35.16 -52.71 -28.10
C THR I 154 34.70 -51.92 -26.87
N TRP I 155 33.44 -51.52 -26.82
CA TRP I 155 32.99 -50.52 -25.87
C TRP I 155 31.82 -51.03 -25.03
N VAL I 156 31.64 -50.36 -23.89
CA VAL I 156 30.48 -50.54 -23.03
C VAL I 156 30.01 -49.17 -22.59
N ASP I 157 28.71 -48.94 -22.68
CA ASP I 157 28.13 -47.70 -22.19
C ASP I 157 27.96 -47.83 -20.68
N VAL I 158 28.15 -46.72 -19.97
CA VAL I 158 28.11 -46.74 -18.51
C VAL I 158 27.65 -45.38 -18.01
N VAL I 159 26.76 -45.39 -17.03
CA VAL I 159 26.32 -44.18 -16.35
C VAL I 159 27.06 -44.07 -15.04
N LEU I 160 27.66 -42.92 -14.78
CA LEU I 160 28.43 -42.69 -13.57
C LEU I 160 27.64 -41.79 -12.63
N GLU I 161 27.71 -42.10 -11.34
CA GLU I 161 26.99 -41.35 -10.33
C GLU I 161 27.91 -41.04 -9.16
N HIS I 162 27.56 -39.99 -8.42
CA HIS I 162 28.43 -39.55 -7.34
C HIS I 162 28.48 -40.56 -6.21
N GLY I 163 27.36 -41.21 -5.92
CA GLY I 163 27.32 -42.09 -4.76
C GLY I 163 28.31 -43.22 -4.84
N GLY I 164 28.22 -44.03 -5.89
CA GLY I 164 29.06 -45.21 -5.99
C GLY I 164 29.98 -45.21 -7.19
N CYS I 165 30.60 -46.34 -7.46
CA CYS I 165 31.53 -46.44 -8.58
C CYS I 165 31.36 -47.77 -9.28
N VAL I 166 31.91 -47.84 -10.49
CA VAL I 166 31.64 -48.94 -11.41
C VAL I 166 32.95 -49.67 -11.64
N THR I 167 32.97 -50.96 -11.37
CA THR I 167 34.12 -51.80 -11.70
C THR I 167 33.79 -52.56 -12.97
N VAL I 168 34.54 -52.29 -14.03
CA VAL I 168 34.32 -52.88 -15.34
C VAL I 168 35.37 -53.96 -15.54
N MET I 169 34.91 -55.17 -15.85
CA MET I 169 35.78 -56.30 -16.11
C MET I 169 35.49 -56.85 -17.48
N ALA I 170 36.52 -56.98 -18.30
CA ALA I 170 36.39 -57.44 -19.67
C ALA I 170 36.80 -58.90 -19.77
N GLN I 171 36.83 -59.41 -21.00
CA GLN I 171 37.17 -60.82 -21.21
C GLN I 171 38.60 -61.12 -20.78
N ASP I 172 39.56 -60.45 -21.40
CA ASP I 172 40.97 -60.66 -21.09
C ASP I 172 41.68 -59.33 -20.96
N LYS I 173 41.08 -58.40 -20.23
CA LYS I 173 41.61 -57.07 -20.02
C LYS I 173 41.54 -56.71 -18.55
N PRO I 174 42.41 -55.83 -18.08
CA PRO I 174 42.49 -55.57 -16.64
C PRO I 174 41.26 -54.85 -16.14
N THR I 175 40.79 -55.25 -14.96
CA THR I 175 39.59 -54.67 -14.38
C THR I 175 39.85 -53.23 -13.96
N VAL I 176 38.99 -52.32 -14.40
CA VAL I 176 39.16 -50.89 -14.13
C VAL I 176 38.00 -50.41 -13.28
N ASP I 177 38.31 -49.73 -12.18
CA ASP I 177 37.30 -49.15 -11.31
C ASP I 177 37.24 -47.65 -11.57
N ILE I 178 36.05 -47.16 -11.90
CA ILE I 178 35.84 -45.79 -12.35
C ILE I 178 34.87 -45.12 -11.39
N GLU I 179 35.15 -43.88 -11.02
CA GLU I 179 34.28 -43.15 -10.11
C GLU I 179 34.22 -41.68 -10.50
N LEU I 180 33.01 -41.14 -10.53
CA LEU I 180 32.84 -39.70 -10.65
C LEU I 180 33.06 -39.08 -9.29
N VAL I 181 33.85 -38.01 -9.24
CA VAL I 181 34.34 -37.47 -7.98
C VAL I 181 33.68 -36.14 -7.63
N THR I 182 33.85 -35.13 -8.47
CA THR I 182 33.30 -33.80 -8.20
C THR I 182 32.83 -33.18 -9.49
N THR I 183 31.81 -32.32 -9.41
CA THR I 183 31.41 -31.52 -10.56
C THR I 183 31.56 -30.06 -10.20
N THR I 184 32.43 -29.35 -10.92
CA THR I 184 32.64 -27.93 -10.66
C THR I 184 31.89 -27.10 -11.70
N VAL I 185 31.29 -26.01 -11.25
CA VAL I 185 30.68 -25.03 -12.14
C VAL I 185 31.49 -23.74 -12.02
N SER I 186 31.62 -23.03 -13.13
CA SER I 186 32.52 -21.90 -13.19
C SER I 186 31.84 -20.71 -13.83
N ASN I 187 32.29 -19.52 -13.42
CA ASN I 187 31.80 -18.23 -13.91
C ASN I 187 30.28 -18.21 -14.06
N MET I 188 29.61 -18.28 -12.91
CA MET I 188 28.17 -18.10 -12.90
C MET I 188 27.84 -16.61 -12.90
N ALA I 189 26.63 -16.30 -13.35
CA ALA I 189 26.21 -14.92 -13.57
C ALA I 189 25.10 -14.59 -12.59
N GLU I 190 25.33 -13.57 -11.76
CA GLU I 190 24.38 -13.21 -10.72
C GLU I 190 23.05 -12.77 -11.33
N VAL I 191 21.96 -13.23 -10.73
CA VAL I 191 20.61 -12.95 -11.23
C VAL I 191 19.69 -12.70 -10.03
N ARG I 192 19.12 -11.49 -9.94
CA ARG I 192 18.00 -11.25 -9.05
C ARG I 192 18.25 -11.63 -7.61
N SER I 193 19.03 -10.84 -6.88
CA SER I 193 19.30 -11.12 -5.48
C SER I 193 18.16 -10.65 -4.60
N TYR I 194 17.74 -11.50 -3.67
CA TYR I 194 16.63 -11.21 -2.75
C TYR I 194 17.16 -10.67 -1.43
N CYS I 195 16.26 -10.03 -0.67
CA CYS I 195 16.58 -9.47 0.63
C CYS I 195 15.72 -10.15 1.69
N TYR I 196 16.37 -10.83 2.63
CA TYR I 196 15.63 -11.58 3.63
C TYR I 196 15.68 -10.98 5.03
N GLU I 197 16.37 -9.86 5.24
CA GLU I 197 16.34 -9.22 6.55
C GLU I 197 16.29 -7.72 6.37
N ALA I 198 15.11 -7.14 6.55
CA ALA I 198 14.91 -5.72 6.37
C ALA I 198 15.14 -4.96 7.67
N SER I 199 15.34 -3.66 7.53
CA SER I 199 15.48 -2.76 8.65
C SER I 199 14.85 -1.44 8.26
N ILE I 200 14.19 -0.81 9.23
CA ILE I 200 13.37 0.36 8.96
C ILE I 200 14.04 1.57 9.61
N SER I 201 13.56 2.75 9.26
CA SER I 201 14.23 3.99 9.62
C SER I 201 13.17 5.06 9.85
N ASP I 202 13.56 6.33 9.73
CA ASP I 202 12.77 7.43 10.23
C ASP I 202 11.42 7.55 9.54
N MET I 203 10.36 7.18 10.23
CA MET I 203 9.02 7.30 9.69
C MET I 203 8.59 8.75 9.62
N ALA I 204 7.54 9.00 8.85
CA ALA I 204 6.91 10.31 8.78
C ALA I 204 5.48 10.10 8.31
N SER I 205 4.66 11.14 8.43
CA SER I 205 3.25 10.99 8.11
C SER I 205 2.63 12.35 7.79
N ASP I 206 1.44 12.29 7.20
CA ASP I 206 0.72 13.47 6.77
C ASP I 206 -0.77 13.16 6.72
N SER I 207 -1.59 14.13 7.12
CA SER I 207 -3.04 13.94 7.19
C SER I 207 -3.76 15.08 6.48
N ARG I 208 -5.02 14.85 6.17
CA ARG I 208 -5.78 15.84 5.45
C ARG I 208 -7.16 15.91 6.05
N CYS I 209 -7.88 16.96 5.69
CA CYS I 209 -9.25 17.17 6.13
C CYS I 209 -10.16 16.15 5.46
N PRO I 210 -11.33 15.91 6.07
CA PRO I 210 -12.30 14.93 5.58
C PRO I 210 -12.67 15.33 4.16
N THR I 211 -12.48 16.60 3.85
CA THR I 211 -12.79 17.08 2.51
C THR I 211 -11.68 18.05 2.14
N GLN I 212 -10.58 17.46 1.71
CA GLN I 212 -9.45 18.11 1.07
C GLN I 212 -8.97 17.07 0.06
N GLY I 213 -7.72 17.14 -0.34
CA GLY I 213 -7.27 16.14 -1.28
C GLY I 213 -6.89 14.86 -0.57
N GLU I 214 -5.69 14.37 -0.83
CA GLU I 214 -5.16 13.22 -0.12
C GLU I 214 -3.79 13.61 0.42
N ALA I 215 -3.37 12.93 1.48
CA ALA I 215 -2.10 13.28 2.09
C ALA I 215 -0.98 13.02 1.12
N TYR I 216 0.08 13.81 1.24
CA TYR I 216 1.24 13.63 0.38
C TYR I 216 2.48 14.02 1.15
N LEU I 217 3.32 13.04 1.46
CA LEU I 217 4.66 13.31 1.94
C LEU I 217 5.59 13.49 0.77
N ASP I 218 6.51 14.44 0.88
CA ASP I 218 7.48 14.62 -0.19
C ASP I 218 8.44 13.45 -0.29
N LYS I 219 8.44 12.54 0.68
CA LYS I 219 9.26 11.34 0.62
C LYS I 219 8.57 10.23 -0.14
N GLN I 220 7.48 10.52 -0.84
CA GLN I 220 6.89 9.57 -1.76
C GLN I 220 7.52 9.61 -3.12
N SER I 221 8.29 10.65 -3.42
CA SER I 221 9.03 10.75 -4.68
C SER I 221 10.43 10.20 -4.54
N ASP I 222 10.66 9.36 -3.54
CA ASP I 222 11.96 8.74 -3.30
C ASP I 222 11.75 7.24 -3.28
N THR I 223 12.55 6.53 -4.07
CA THR I 223 12.39 5.07 -4.20
C THR I 223 13.11 4.32 -3.11
N GLN I 224 13.35 4.96 -1.98
CA GLN I 224 13.93 4.31 -0.83
C GLN I 224 12.96 4.25 0.33
N TYR I 225 11.76 4.78 0.17
CA TYR I 225 10.77 4.86 1.23
C TYR I 225 9.56 4.03 0.84
N VAL I 226 9.07 3.23 1.79
CA VAL I 226 7.81 2.54 1.65
C VAL I 226 6.72 3.43 2.22
N CYS I 227 5.65 3.63 1.46
CA CYS I 227 4.59 4.56 1.84
C CYS I 227 3.24 3.88 1.72
N LYS I 228 2.36 4.18 2.66
CA LYS I 228 1.03 3.59 2.72
C LYS I 228 0.01 4.66 3.05
N ARG I 229 -1.15 4.57 2.39
CA ARG I 229 -2.19 5.57 2.49
C ARG I 229 -3.47 4.94 3.03
N THR I 230 -4.12 5.61 3.99
CA THR I 230 -5.31 5.09 4.64
C THR I 230 -6.22 6.24 5.03
N LEU I 231 -7.29 5.92 5.76
CA LEU I 231 -8.27 6.89 6.21
C LEU I 231 -8.27 6.94 7.73
N VAL I 232 -8.29 8.14 8.28
CA VAL I 232 -8.22 8.35 9.72
C VAL I 232 -9.35 9.27 10.15
N ASP I 233 -9.92 8.99 11.32
CA ASP I 233 -10.97 9.83 11.87
C ASP I 233 -10.40 11.20 12.22
N ARG I 234 -11.06 12.26 11.76
CA ARG I 234 -10.58 13.61 11.99
C ARG I 234 -11.75 14.51 12.33
N GLY I 235 -11.46 15.57 13.09
CA GLY I 235 -12.39 16.66 13.20
C GLY I 235 -12.56 17.30 14.56
N TRP I 236 -12.36 18.62 14.59
CA TRP I 236 -12.89 19.50 15.63
C TRP I 236 -12.18 19.34 16.96
N GLY I 237 -11.45 18.24 17.12
CA GLY I 237 -10.48 18.09 18.18
C GLY I 237 -9.10 18.07 17.58
N ASN I 238 -9.01 17.38 16.44
CA ASN I 238 -7.73 17.16 15.78
C ASN I 238 -7.23 18.39 15.05
N GLY I 239 -8.13 19.23 14.56
CA GLY I 239 -7.63 20.45 13.95
C GLY I 239 -8.34 21.02 12.73
N CYS I 240 -9.33 20.33 12.16
CA CYS I 240 -10.09 20.95 11.08
C CYS I 240 -11.57 20.71 11.28
N GLY I 241 -12.36 21.75 11.06
CA GLY I 241 -13.78 21.61 11.26
C GLY I 241 -14.45 20.91 10.10
N LEU I 242 -14.67 19.62 10.31
CA LEU I 242 -15.44 18.69 9.50
C LEU I 242 -15.19 17.34 10.15
N PHE I 243 -16.05 16.37 9.91
CA PHE I 243 -16.01 15.18 10.74
C PHE I 243 -15.81 13.86 10.01
N GLY I 244 -15.69 13.87 8.69
CA GLY I 244 -15.55 12.61 7.99
C GLY I 244 -14.22 11.92 8.23
N LYS I 245 -13.86 11.00 7.36
CA LYS I 245 -12.58 10.33 7.42
C LYS I 245 -11.53 11.14 6.67
N GLY I 246 -10.40 11.38 7.31
CA GLY I 246 -9.29 12.05 6.68
C GLY I 246 -8.53 11.09 5.79
N SER I 247 -7.35 11.54 5.36
CA SER I 247 -6.45 10.67 4.63
C SER I 247 -5.07 10.81 5.24
N LEU I 248 -4.47 9.67 5.61
CA LEU I 248 -3.20 9.64 6.31
C LEU I 248 -2.20 8.84 5.49
N VAL I 249 -1.02 9.40 5.29
CA VAL I 249 0.06 8.73 4.59
C VAL I 249 1.22 8.56 5.56
N THR I 250 1.81 7.37 5.58
CA THR I 250 2.98 7.12 6.40
C THR I 250 4.08 6.52 5.54
N CYS I 251 5.30 6.99 5.74
CA CYS I 251 6.44 6.57 4.95
C CYS I 251 7.60 6.20 5.87
N ALA I 252 8.38 5.22 5.46
CA ALA I 252 9.51 4.75 6.24
C ALA I 252 10.64 4.32 5.32
N LYS I 253 11.88 4.61 5.71
CA LYS I 253 13.04 4.29 4.89
C LYS I 253 13.43 2.83 5.07
N PHE I 254 13.73 2.17 3.96
CA PHE I 254 13.98 0.74 3.91
C PHE I 254 15.47 0.49 3.69
N ALA I 255 16.03 -0.48 4.43
CA ALA I 255 17.44 -0.81 4.28
C ALA I 255 17.63 -2.30 4.51
N CYS I 256 18.44 -2.96 3.68
CA CYS I 256 18.64 -4.39 3.86
C CYS I 256 20.08 -4.69 4.26
N SER I 257 20.26 -5.27 5.44
CA SER I 257 21.59 -5.62 5.93
C SER I 257 22.27 -6.69 5.07
N LYS I 258 21.51 -7.71 4.70
CA LYS I 258 22.02 -8.79 3.87
C LYS I 258 20.93 -9.40 3.01
N LYS I 259 21.31 -9.91 1.84
CA LYS I 259 20.35 -10.53 0.94
C LYS I 259 20.96 -11.76 0.28
N MET I 260 20.12 -12.74 -0.06
CA MET I 260 20.62 -13.92 -0.70
C MET I 260 20.66 -13.73 -2.16
N THR I 261 21.60 -14.31 -2.88
CA THR I 261 21.60 -14.11 -4.30
C THR I 261 21.74 -15.35 -5.04
N GLY I 262 21.06 -15.45 -6.13
CA GLY I 262 21.07 -16.58 -7.04
C GLY I 262 21.84 -16.27 -8.30
N LYS I 263 22.47 -17.29 -8.87
CA LYS I 263 23.29 -17.16 -10.06
C LYS I 263 22.88 -18.24 -11.05
N SER I 264 23.07 -17.97 -12.32
CA SER I 264 22.66 -18.88 -13.38
C SER I 264 23.79 -19.81 -13.75
N ILE I 265 23.44 -21.01 -14.17
CA ILE I 265 24.40 -22.04 -14.57
C ILE I 265 24.07 -22.41 -16.01
N GLN I 266 24.98 -22.10 -16.92
CA GLN I 266 24.86 -22.64 -18.26
C GLN I 266 25.33 -24.08 -18.27
N PRO I 267 24.79 -24.92 -19.15
CA PRO I 267 25.25 -26.31 -19.21
C PRO I 267 26.63 -26.44 -19.80
N GLU I 268 27.22 -25.36 -20.29
CA GLU I 268 28.62 -25.32 -20.64
C GLU I 268 29.40 -24.78 -19.45
N ASN I 269 30.71 -24.69 -19.63
CA ASN I 269 31.64 -24.22 -18.58
C ASN I 269 31.38 -24.91 -17.25
N LEU I 270 31.00 -26.18 -17.27
CA LEU I 270 30.94 -27.01 -16.08
C LEU I 270 31.76 -28.27 -16.33
N GLU I 271 32.62 -28.60 -15.37
CA GLU I 271 33.63 -29.63 -15.55
C GLU I 271 33.36 -30.81 -14.63
N TYR I 272 33.57 -32.01 -15.15
CA TYR I 272 33.53 -33.24 -14.37
C TYR I 272 34.94 -33.77 -14.19
N ARG I 273 35.18 -34.41 -13.06
CA ARG I 273 36.48 -34.98 -12.76
C ARG I 273 36.28 -36.44 -12.39
N ILE I 274 36.80 -37.33 -13.22
CA ILE I 274 36.64 -38.76 -13.04
C ILE I 274 37.96 -39.34 -12.57
N MET I 275 37.91 -40.19 -11.55
CA MET I 275 39.09 -40.88 -11.06
C MET I 275 38.94 -42.35 -11.38
N LEU I 276 39.94 -42.91 -12.05
CA LEU I 276 39.89 -44.33 -12.34
C LEU I 276 41.18 -44.99 -11.91
N SER I 277 41.07 -46.28 -11.60
CA SER I 277 42.22 -47.04 -11.10
C SER I 277 42.10 -48.46 -11.62
N VAL I 278 43.18 -49.21 -11.49
CA VAL I 278 43.26 -50.55 -12.03
C VAL I 278 43.67 -51.52 -10.94
N HIS I 279 43.21 -52.76 -11.08
CA HIS I 279 43.58 -53.81 -10.16
C HIS I 279 44.97 -54.33 -10.52
N GLY I 280 45.33 -55.49 -10.01
CA GLY I 280 46.64 -56.04 -10.31
C GLY I 280 47.61 -56.01 -9.16
N SER I 281 48.54 -55.05 -9.17
CA SER I 281 49.70 -55.09 -8.30
C SER I 281 49.56 -54.22 -7.06
N GLN I 282 48.48 -53.48 -6.91
CA GLN I 282 48.38 -52.54 -5.80
C GLN I 282 48.18 -53.26 -4.49
N HIS I 283 48.92 -52.83 -3.46
CA HIS I 283 48.69 -53.32 -2.11
C HIS I 283 47.55 -52.55 -1.47
N SER I 284 46.93 -53.16 -0.45
CA SER I 284 45.73 -52.63 0.18
C SER I 284 45.86 -51.17 0.58
N GLY I 285 47.08 -50.68 0.83
CA GLY I 285 47.25 -49.29 1.22
C GLY I 285 46.71 -48.32 0.19
N MET I 286 46.90 -48.63 -1.09
CA MET I 286 46.52 -47.72 -2.17
C MET I 286 45.05 -47.92 -2.56
N ILE I 287 44.16 -47.68 -1.61
CA ILE I 287 42.73 -47.74 -1.85
C ILE I 287 42.07 -46.37 -1.71
N VAL I 288 42.46 -45.61 -0.69
CA VAL I 288 41.85 -44.31 -0.44
C VAL I 288 42.95 -43.26 -0.42
N ASN I 289 44.06 -43.57 -1.06
CA ASN I 289 45.24 -42.71 -1.06
C ASN I 289 45.33 -41.99 -2.40
N ASP I 290 45.08 -40.68 -2.39
CA ASP I 290 45.20 -39.83 -3.57
C ASP I 290 46.27 -38.79 -3.29
N THR I 291 47.53 -39.16 -3.47
CA THR I 291 48.62 -38.20 -3.36
C THR I 291 49.31 -37.97 -4.69
N GLY I 292 49.85 -39.02 -5.30
CA GLY I 292 50.41 -38.89 -6.63
C GLY I 292 49.80 -39.89 -7.58
N HIS I 293 48.95 -39.41 -8.48
CA HIS I 293 48.44 -40.22 -9.57
C HIS I 293 49.10 -39.88 -10.89
N GLU I 294 50.00 -38.90 -10.89
CA GLU I 294 50.69 -38.52 -12.12
C GLU I 294 51.64 -39.62 -12.58
N THR I 295 52.31 -40.28 -11.63
CA THR I 295 53.39 -41.19 -11.96
C THR I 295 53.21 -42.61 -11.46
N ASP I 296 52.14 -42.90 -10.71
CA ASP I 296 52.02 -44.22 -10.11
C ASP I 296 51.53 -45.29 -11.08
N GLU I 297 51.34 -44.95 -12.35
CA GLU I 297 51.15 -45.90 -13.43
C GLU I 297 49.84 -46.67 -13.36
N ASN I 298 49.12 -46.63 -12.23
CA ASN I 298 47.92 -47.43 -12.08
C ASN I 298 46.68 -46.61 -11.81
N ARG I 299 46.80 -45.32 -11.56
CA ARG I 299 45.64 -44.46 -11.35
C ARG I 299 45.69 -43.31 -12.33
N ALA I 300 44.52 -42.79 -12.69
CA ALA I 300 44.44 -41.68 -13.62
C ALA I 300 43.28 -40.78 -13.24
N LYS I 301 43.40 -39.52 -13.64
CA LYS I 301 42.38 -38.50 -13.42
C LYS I 301 42.04 -37.88 -14.75
N VAL I 302 40.75 -37.76 -15.04
CA VAL I 302 40.26 -37.31 -16.33
C VAL I 302 39.35 -36.12 -16.11
N GLU I 303 39.67 -35.00 -16.74
CA GLU I 303 38.83 -33.81 -16.72
C GLU I 303 37.99 -33.80 -17.98
N ILE I 304 36.69 -33.59 -17.84
CA ILE I 304 35.76 -33.66 -18.96
C ILE I 304 34.87 -32.44 -18.94
N THR I 305 34.85 -31.72 -20.05
CA THR I 305 34.03 -30.52 -20.23
C THR I 305 33.33 -30.63 -21.57
N PRO I 306 32.27 -29.86 -21.78
CA PRO I 306 31.62 -29.89 -23.11
C PRO I 306 32.58 -29.60 -24.25
N ASN I 307 33.59 -28.76 -24.03
CA ASN I 307 34.55 -28.47 -25.08
C ASN I 307 35.47 -29.64 -25.38
N SER I 308 35.61 -30.58 -24.44
CA SER I 308 36.41 -31.78 -24.67
C SER I 308 35.68 -32.95 -24.02
N PRO I 309 34.60 -33.41 -24.64
CA PRO I 309 33.77 -34.43 -24.01
C PRO I 309 34.41 -35.80 -24.01
N ARG I 310 35.47 -36.01 -24.76
CA ARG I 310 36.13 -37.31 -24.82
C ARG I 310 37.56 -37.18 -24.34
N ALA I 311 38.08 -38.26 -23.77
CA ALA I 311 39.45 -38.27 -23.29
C ALA I 311 40.00 -39.68 -23.41
N GLU I 312 41.31 -39.79 -23.25
CA GLU I 312 41.99 -41.07 -23.17
C GLU I 312 42.80 -41.11 -21.88
N ALA I 313 42.48 -42.07 -21.01
CA ALA I 313 43.19 -42.24 -19.76
C ALA I 313 44.39 -43.14 -20.04
N THR I 314 45.59 -42.59 -19.96
CA THR I 314 46.79 -43.34 -20.25
C THR I 314 47.29 -44.06 -19.01
N LEU I 315 47.32 -45.38 -19.05
CA LEU I 315 47.85 -46.20 -17.97
C LEU I 315 49.08 -46.89 -18.49
N GLY I 316 50.25 -46.50 -17.97
CA GLY I 316 51.49 -47.07 -18.42
C GLY I 316 51.53 -48.58 -18.31
N GLY I 317 51.86 -49.26 -19.40
CA GLY I 317 51.90 -50.70 -19.41
C GLY I 317 50.56 -51.37 -19.61
N PHE I 318 49.47 -50.67 -19.34
CA PHE I 318 48.14 -51.15 -19.62
C PHE I 318 47.55 -50.56 -20.88
N GLY I 319 48.23 -49.61 -21.49
CA GLY I 319 47.70 -48.94 -22.67
C GLY I 319 46.91 -47.71 -22.29
N SER I 320 45.69 -47.60 -22.82
CA SER I 320 44.87 -46.45 -22.52
C SER I 320 43.40 -46.83 -22.67
N LEU I 321 42.58 -46.30 -21.77
CA LEU I 321 41.14 -46.50 -21.83
C LEU I 321 40.50 -45.26 -22.46
N GLY I 322 39.83 -45.44 -23.59
CA GLY I 322 39.12 -44.33 -24.18
C GLY I 322 37.81 -44.10 -23.46
N LEU I 323 37.43 -42.85 -23.28
CA LEU I 323 36.28 -42.49 -22.47
C LEU I 323 35.52 -41.37 -23.17
N ASP I 324 34.35 -41.68 -23.71
CA ASP I 324 33.54 -40.69 -24.42
C ASP I 324 32.27 -40.41 -23.63
N CYS I 325 32.10 -39.17 -23.20
CA CYS I 325 31.08 -38.85 -22.22
C CYS I 325 30.16 -37.78 -22.75
N GLU I 326 28.99 -37.70 -22.14
CA GLU I 326 27.99 -36.71 -22.52
C GLU I 326 27.83 -35.69 -21.40
N PRO I 327 28.56 -34.59 -21.43
CA PRO I 327 28.54 -33.67 -20.28
C PRO I 327 27.36 -32.71 -20.30
N ARG I 328 26.93 -32.37 -21.47
CA ARG I 328 25.88 -31.41 -21.58
C ARG I 328 24.65 -31.88 -20.99
N THR I 329 24.38 -33.14 -21.10
CA THR I 329 23.13 -33.63 -20.62
C THR I 329 23.13 -34.38 -19.34
N GLY I 330 24.19 -34.33 -18.57
CA GLY I 330 24.18 -35.12 -17.37
C GLY I 330 23.12 -34.78 -16.36
N LEU I 331 22.94 -33.52 -16.00
CA LEU I 331 21.95 -33.25 -15.00
C LEU I 331 21.20 -31.96 -15.03
N ASP I 332 20.39 -31.81 -16.00
CA ASP I 332 19.39 -30.73 -16.04
C ASP I 332 19.93 -29.31 -15.88
N PHE I 333 21.24 -29.11 -16.06
CA PHE I 333 21.80 -27.80 -15.72
C PHE I 333 21.34 -26.73 -16.69
N SER I 334 20.04 -26.51 -16.76
CA SER I 334 19.45 -25.37 -17.46
C SER I 334 18.26 -24.86 -16.67
N ASP I 335 18.07 -25.38 -15.48
CA ASP I 335 17.01 -24.93 -14.61
C ASP I 335 17.48 -24.76 -13.17
N LEU I 336 18.75 -24.95 -12.89
CA LEU I 336 19.26 -24.95 -11.53
C LEU I 336 20.12 -23.71 -11.33
N TYR I 337 19.61 -22.76 -10.58
CA TYR I 337 20.41 -21.66 -10.09
C TYR I 337 21.25 -22.10 -8.90
N TYR I 338 22.35 -21.40 -8.70
CA TYR I 338 23.18 -21.52 -7.51
C TYR I 338 22.73 -20.47 -6.52
N LEU I 339 22.44 -20.87 -5.29
CA LEU I 339 21.86 -19.97 -4.30
C LEU I 339 22.79 -19.84 -3.11
N THR I 340 23.08 -18.61 -2.71
CA THR I 340 23.85 -18.35 -1.51
C THR I 340 23.08 -17.42 -0.58
N MET I 341 23.12 -17.71 0.72
CA MET I 341 22.54 -16.83 1.72
C MET I 341 23.62 -16.23 2.62
N ASN I 342 24.33 -17.04 3.38
CA ASN I 342 25.50 -16.55 4.11
C ASN I 342 26.47 -17.73 4.23
N ASN I 343 27.38 -17.83 3.27
CA ASN I 343 28.38 -18.88 3.25
C ASN I 343 27.77 -20.27 3.24
N LYS I 344 26.53 -20.39 2.78
CA LYS I 344 25.89 -21.67 2.53
C LYS I 344 25.28 -21.63 1.15
N HIS I 345 25.55 -22.65 0.35
CA HIS I 345 25.18 -22.65 -1.06
C HIS I 345 24.32 -23.87 -1.38
N TRP I 346 23.33 -23.67 -2.23
CA TRP I 346 22.41 -24.72 -2.63
C TRP I 346 22.25 -24.72 -4.15
N LEU I 347 21.77 -25.84 -4.68
CA LEU I 347 21.28 -25.93 -6.04
C LEU I 347 19.76 -25.84 -5.97
N VAL I 348 19.19 -24.94 -6.76
CA VAL I 348 17.78 -24.58 -6.61
C VAL I 348 17.15 -24.54 -7.99
N HIS I 349 15.93 -25.03 -8.10
CA HIS I 349 15.27 -25.04 -9.39
C HIS I 349 14.89 -23.60 -9.78
N LYS I 350 14.66 -23.38 -11.06
CA LYS I 350 13.93 -22.16 -11.39
C LYS I 350 12.49 -22.34 -10.93
N GLU I 351 11.71 -21.28 -11.06
CA GLU I 351 10.31 -21.27 -10.65
C GLU I 351 10.16 -21.47 -9.15
N TRP I 352 11.22 -21.81 -8.44
CA TRP I 352 11.27 -21.66 -7.00
C TRP I 352 12.11 -20.47 -6.63
N PHE I 353 12.93 -19.97 -7.54
CA PHE I 353 13.70 -18.77 -7.30
C PHE I 353 13.11 -17.64 -8.11
N HIS I 354 11.86 -17.79 -8.50
CA HIS I 354 11.11 -16.68 -9.07
C HIS I 354 9.76 -16.48 -8.39
N ASP I 355 9.19 -17.51 -7.80
CA ASP I 355 7.97 -17.35 -7.02
C ASP I 355 8.26 -17.12 -5.55
N ILE I 356 9.15 -16.18 -5.25
CA ILE I 356 9.48 -15.92 -3.85
C ILE I 356 8.98 -14.54 -3.49
N PRO I 357 8.19 -14.40 -2.44
CA PRO I 357 7.67 -13.07 -2.08
C PRO I 357 8.62 -12.31 -1.16
N LEU I 358 9.70 -11.80 -1.72
CA LEU I 358 10.68 -11.05 -0.96
C LEU I 358 11.20 -9.90 -1.81
N PRO I 359 11.63 -8.81 -1.19
CA PRO I 359 12.16 -7.68 -1.96
C PRO I 359 13.38 -8.09 -2.76
N TRP I 360 13.31 -7.87 -4.07
CA TRP I 360 14.33 -8.37 -4.99
C TRP I 360 14.93 -7.24 -5.81
N HIS I 361 16.25 -7.18 -5.83
CA HIS I 361 16.94 -6.39 -6.83
C HIS I 361 16.96 -7.16 -8.14
N ALA I 362 17.62 -6.62 -9.15
CA ALA I 362 17.54 -7.20 -10.48
C ALA I 362 18.90 -7.34 -11.12
N GLY I 363 19.89 -7.81 -10.37
CA GLY I 363 21.15 -8.13 -10.99
C GLY I 363 22.33 -7.33 -10.49
N ALA I 364 22.83 -6.43 -11.33
CA ALA I 364 24.04 -5.67 -11.02
C ALA I 364 23.73 -4.62 -9.96
N ASP I 365 24.05 -4.93 -8.71
CA ASP I 365 24.01 -3.94 -7.66
C ASP I 365 25.17 -2.99 -7.84
N THR I 366 24.88 -1.73 -8.17
CA THR I 366 25.93 -0.82 -8.57
C THR I 366 26.15 0.33 -7.60
N GLY I 367 25.12 1.16 -7.39
CA GLY I 367 25.28 2.31 -6.53
C GLY I 367 24.35 2.26 -5.34
N THR I 368 23.28 3.02 -5.42
CA THR I 368 22.27 2.99 -4.39
C THR I 368 21.30 1.88 -4.69
N PRO I 369 21.02 1.00 -3.72
CA PRO I 369 20.25 -0.20 -4.01
C PRO I 369 18.78 0.13 -4.20
N HIS I 370 18.15 -0.59 -5.14
CA HIS I 370 16.75 -0.41 -5.44
C HIS I 370 16.02 -1.75 -5.29
N TRP I 371 14.91 -1.74 -4.57
CA TRP I 371 14.13 -2.95 -4.37
C TRP I 371 12.78 -2.78 -5.07
N ASN I 372 12.41 -3.73 -5.91
CA ASN I 372 11.15 -3.64 -6.62
C ASN I 372 9.98 -3.62 -5.64
N ASN I 373 10.03 -4.49 -4.64
CA ASN I 373 8.98 -4.54 -3.64
C ASN I 373 9.48 -4.46 -2.20
N LYS I 374 8.98 -3.47 -1.46
CA LYS I 374 9.31 -3.31 -0.06
C LYS I 374 8.07 -3.84 0.65
N GLU I 375 7.18 -4.37 -0.19
CA GLU I 375 5.89 -4.91 0.20
C GLU I 375 6.11 -6.27 0.84
N ALA I 376 5.49 -6.45 2.02
CA ALA I 376 5.49 -7.65 2.89
C ALA I 376 6.76 -7.84 3.75
N LEU I 377 7.71 -6.93 3.57
CA LEU I 377 8.94 -6.91 4.35
C LEU I 377 8.65 -5.77 5.29
N VAL I 378 7.49 -5.14 5.05
CA VAL I 378 7.03 -4.03 5.87
C VAL I 378 5.52 -4.18 6.04
N GLU I 379 5.06 -4.05 7.28
CA GLU I 379 3.67 -4.22 7.63
C GLU I 379 3.12 -2.89 8.13
N PHE I 380 2.09 -2.39 7.44
CA PHE I 380 1.43 -1.13 7.76
C PHE I 380 0.12 -1.42 8.48
N LYS I 381 0.19 -1.49 9.80
CA LYS I 381 -1.06 -1.57 10.54
C LYS I 381 -1.53 -0.17 10.89
N ASP I 382 -2.72 -0.08 11.49
CA ASP I 382 -3.21 1.18 12.00
C ASP I 382 -3.88 0.93 13.34
N ALA I 383 -3.81 1.94 14.21
CA ALA I 383 -4.43 1.82 15.52
C ALA I 383 -5.92 2.02 15.36
N HIS I 384 -6.63 2.20 16.47
CA HIS I 384 -8.10 2.27 16.42
C HIS I 384 -8.52 3.54 15.69
N ALA I 385 -8.31 3.52 14.38
CA ALA I 385 -8.73 4.52 13.40
C ALA I 385 -8.02 5.85 13.57
N LYS I 386 -7.02 5.98 14.43
CA LYS I 386 -6.45 7.29 14.70
C LYS I 386 -4.93 7.30 14.60
N ARG I 387 -4.32 6.31 13.98
CA ARG I 387 -2.86 6.25 13.87
C ARG I 387 -2.49 5.37 12.70
N GLN I 388 -1.19 5.23 12.47
CA GLN I 388 -0.65 4.21 11.61
C GLN I 388 0.71 3.79 12.14
N THR I 389 1.05 2.53 11.93
CA THR I 389 2.26 1.96 12.49
C THR I 389 2.93 1.08 11.44
N VAL I 390 4.25 1.17 11.37
CA VAL I 390 5.05 0.47 10.38
C VAL I 390 6.02 -0.43 11.12
N VAL I 391 5.99 -1.72 10.82
CA VAL I 391 6.91 -2.66 11.44
C VAL I 391 7.57 -3.50 10.35
N VAL I 392 8.70 -4.09 10.68
CA VAL I 392 9.39 -5.01 9.78
C VAL I 392 9.28 -6.42 10.32
N LEU I 393 9.23 -7.38 9.42
CA LEU I 393 9.20 -8.79 9.79
C LEU I 393 10.62 -9.31 9.92
N GLY I 394 10.84 -10.19 10.90
CA GLY I 394 12.20 -10.49 11.31
C GLY I 394 12.96 -11.57 10.58
N SER I 395 13.78 -11.14 9.62
CA SER I 395 14.97 -11.85 9.18
C SER I 395 14.75 -13.11 8.36
N GLN I 396 13.55 -13.69 8.35
CA GLN I 396 13.11 -14.54 7.24
C GLN I 396 14.03 -15.71 6.92
N GLU I 397 15.16 -15.84 7.61
CA GLU I 397 16.20 -16.78 7.21
C GLU I 397 15.92 -18.19 7.69
N GLY I 398 14.83 -18.39 8.41
CA GLY I 398 14.51 -19.72 8.86
C GLY I 398 13.37 -20.24 8.03
N ALA I 399 12.57 -19.31 7.51
CA ALA I 399 11.51 -19.70 6.60
C ALA I 399 12.09 -20.23 5.31
N VAL I 400 13.16 -19.61 4.82
CA VAL I 400 13.78 -20.08 3.58
C VAL I 400 14.44 -21.42 3.79
N HIS I 401 15.08 -21.62 4.94
CA HIS I 401 15.67 -22.93 5.22
C HIS I 401 14.62 -24.02 5.16
N THR I 402 13.43 -23.75 5.67
CA THR I 402 12.36 -24.73 5.57
C THR I 402 11.76 -24.75 4.16
N ALA I 403 11.66 -23.59 3.53
CA ALA I 403 11.18 -23.55 2.15
C ALA I 403 12.07 -24.38 1.25
N LEU I 404 13.37 -24.37 1.52
CA LEU I 404 14.30 -25.26 0.82
C LEU I 404 14.09 -26.68 1.35
N ALA I 405 13.63 -27.57 0.48
CA ALA I 405 13.56 -28.98 0.82
C ALA I 405 13.55 -29.72 -0.50
N GLY I 406 14.38 -30.74 -0.61
CA GLY I 406 14.64 -31.30 -1.92
C GLY I 406 15.55 -30.46 -2.78
N ALA I 407 16.27 -29.52 -2.18
CA ALA I 407 17.28 -28.74 -2.89
C ALA I 407 18.65 -29.25 -2.46
N LEU I 408 19.52 -29.45 -3.43
CA LEU I 408 20.80 -30.10 -3.15
C LEU I 408 21.76 -29.15 -2.43
N GLU I 409 22.61 -29.74 -1.61
CA GLU I 409 23.67 -29.01 -0.94
C GLU I 409 24.89 -28.89 -1.85
N ALA I 410 25.46 -27.70 -1.92
CA ALA I 410 26.67 -27.47 -2.69
C ALA I 410 27.66 -26.66 -1.87
N GLU I 411 28.93 -26.76 -2.22
CA GLU I 411 29.93 -25.91 -1.60
C GLU I 411 30.61 -25.08 -2.67
N MET I 412 31.49 -24.18 -2.25
CA MET I 412 32.11 -23.26 -3.20
C MET I 412 33.54 -22.98 -2.81
N ASP I 413 34.44 -23.09 -3.79
CA ASP I 413 35.82 -22.67 -3.65
C ASP I 413 36.07 -21.52 -4.62
N GLY I 414 36.41 -20.36 -4.08
CA GLY I 414 36.59 -19.18 -4.91
C GLY I 414 35.37 -18.92 -5.77
N ALA I 415 35.61 -18.61 -7.03
CA ALA I 415 34.52 -18.33 -7.95
C ALA I 415 33.85 -19.58 -8.49
N LYS I 416 34.30 -20.78 -8.10
CA LYS I 416 33.77 -22.01 -8.65
C LYS I 416 32.96 -22.75 -7.59
N GLY I 417 31.92 -23.43 -8.05
CA GLY I 417 31.03 -24.15 -7.15
C GLY I 417 31.11 -25.64 -7.30
N ARG I 418 31.42 -26.35 -6.23
CA ARG I 418 31.53 -27.80 -6.27
C ARG I 418 30.21 -28.43 -5.84
N LEU I 419 29.63 -29.19 -6.76
CA LEU I 419 28.52 -30.08 -6.45
C LEU I 419 29.06 -31.50 -6.27
N SER I 420 28.54 -32.17 -5.26
CA SER I 420 28.94 -33.52 -4.90
C SER I 420 27.87 -34.55 -5.17
N SER I 421 26.82 -34.19 -5.89
CA SER I 421 25.78 -35.13 -6.28
C SER I 421 25.42 -34.88 -7.73
N GLY I 422 25.73 -35.84 -8.59
CA GLY I 422 25.54 -35.64 -10.01
C GLY I 422 25.26 -36.90 -10.78
N HIS I 423 25.40 -36.83 -12.11
CA HIS I 423 24.96 -37.91 -12.97
C HIS I 423 25.64 -37.73 -14.33
N LEU I 424 26.56 -38.61 -14.67
CA LEU I 424 27.30 -38.53 -15.94
C LEU I 424 27.24 -39.85 -16.69
N LYS I 425 27.19 -39.78 -18.01
CA LYS I 425 27.07 -40.95 -18.87
C LYS I 425 28.29 -41.04 -19.79
N CYS I 426 29.03 -42.14 -19.67
CA CYS I 426 30.29 -42.32 -20.38
C CYS I 426 30.33 -43.70 -21.02
N ARG I 427 30.60 -43.74 -22.32
CA ARG I 427 30.92 -44.98 -23.01
C ARG I 427 32.41 -45.24 -22.93
N LEU I 428 32.78 -46.49 -22.61
CA LEU I 428 34.17 -46.85 -22.33
C LEU I 428 34.72 -47.66 -23.50
N LYS I 429 35.47 -46.99 -24.38
CA LYS I 429 36.16 -47.65 -25.47
C LYS I 429 37.35 -48.39 -24.89
N MET I 430 37.15 -49.67 -24.64
CA MET I 430 38.16 -50.50 -23.96
C MET I 430 38.81 -51.44 -24.97
N ASP I 431 39.47 -50.85 -25.96
CA ASP I 431 40.12 -51.63 -27.00
C ASP I 431 41.60 -51.36 -27.11
N LYS I 432 42.16 -50.48 -26.28
CA LYS I 432 43.59 -50.27 -26.21
C LYS I 432 44.13 -50.65 -24.84
N LEU I 433 43.40 -51.48 -24.12
CA LEU I 433 43.86 -52.01 -22.85
C LEU I 433 44.52 -53.35 -23.07
N ARG I 434 45.68 -53.55 -22.45
CA ARG I 434 46.41 -54.79 -22.52
C ARG I 434 46.54 -55.37 -21.12
N LEU I 435 47.15 -56.54 -21.02
CA LEU I 435 47.44 -57.17 -19.74
C LEU I 435 48.94 -57.17 -19.53
N LYS I 436 49.39 -56.47 -18.50
CA LYS I 436 50.82 -56.34 -18.25
C LYS I 436 51.46 -57.68 -17.91
N GLY I 437 50.71 -58.56 -17.25
CA GLY I 437 51.28 -59.77 -16.69
C GLY I 437 51.58 -60.87 -17.69
N VAL I 438 51.06 -60.76 -18.92
CA VAL I 438 51.28 -61.81 -19.89
C VAL I 438 52.78 -62.00 -20.12
N SER I 439 53.18 -63.24 -20.38
CA SER I 439 54.58 -63.59 -20.60
C SER I 439 55.42 -63.31 -19.36
N TYR I 440 54.88 -63.64 -18.20
CA TYR I 440 55.61 -63.59 -16.94
C TYR I 440 55.70 -65.01 -16.39
N SER I 441 56.89 -65.42 -15.98
CA SER I 441 57.04 -66.72 -15.35
C SER I 441 56.46 -66.66 -13.95
N LEU I 442 55.60 -67.60 -13.60
CA LEU I 442 54.86 -67.50 -12.35
C LEU I 442 55.78 -67.67 -11.15
N CYS I 443 55.65 -66.76 -10.18
CA CYS I 443 56.53 -66.77 -9.03
C CYS I 443 56.24 -67.97 -8.14
N THR I 444 57.30 -68.69 -7.74
CA THR I 444 57.18 -69.80 -6.78
C THR I 444 58.26 -69.62 -5.70
N ALA I 445 57.99 -68.78 -4.71
CA ALA I 445 58.81 -68.77 -3.50
C ALA I 445 58.01 -69.12 -2.26
N ALA I 446 57.00 -68.31 -1.93
CA ALA I 446 56.14 -68.49 -0.77
C ALA I 446 55.11 -67.39 -0.79
N PHE I 447 54.01 -67.62 -0.10
CA PHE I 447 52.96 -66.61 0.03
C PHE I 447 52.47 -66.59 1.46
N THR I 448 52.48 -65.42 2.08
CA THR I 448 52.04 -65.24 3.46
C THR I 448 50.86 -64.29 3.48
N PHE I 449 49.72 -64.77 3.97
CA PHE I 449 48.62 -63.87 4.28
C PHE I 449 49.10 -62.76 5.21
N THR I 450 48.65 -61.53 4.94
CA THR I 450 49.05 -60.40 5.76
C THR I 450 47.95 -59.85 6.64
N LYS I 451 46.68 -59.98 6.26
CA LYS I 451 45.68 -59.40 7.14
C LYS I 451 44.52 -60.32 7.49
N ILE I 452 43.85 -60.94 6.51
CA ILE I 452 42.94 -62.08 6.63
C ILE I 452 42.27 -62.13 5.26
N PRO I 453 41.54 -63.17 4.91
CA PRO I 453 40.63 -63.04 3.77
C PRO I 453 39.32 -62.42 4.22
N ALA I 454 38.92 -61.28 3.65
CA ALA I 454 37.74 -60.57 4.10
C ALA I 454 36.66 -60.57 3.02
N GLU I 455 35.42 -60.32 3.44
CA GLU I 455 34.27 -60.36 2.56
C GLU I 455 33.68 -58.96 2.43
N THR I 456 33.51 -58.52 1.19
CA THR I 456 32.90 -57.21 0.93
C THR I 456 31.39 -57.30 1.18
N LEU I 457 30.69 -56.21 0.91
CA LEU I 457 29.24 -56.20 1.11
C LEU I 457 28.50 -56.90 0.00
N HIS I 458 29.13 -57.09 -1.16
CA HIS I 458 28.45 -57.64 -2.32
C HIS I 458 28.71 -59.12 -2.52
N GLY I 459 29.56 -59.73 -1.70
CA GLY I 459 29.78 -61.16 -1.80
C GLY I 459 31.22 -61.49 -2.09
N THR I 460 31.94 -60.55 -2.70
CA THR I 460 33.30 -60.79 -3.12
C THR I 460 34.21 -60.95 -1.91
N VAL I 461 35.46 -61.30 -2.18
CA VAL I 461 36.43 -61.64 -1.15
C VAL I 461 37.74 -60.98 -1.52
N THR I 462 38.28 -60.17 -0.63
CA THR I 462 39.58 -59.54 -0.83
C THR I 462 40.63 -60.25 0.02
N VAL I 463 41.82 -60.35 -0.54
CA VAL I 463 42.95 -61.03 0.10
C VAL I 463 44.19 -60.20 -0.16
N GLU I 464 45.01 -60.04 0.88
CA GLU I 464 46.28 -59.33 0.76
C GLU I 464 47.41 -60.30 1.07
N VAL I 465 48.29 -60.48 0.10
CA VAL I 465 49.35 -61.48 0.17
C VAL I 465 50.69 -60.80 0.16
N GLN I 466 51.65 -61.37 0.88
CA GLN I 466 53.03 -60.94 0.87
C GLN I 466 53.90 -62.04 0.25
N TYR I 467 54.72 -61.64 -0.71
CA TYR I 467 55.63 -62.53 -1.40
C TYR I 467 57.01 -62.49 -0.79
N ALA I 468 57.57 -63.67 -0.54
CA ALA I 468 58.73 -63.87 0.33
C ALA I 468 60.06 -63.79 -0.41
N GLY I 469 60.27 -64.65 -1.41
CA GLY I 469 61.55 -64.78 -2.06
C GLY I 469 61.54 -64.17 -3.45
N THR I 470 62.25 -63.05 -3.60
CA THR I 470 62.18 -62.27 -4.83
C THR I 470 62.68 -63.08 -6.01
N ASP I 471 61.81 -63.25 -6.99
CA ASP I 471 62.19 -63.71 -8.31
C ASP I 471 62.28 -62.54 -9.28
N GLY I 472 61.21 -61.77 -9.38
CA GLY I 472 61.19 -60.56 -10.18
C GLY I 472 59.77 -60.20 -10.48
N PRO I 473 59.53 -59.45 -11.56
CA PRO I 473 58.16 -59.32 -12.06
C PRO I 473 57.68 -60.69 -12.51
N CYS I 474 56.53 -61.09 -11.99
CA CYS I 474 56.13 -62.49 -12.13
C CYS I 474 54.65 -62.61 -11.82
N LYS I 475 54.03 -63.64 -12.40
CA LYS I 475 52.62 -63.88 -12.23
C LYS I 475 52.34 -64.56 -10.90
N VAL I 476 51.24 -64.20 -10.28
CA VAL I 476 50.83 -64.76 -8.99
C VAL I 476 49.75 -65.80 -9.24
N PRO I 477 49.94 -67.05 -8.80
CA PRO I 477 48.89 -68.07 -8.96
C PRO I 477 47.87 -67.96 -7.85
N ALA I 478 46.58 -67.95 -8.23
CA ALA I 478 45.51 -67.86 -7.25
C ALA I 478 44.23 -68.38 -7.88
N GLN I 479 43.40 -69.03 -7.05
CA GLN I 479 42.14 -69.53 -7.55
C GLN I 479 41.20 -69.84 -6.40
N MET I 480 39.93 -70.01 -6.74
CA MET I 480 38.89 -70.51 -5.87
C MET I 480 38.68 -71.96 -6.29
N ALA I 481 39.33 -72.87 -5.58
CA ALA I 481 39.42 -74.26 -5.96
C ALA I 481 38.57 -75.16 -5.07
N VAL I 482 38.35 -76.41 -5.42
CA VAL I 482 37.49 -77.21 -4.54
C VAL I 482 37.98 -78.60 -4.21
N ASP I 483 38.02 -79.46 -5.20
CA ASP I 483 38.55 -80.79 -4.99
C ASP I 483 39.99 -80.59 -4.68
N MET I 484 40.53 -81.27 -3.70
CA MET I 484 41.93 -81.06 -3.44
C MET I 484 42.90 -81.48 -4.53
N GLN I 485 42.69 -82.62 -5.16
CA GLN I 485 43.57 -83.02 -6.29
C GLN I 485 43.43 -82.32 -7.65
N THR I 486 42.21 -82.17 -8.16
CA THR I 486 42.00 -81.53 -9.45
C THR I 486 41.54 -80.12 -9.12
N LEU I 487 42.52 -79.23 -8.92
CA LEU I 487 42.16 -77.89 -8.49
C LEU I 487 41.44 -77.24 -9.65
N THR I 488 40.12 -77.29 -9.62
CA THR I 488 39.32 -76.87 -10.74
C THR I 488 38.82 -75.47 -10.47
N PRO I 489 39.12 -74.51 -11.32
CA PRO I 489 38.70 -73.14 -11.04
C PRO I 489 37.19 -73.01 -11.01
N VAL I 490 36.64 -72.87 -9.80
CA VAL I 490 35.22 -72.64 -9.62
C VAL I 490 35.04 -71.20 -9.16
N GLY I 491 33.94 -70.61 -9.56
CA GLY I 491 33.75 -69.21 -9.31
C GLY I 491 34.57 -68.38 -10.29
N ARG I 492 34.58 -67.09 -10.03
CA ARG I 492 35.26 -66.13 -10.89
C ARG I 492 36.24 -65.32 -10.06
N LEU I 493 37.34 -64.93 -10.69
CA LEU I 493 38.34 -64.07 -10.06
C LEU I 493 38.15 -62.70 -10.71
N ILE I 494 37.90 -61.67 -9.90
CA ILE I 494 37.63 -60.31 -10.39
C ILE I 494 38.80 -59.33 -10.30
N THR I 495 39.99 -59.83 -10.02
CA THR I 495 41.19 -59.01 -9.87
C THR I 495 42.11 -59.06 -11.09
N ALA I 496 41.53 -59.38 -12.25
CA ALA I 496 42.24 -59.52 -13.53
C ALA I 496 43.31 -60.58 -13.32
N ASN I 497 44.56 -60.35 -13.69
CA ASN I 497 45.48 -61.41 -13.39
C ASN I 497 46.49 -60.80 -12.48
N PRO I 498 46.63 -61.34 -11.30
CA PRO I 498 47.54 -60.76 -10.35
C PRO I 498 48.95 -60.93 -10.74
N VAL I 499 49.77 -59.93 -10.51
CA VAL I 499 51.19 -59.89 -10.79
C VAL I 499 51.86 -58.93 -9.82
N ILE I 500 52.91 -59.39 -9.15
CA ILE I 500 53.72 -58.50 -8.32
C ILE I 500 54.80 -57.87 -9.20
N THR I 501 54.88 -56.54 -9.18
CA THR I 501 55.80 -55.80 -10.02
C THR I 501 57.08 -55.41 -9.31
N GLU I 502 57.18 -55.65 -8.00
CA GLU I 502 58.33 -55.26 -7.22
C GLU I 502 59.06 -56.52 -6.76
N SER I 503 60.38 -56.46 -6.75
CA SER I 503 61.20 -57.54 -6.22
C SER I 503 62.33 -56.93 -5.40
N THR I 504 62.13 -56.77 -4.09
CA THR I 504 63.23 -56.37 -3.22
C THR I 504 63.56 -57.46 -2.20
N GLU I 505 62.70 -57.73 -1.21
CA GLU I 505 62.69 -59.03 -0.57
C GLU I 505 61.27 -59.57 -0.50
N ASN I 506 60.38 -58.82 0.13
CA ASN I 506 58.98 -59.17 0.27
C ASN I 506 58.14 -58.09 -0.37
N SER I 507 57.06 -58.48 -1.03
CA SER I 507 56.17 -57.51 -1.64
C SER I 507 54.76 -57.73 -1.14
N LYS I 508 53.94 -56.70 -1.28
CA LYS I 508 52.54 -56.76 -0.86
C LYS I 508 51.65 -56.55 -2.07
N MET I 509 50.60 -57.35 -2.16
CA MET I 509 49.63 -57.17 -3.23
C MET I 509 48.26 -57.51 -2.68
N MET I 510 47.24 -56.96 -3.33
CA MET I 510 45.86 -57.23 -2.93
C MET I 510 45.07 -57.65 -4.15
N LEU I 511 44.34 -58.74 -4.04
CA LEU I 511 43.44 -59.18 -5.08
C LEU I 511 42.07 -59.41 -4.47
N GLU I 512 41.05 -59.50 -5.31
CA GLU I 512 39.75 -59.95 -4.86
C GLU I 512 39.20 -60.94 -5.87
N LEU I 513 38.11 -61.59 -5.49
CA LEU I 513 37.57 -62.67 -6.30
C LEU I 513 36.15 -62.95 -5.86
N ASP I 514 35.38 -63.56 -6.76
CA ASP I 514 33.97 -63.84 -6.51
C ASP I 514 33.78 -65.34 -6.32
N PRO I 515 33.71 -65.83 -5.10
CA PRO I 515 33.69 -67.27 -4.87
C PRO I 515 32.30 -67.84 -5.06
N PRO I 516 32.18 -69.16 -5.20
CA PRO I 516 30.86 -69.77 -5.33
C PRO I 516 30.08 -69.68 -4.02
N PHE I 517 28.80 -70.02 -4.11
CA PHE I 517 27.93 -69.89 -2.94
C PHE I 517 28.22 -70.97 -1.91
N GLY I 518 28.54 -72.18 -2.36
CA GLY I 518 28.91 -73.23 -1.44
C GLY I 518 30.27 -72.99 -0.82
N ASP I 519 30.67 -73.92 0.04
CA ASP I 519 32.04 -73.90 0.56
C ASP I 519 33.04 -74.02 -0.59
N SER I 520 34.21 -73.40 -0.39
CA SER I 520 35.25 -73.42 -1.40
C SER I 520 36.59 -73.16 -0.72
N TYR I 521 37.67 -73.23 -1.48
CA TYR I 521 38.99 -72.98 -0.93
C TYR I 521 39.70 -71.88 -1.70
N ILE I 522 40.21 -70.90 -1.00
CA ILE I 522 41.13 -69.92 -1.56
C ILE I 522 42.49 -70.58 -1.60
N VAL I 523 43.01 -70.82 -2.81
CA VAL I 523 44.27 -71.52 -3.00
C VAL I 523 45.21 -70.58 -3.73
N ILE I 524 46.31 -70.20 -3.07
CA ILE I 524 47.29 -69.29 -3.63
C ILE I 524 48.65 -69.95 -3.50
N GLY I 525 49.30 -70.18 -4.63
CA GLY I 525 50.60 -70.81 -4.64
C GLY I 525 50.70 -71.74 -5.82
N VAL I 526 51.79 -72.50 -5.86
CA VAL I 526 52.00 -73.43 -6.97
C VAL I 526 52.12 -74.85 -6.45
N GLY I 527 53.15 -75.11 -5.66
CA GLY I 527 53.37 -76.46 -5.18
C GLY I 527 53.93 -76.53 -3.77
N GLU I 528 53.26 -77.28 -2.90
CA GLU I 528 53.69 -77.62 -1.55
C GLU I 528 53.69 -76.41 -0.60
N LYS I 529 53.41 -75.21 -1.10
CA LYS I 529 53.28 -74.05 -0.24
C LYS I 529 51.97 -73.30 -0.52
N LYS I 530 50.94 -73.97 -1.00
CA LYS I 530 49.68 -73.33 -1.37
C LYS I 530 48.84 -73.21 -0.11
N ILE I 531 48.98 -72.08 0.59
CA ILE I 531 48.18 -71.87 1.78
C ILE I 531 46.72 -71.80 1.39
N THR I 532 45.92 -72.73 1.91
CA THR I 532 44.53 -72.89 1.53
C THR I 532 43.64 -72.38 2.63
N HIS I 533 42.70 -71.51 2.29
CA HIS I 533 41.76 -70.97 3.24
C HIS I 533 40.37 -71.48 2.89
N HIS I 534 39.55 -71.69 3.92
CA HIS I 534 38.22 -72.25 3.73
C HIS I 534 37.22 -71.10 3.74
N TRP I 535 36.50 -70.95 2.65
CA TRP I 535 35.54 -69.86 2.51
C TRP I 535 34.13 -70.43 2.38
N HIS I 536 33.15 -69.66 2.84
CA HIS I 536 31.75 -70.06 2.80
C HIS I 536 30.90 -68.84 2.48
N ARG I 537 30.12 -68.91 1.41
CA ARG I 537 29.25 -67.83 0.99
C ARG I 537 27.81 -68.11 1.41
N SER I 538 27.08 -67.04 1.72
CA SER I 538 25.79 -67.21 2.38
C SER I 538 24.67 -67.54 1.39
N GLY I 539 24.40 -66.63 0.45
CA GLY I 539 23.10 -66.63 -0.22
C GLY I 539 23.04 -67.17 -1.63
N SER I 540 22.12 -68.09 -1.87
CA SER I 540 21.97 -68.74 -3.16
C SER I 540 21.61 -67.73 -4.25
N THR I 541 21.65 -68.22 -5.50
CA THR I 541 21.42 -67.38 -6.67
C THR I 541 20.09 -66.64 -6.61
N ILE I 542 19.09 -67.20 -5.93
CA ILE I 542 17.78 -66.56 -5.89
C ILE I 542 17.87 -65.20 -5.21
N GLY I 543 18.49 -65.16 -4.03
CA GLY I 543 18.68 -63.90 -3.35
C GLY I 543 19.52 -62.93 -4.15
N LYS I 544 20.51 -63.44 -4.88
CA LYS I 544 21.32 -62.58 -5.72
C LYS I 544 20.49 -61.92 -6.81
N ALA I 545 19.63 -62.70 -7.47
CA ALA I 545 18.78 -62.12 -8.51
C ALA I 545 17.79 -61.13 -7.92
N PHE I 546 17.28 -61.43 -6.72
CA PHE I 546 16.38 -60.49 -6.06
C PHE I 546 17.08 -59.17 -5.78
N GLU I 547 18.30 -59.23 -5.26
CA GLU I 547 19.05 -58.01 -4.98
C GLU I 547 19.37 -57.26 -6.27
N ALA I 548 19.66 -57.99 -7.35
CA ALA I 548 19.91 -57.34 -8.63
C ALA I 548 18.68 -56.59 -9.11
N THR I 549 17.51 -57.21 -8.98
CA THR I 549 16.28 -56.52 -9.36
C THR I 549 16.04 -55.30 -8.49
N VAL I 550 16.37 -55.39 -7.20
CA VAL I 550 16.22 -54.24 -6.31
C VAL I 550 17.11 -53.10 -6.77
N ARG I 551 18.37 -53.41 -7.08
CA ARG I 551 19.29 -52.37 -7.54
C ARG I 551 18.82 -51.76 -8.84
N GLY I 552 18.34 -52.59 -9.77
CA GLY I 552 17.83 -52.06 -11.02
C GLY I 552 16.64 -51.15 -10.80
N ALA I 553 15.74 -51.53 -9.90
CA ALA I 553 14.58 -50.68 -9.62
C ALA I 553 15.01 -49.36 -9.02
N LYS I 554 15.94 -49.38 -8.07
CA LYS I 554 16.40 -48.13 -7.48
C LYS I 554 17.06 -47.24 -8.52
N ARG I 555 17.91 -47.82 -9.36
CA ARG I 555 18.59 -47.03 -10.38
C ARG I 555 17.59 -46.43 -11.35
N MET I 556 16.56 -47.19 -11.73
CA MET I 556 15.53 -46.64 -12.60
C MET I 556 14.80 -45.49 -11.92
N ALA I 557 14.41 -45.67 -10.66
CA ALA I 557 13.74 -44.60 -9.95
C ALA I 557 14.59 -43.34 -9.88
N VAL I 558 15.89 -43.50 -9.72
CA VAL I 558 16.77 -42.34 -9.59
C VAL I 558 16.97 -41.66 -10.95
N LEU I 559 17.17 -42.43 -12.01
CA LEU I 559 17.68 -41.88 -13.25
C LEU I 559 16.65 -41.66 -14.34
N GLY I 560 15.52 -42.36 -14.30
CA GLY I 560 14.56 -42.25 -15.38
C GLY I 560 14.93 -43.12 -16.56
N ASP I 561 14.74 -42.59 -17.77
CA ASP I 561 15.07 -43.36 -18.96
C ASP I 561 16.55 -43.70 -19.03
N THR I 562 17.40 -42.86 -18.45
CA THR I 562 18.84 -43.06 -18.57
C THR I 562 19.27 -44.39 -17.96
N ALA I 563 18.52 -44.92 -17.01
CA ALA I 563 18.89 -46.18 -16.40
C ALA I 563 19.03 -47.29 -17.42
N TRP I 564 18.34 -47.18 -18.55
CA TRP I 564 18.45 -48.20 -19.59
C TRP I 564 19.82 -48.22 -20.23
N ASP I 565 20.66 -47.21 -19.98
CA ASP I 565 21.98 -47.15 -20.59
C ASP I 565 23.08 -47.74 -19.72
N PHE I 566 22.76 -48.36 -18.59
CA PHE I 566 23.84 -48.76 -17.70
C PHE I 566 24.67 -49.89 -18.29
N GLY I 567 24.06 -51.04 -18.52
CA GLY I 567 24.71 -52.03 -19.36
C GLY I 567 24.11 -51.93 -20.74
N SER I 568 24.76 -51.22 -21.64
CA SER I 568 24.13 -50.80 -22.87
C SER I 568 24.89 -51.16 -24.13
N VAL I 569 25.48 -52.35 -24.21
CA VAL I 569 26.15 -52.81 -25.43
C VAL I 569 25.32 -52.42 -26.64
N GLY I 570 24.01 -52.58 -26.54
CA GLY I 570 23.12 -51.99 -27.52
C GLY I 570 22.50 -52.99 -28.45
N GLY I 571 21.20 -53.21 -28.32
CA GLY I 571 20.51 -54.10 -29.24
C GLY I 571 19.29 -53.44 -29.82
N ALA I 572 18.17 -54.13 -29.76
CA ALA I 572 16.89 -53.55 -30.13
C ALA I 572 15.86 -53.63 -29.01
N LEU I 573 15.90 -54.69 -28.20
CA LEU I 573 15.06 -54.72 -27.01
C LEU I 573 15.43 -53.58 -26.08
N ASN I 574 16.73 -53.32 -25.93
CA ASN I 574 17.19 -52.26 -25.06
C ASN I 574 16.71 -50.90 -25.57
N SER I 575 16.87 -50.64 -26.87
CA SER I 575 16.47 -49.35 -27.41
C SER I 575 14.96 -49.16 -27.35
N LEU I 576 14.20 -50.23 -27.62
CA LEU I 576 12.75 -50.13 -27.53
C LEU I 576 12.31 -49.85 -26.10
N GLY I 577 12.90 -50.57 -25.14
CA GLY I 577 12.59 -50.29 -23.74
C GLY I 577 12.90 -48.85 -23.38
N LYS I 578 14.05 -48.35 -23.82
CA LYS I 578 14.41 -46.97 -23.52
C LYS I 578 13.43 -45.99 -24.13
N GLY I 579 12.98 -46.26 -25.36
CA GLY I 579 12.06 -45.34 -26.00
C GLY I 579 10.69 -45.31 -25.32
N ILE I 580 10.15 -46.49 -25.03
CA ILE I 580 8.85 -46.52 -24.36
C ILE I 580 8.97 -45.92 -22.97
N HIS I 581 10.12 -46.10 -22.31
CA HIS I 581 10.31 -45.48 -21.01
C HIS I 581 10.39 -43.97 -21.13
N GLN I 582 11.01 -43.47 -22.21
CA GLN I 582 11.02 -42.02 -22.42
C GLN I 582 9.62 -41.47 -22.55
N ILE I 583 8.78 -42.13 -23.35
CA ILE I 583 7.43 -41.62 -23.55
C ILE I 583 6.64 -41.68 -22.25
N PHE I 584 6.71 -42.81 -21.53
CA PHE I 584 5.96 -42.94 -20.29
C PHE I 584 6.46 -41.95 -19.25
N GLY I 585 7.77 -41.73 -19.19
CA GLY I 585 8.30 -40.79 -18.22
C GLY I 585 7.88 -39.37 -18.52
N ALA I 586 7.89 -38.99 -19.79
CA ALA I 586 7.42 -37.66 -20.15
C ALA I 586 5.97 -37.47 -19.73
N ALA I 587 5.10 -38.44 -20.05
CA ALA I 587 3.71 -38.30 -19.68
C ALA I 587 3.54 -38.25 -18.16
N PHE I 588 4.21 -39.15 -17.45
CA PHE I 588 4.07 -39.20 -16.00
C PHE I 588 4.54 -37.93 -15.34
N LYS I 589 5.71 -37.44 -15.75
CA LYS I 589 6.24 -36.20 -15.18
C LYS I 589 5.38 -35.00 -15.54
N SER I 590 4.67 -35.06 -16.67
CA SER I 590 3.75 -33.97 -16.98
C SER I 590 2.53 -34.03 -16.08
N LEU I 591 1.95 -35.20 -15.89
CA LEU I 591 0.75 -35.31 -15.06
C LEU I 591 1.08 -35.19 -13.58
N PHE I 592 1.85 -36.13 -13.07
CA PHE I 592 2.29 -36.14 -11.69
C PHE I 592 3.64 -35.42 -11.61
N GLY I 593 4.38 -35.62 -10.53
CA GLY I 593 5.68 -34.99 -10.44
C GLY I 593 5.60 -33.53 -10.08
N GLY I 594 4.64 -33.17 -9.23
CA GLY I 594 4.57 -31.86 -8.63
C GLY I 594 4.28 -32.06 -7.15
N MET I 595 4.78 -33.16 -6.61
CA MET I 595 4.41 -33.59 -5.27
C MET I 595 5.58 -34.34 -4.66
N SER I 596 5.55 -34.48 -3.34
CA SER I 596 6.70 -35.01 -2.62
C SER I 596 6.25 -35.92 -1.49
N TRP I 597 6.30 -37.22 -1.74
CA TRP I 597 6.27 -38.28 -0.74
C TRP I 597 5.00 -38.34 0.07
N PHE I 598 4.18 -37.30 0.05
CA PHE I 598 2.93 -37.36 0.79
C PHE I 598 1.74 -37.21 -0.14
N SER I 599 1.73 -36.17 -0.96
CA SER I 599 0.73 -36.10 -2.01
C SER I 599 0.82 -37.32 -2.90
N GLN I 600 2.04 -37.82 -3.15
CA GLN I 600 2.18 -39.00 -3.99
C GLN I 600 1.64 -40.24 -3.28
N ILE I 601 1.92 -40.41 -2.00
CA ILE I 601 1.38 -41.59 -1.29
C ILE I 601 -0.14 -41.52 -1.23
N LEU I 602 -0.69 -40.33 -0.96
CA LEU I 602 -2.14 -40.17 -0.90
C LEU I 602 -2.77 -40.50 -2.25
N ILE I 603 -2.30 -39.87 -3.32
CA ILE I 603 -2.91 -40.11 -4.61
C ILE I 603 -2.68 -41.54 -5.05
N GLY I 604 -1.57 -42.16 -4.63
CA GLY I 604 -1.35 -43.55 -4.98
C GLY I 604 -2.35 -44.47 -4.31
N THR I 605 -2.59 -44.28 -3.02
CA THR I 605 -3.58 -45.10 -2.33
C THR I 605 -4.97 -44.86 -2.89
N LEU I 606 -5.29 -43.61 -3.19
CA LEU I 606 -6.61 -43.30 -3.74
C LEU I 606 -6.82 -43.97 -5.08
N LEU I 607 -5.86 -43.85 -5.99
CA LEU I 607 -6.00 -44.51 -7.28
C LEU I 607 -5.95 -46.02 -7.13
N MET I 608 -5.29 -46.52 -6.08
CA MET I 608 -5.27 -47.96 -5.87
C MET I 608 -6.65 -48.48 -5.53
N TRP I 609 -7.33 -47.83 -4.59
CA TRP I 609 -8.71 -48.18 -4.31
C TRP I 609 -9.57 -48.02 -5.56
N LEU I 610 -9.40 -46.89 -6.27
CA LEU I 610 -10.21 -46.61 -7.44
C LEU I 610 -10.10 -47.72 -8.48
N GLY I 611 -8.87 -48.06 -8.86
CA GLY I 611 -8.68 -49.16 -9.81
C GLY I 611 -9.15 -50.49 -9.23
N LEU I 612 -9.04 -50.65 -7.91
CA LEU I 612 -9.42 -51.92 -7.30
C LEU I 612 -10.92 -52.17 -7.43
N ASN I 613 -11.73 -51.12 -7.36
CA ASN I 613 -13.18 -51.33 -7.36
C ASN I 613 -13.91 -50.72 -8.55
N THR I 614 -13.21 -50.26 -9.58
CA THR I 614 -13.90 -49.61 -10.70
C THR I 614 -14.57 -50.63 -11.62
N LYS I 615 -14.01 -51.83 -11.75
CA LYS I 615 -14.62 -52.95 -12.47
C LYS I 615 -14.66 -52.77 -13.98
N ASN I 616 -14.20 -51.63 -14.49
CA ASN I 616 -14.19 -51.39 -15.92
C ASN I 616 -12.90 -51.94 -16.51
N GLY I 617 -12.62 -51.61 -17.77
CA GLY I 617 -11.39 -52.01 -18.41
C GLY I 617 -10.18 -51.15 -18.09
N SER I 618 -10.38 -50.05 -17.38
CA SER I 618 -9.29 -49.17 -16.98
C SER I 618 -8.60 -49.61 -15.71
N ILE I 619 -9.12 -50.65 -15.04
CA ILE I 619 -8.56 -51.12 -13.76
C ILE I 619 -7.04 -51.14 -13.84
N SER I 620 -6.51 -51.95 -14.75
CA SER I 620 -5.07 -52.12 -14.87
C SER I 620 -4.37 -50.76 -14.88
N LEU I 621 -4.79 -49.88 -15.78
CA LEU I 621 -4.16 -48.57 -15.88
C LEU I 621 -3.99 -47.95 -14.51
N MET I 622 -5.11 -47.78 -13.78
CA MET I 622 -5.03 -47.20 -12.45
C MET I 622 -3.98 -47.91 -11.62
N CYS I 623 -4.16 -49.22 -11.40
CA CYS I 623 -3.22 -49.95 -10.57
C CYS I 623 -1.80 -49.75 -11.09
N LEU I 624 -1.62 -49.89 -12.40
CA LEU I 624 -0.27 -49.82 -12.95
C LEU I 624 0.39 -48.50 -12.58
N ALA I 625 -0.35 -47.40 -12.71
CA ALA I 625 0.21 -46.08 -12.44
C ALA I 625 0.73 -46.00 -11.02
N LEU I 626 0.01 -46.61 -10.09
CA LEU I 626 0.40 -46.60 -8.69
C LEU I 626 1.76 -47.28 -8.43
N GLY I 627 2.04 -48.37 -9.13
CA GLY I 627 3.27 -49.09 -8.92
C GLY I 627 4.38 -48.07 -8.99
N GLY I 628 4.43 -47.35 -10.11
CA GLY I 628 5.40 -46.30 -10.29
C GLY I 628 5.35 -45.38 -9.10
N VAL I 629 4.20 -44.72 -8.92
CA VAL I 629 4.02 -43.80 -7.81
C VAL I 629 4.52 -44.44 -6.52
N LEU I 630 4.03 -45.65 -6.21
CA LEU I 630 4.33 -46.20 -4.90
C LEU I 630 5.82 -46.46 -4.75
N ILE I 631 6.46 -47.00 -5.79
CA ILE I 631 7.89 -47.28 -5.63
C ILE I 631 8.64 -45.95 -5.55
N PHE I 632 8.18 -44.94 -6.28
CA PHE I 632 8.82 -43.64 -6.22
C PHE I 632 8.82 -43.10 -4.79
N LEU I 633 7.92 -43.61 -3.96
CA LEU I 633 7.86 -43.18 -2.56
C LEU I 633 8.56 -44.11 -1.57
N SER I 634 8.62 -45.39 -1.89
CA SER I 634 9.24 -46.39 -0.99
C SER I 634 10.68 -46.81 -1.31
N THR I 635 11.29 -46.23 -2.33
CA THR I 635 12.65 -46.57 -2.70
C THR I 635 13.64 -45.45 -2.42
N ALA I 636 13.18 -44.34 -1.88
CA ALA I 636 14.05 -43.20 -1.64
C ALA I 636 13.82 -42.65 -0.24
N ALA J 216 7.95 -13.39 2.62
CA ALA J 216 6.66 -13.02 3.18
C ALA J 216 5.97 -14.23 3.77
N VAL J 217 4.68 -14.34 3.51
CA VAL J 217 3.87 -15.37 4.16
C VAL J 217 3.84 -16.65 3.34
N THR J 218 3.84 -16.56 2.02
CA THR J 218 3.58 -17.74 1.20
C THR J 218 4.82 -18.65 1.14
N LEU J 219 5.89 -18.18 0.48
CA LEU J 219 7.15 -18.91 0.44
C LEU J 219 6.97 -20.34 -0.04
N PRO J 220 6.82 -20.56 -1.35
CA PRO J 220 6.49 -21.90 -1.84
C PRO J 220 7.57 -22.92 -1.49
N SER J 221 7.11 -24.12 -1.13
CA SER J 221 8.03 -25.17 -0.77
C SER J 221 8.78 -25.67 -2.00
N HIS J 222 10.04 -26.05 -1.79
CA HIS J 222 10.85 -26.57 -2.88
C HIS J 222 10.62 -28.04 -3.13
N SER J 223 9.98 -28.74 -2.20
CA SER J 223 9.75 -30.18 -2.37
C SER J 223 8.92 -30.46 -3.61
N THR J 224 8.21 -29.47 -4.14
CA THR J 224 7.50 -29.65 -5.40
C THR J 224 8.46 -30.05 -6.50
N ARG J 225 9.62 -29.42 -6.56
CA ARG J 225 10.60 -29.65 -7.62
C ARG J 225 11.83 -30.39 -7.08
N LYS J 226 11.58 -31.39 -6.25
CA LYS J 226 12.66 -32.10 -5.57
C LYS J 226 13.69 -32.63 -6.57
N LEU J 227 14.94 -32.28 -6.34
CA LEU J 227 16.04 -32.76 -7.17
C LEU J 227 16.36 -34.19 -6.79
N GLN J 228 16.42 -35.08 -7.79
CA GLN J 228 16.55 -36.51 -7.55
C GLN J 228 17.96 -36.95 -7.86
N THR J 229 18.62 -37.54 -6.88
CA THR J 229 19.96 -38.10 -7.05
C THR J 229 20.22 -39.07 -5.90
N ARG J 230 21.38 -39.72 -5.96
CA ARG J 230 21.72 -40.68 -4.91
C ARG J 230 21.90 -39.99 -3.57
N SER J 231 22.52 -38.82 -3.56
CA SER J 231 22.78 -38.11 -2.31
C SER J 231 21.49 -37.53 -1.75
N GLN J 232 21.43 -37.48 -0.42
CA GLN J 232 20.23 -36.98 0.25
C GLN J 232 20.07 -35.48 0.04
N THR J 233 18.83 -35.03 -0.02
CA THR J 233 18.54 -33.62 -0.25
C THR J 233 18.69 -32.81 1.02
N TRP J 234 18.23 -31.57 1.01
CA TRP J 234 18.54 -30.64 2.09
C TRP J 234 17.92 -31.10 3.40
N LEU J 235 16.60 -31.19 3.47
CA LEU J 235 15.91 -31.63 4.69
C LEU J 235 15.07 -32.83 4.31
N GLU J 236 15.70 -34.01 4.31
CA GLU J 236 14.97 -35.20 3.88
C GLU J 236 14.28 -35.87 5.05
N SER J 237 14.98 -36.00 6.17
CA SER J 237 14.46 -36.79 7.29
C SER J 237 13.17 -36.22 7.89
N ARG J 238 12.87 -34.97 7.59
CA ARG J 238 11.66 -34.35 8.16
C ARG J 238 10.42 -34.36 7.27
N GLU J 239 10.54 -34.86 6.05
CA GLU J 239 9.39 -34.86 5.16
C GLU J 239 8.19 -35.69 5.61
N TYR J 240 8.43 -36.92 6.08
CA TYR J 240 7.32 -37.77 6.52
C TYR J 240 6.62 -37.27 7.79
N THR J 241 7.43 -36.89 8.78
CA THR J 241 6.93 -36.40 10.06
C THR J 241 6.22 -35.04 9.99
N LYS J 242 6.78 -34.15 9.19
CA LYS J 242 6.29 -32.78 9.04
C LYS J 242 4.80 -32.76 8.81
N HIS J 243 4.36 -33.38 7.72
CA HIS J 243 2.93 -33.29 7.40
C HIS J 243 2.09 -34.06 8.41
N LEU J 244 2.56 -35.23 8.83
CA LEU J 244 1.79 -36.00 9.80
C LEU J 244 1.60 -35.23 11.10
N ILE J 245 2.65 -34.57 11.57
CA ILE J 245 2.58 -33.84 12.82
C ILE J 245 1.64 -32.66 12.70
N ARG J 246 1.71 -31.93 11.58
CA ARG J 246 0.80 -30.80 11.42
C ARG J 246 -0.65 -31.27 11.51
N VAL J 247 -1.00 -32.29 10.73
CA VAL J 247 -2.39 -32.76 10.71
C VAL J 247 -2.81 -33.28 12.07
N GLU J 248 -1.96 -34.11 12.68
CA GLU J 248 -2.31 -34.72 13.96
C GLU J 248 -2.51 -33.67 15.03
N ASN J 249 -1.62 -32.68 15.09
CA ASN J 249 -1.77 -31.64 16.10
C ASN J 249 -3.06 -30.87 15.90
N TRP J 250 -3.36 -30.47 14.66
CA TRP J 250 -4.58 -29.71 14.45
C TRP J 250 -5.81 -30.50 14.84
N ILE J 251 -5.86 -31.78 14.46
CA ILE J 251 -7.03 -32.58 14.81
C ILE J 251 -7.12 -32.78 16.31
N PHE J 252 -5.98 -33.00 16.97
CA PHE J 252 -5.98 -33.20 18.41
C PHE J 252 -6.50 -31.96 19.13
N ARG J 253 -6.26 -30.78 18.57
CA ARG J 253 -6.76 -29.57 19.22
C ARG J 253 -8.26 -29.39 19.00
N ASN J 254 -8.77 -29.80 17.84
CA ASN J 254 -10.16 -29.55 17.46
C ASN J 254 -10.89 -30.85 17.11
N PRO J 255 -11.48 -31.54 18.08
CA PRO J 255 -12.24 -32.75 17.75
C PRO J 255 -13.64 -32.47 17.25
N GLY J 256 -14.21 -31.36 17.74
CA GLY J 256 -15.52 -30.96 17.29
C GLY J 256 -15.62 -30.90 15.78
N PHE J 257 -14.55 -30.43 15.13
CA PHE J 257 -14.59 -30.43 13.68
C PHE J 257 -14.53 -31.84 13.12
N ALA J 258 -13.93 -32.78 13.84
CA ALA J 258 -14.00 -34.17 13.39
C ALA J 258 -15.45 -34.62 13.34
N LEU J 259 -16.23 -34.30 14.37
CA LEU J 259 -17.65 -34.64 14.35
C LEU J 259 -18.36 -33.95 13.19
N ALA J 260 -18.12 -32.65 13.02
CA ALA J 260 -18.80 -31.91 11.97
C ALA J 260 -18.45 -32.45 10.59
N ALA J 261 -17.18 -32.80 10.38
CA ALA J 261 -16.76 -33.34 9.10
C ALA J 261 -17.37 -34.71 8.86
N ALA J 262 -17.48 -35.53 9.91
CA ALA J 262 -18.19 -36.79 9.76
C ALA J 262 -19.61 -36.57 9.27
N ALA J 263 -20.31 -35.60 9.87
CA ALA J 263 -21.67 -35.32 9.44
C ALA J 263 -21.73 -34.86 8.00
N ILE J 264 -20.85 -33.92 7.62
CA ILE J 264 -20.87 -33.38 6.28
C ILE J 264 -20.54 -34.46 5.25
N ALA J 265 -19.60 -35.34 5.59
CA ALA J 265 -19.27 -36.44 4.69
C ALA J 265 -20.43 -37.40 4.57
N TRP J 266 -21.16 -37.62 5.66
CA TRP J 266 -22.33 -38.49 5.59
C TRP J 266 -23.40 -37.91 4.68
N LEU J 267 -23.59 -36.58 4.72
CA LEU J 267 -24.60 -35.98 3.86
C LEU J 267 -24.21 -36.04 2.39
N LEU J 268 -22.93 -36.06 2.08
CA LEU J 268 -22.45 -36.10 0.70
C LEU J 268 -22.11 -37.54 0.31
N GLY J 269 -22.28 -37.85 -0.96
CA GLY J 269 -21.80 -39.13 -1.46
C GLY J 269 -22.77 -40.26 -1.22
N SER J 270 -23.09 -41.00 -2.29
CA SER J 270 -24.07 -42.08 -2.18
C SER J 270 -23.50 -43.27 -1.41
N SER J 271 -22.48 -43.91 -1.97
CA SER J 271 -21.98 -45.15 -1.40
C SER J 271 -21.19 -44.88 -0.12
N THR J 272 -20.80 -45.97 0.55
CA THR J 272 -20.02 -45.85 1.77
C THR J 272 -18.62 -45.33 1.47
N SER J 273 -18.00 -45.86 0.41
CA SER J 273 -16.64 -45.46 0.08
C SER J 273 -16.57 -43.99 -0.27
N GLN J 274 -17.56 -43.48 -0.99
CA GLN J 274 -17.57 -42.05 -1.31
C GLN J 274 -17.63 -41.21 -0.04
N LYS J 275 -18.44 -41.63 0.93
CA LYS J 275 -18.55 -40.86 2.16
C LYS J 275 -17.26 -40.92 2.96
N VAL J 276 -16.61 -42.09 3.01
CA VAL J 276 -15.36 -42.18 3.75
C VAL J 276 -14.28 -41.34 3.08
N ILE J 277 -14.23 -41.34 1.75
CA ILE J 277 -13.24 -40.53 1.05
C ILE J 277 -13.51 -39.05 1.28
N TYR J 278 -14.78 -38.64 1.27
CA TYR J 278 -15.10 -37.25 1.58
C TYR J 278 -14.65 -36.89 2.99
N LEU J 279 -14.87 -37.79 3.95
CA LEU J 279 -14.44 -37.53 5.32
C LEU J 279 -12.93 -37.32 5.38
N VAL J 280 -12.17 -38.20 4.75
CA VAL J 280 -10.71 -38.11 4.80
C VAL J 280 -10.24 -36.83 4.13
N MET J 281 -10.83 -36.48 2.98
CA MET J 281 -10.37 -35.31 2.27
C MET J 281 -10.71 -34.03 3.02
N ILE J 282 -11.85 -34.00 3.71
CA ILE J 282 -12.16 -32.85 4.55
C ILE J 282 -11.20 -32.76 5.73
N LEU J 283 -10.92 -33.91 6.36
CA LEU J 283 -10.01 -33.92 7.50
C LEU J 283 -8.60 -33.53 7.08
N LEU J 284 -8.27 -33.68 5.80
CA LEU J 284 -6.97 -33.21 5.34
C LEU J 284 -6.99 -31.75 4.94
N ILE J 285 -8.07 -31.28 4.34
CA ILE J 285 -8.12 -29.88 3.90
C ILE J 285 -8.19 -28.94 5.10
N ALA J 286 -8.91 -29.33 6.14
CA ALA J 286 -9.10 -28.42 7.27
C ALA J 286 -7.81 -27.97 7.93
N PRO J 287 -6.88 -28.85 8.32
CA PRO J 287 -5.68 -28.36 9.02
C PRO J 287 -4.86 -27.40 8.20
N ALA J 288 -4.79 -27.60 6.89
CA ALA J 288 -3.98 -26.73 6.04
C ALA J 288 -4.67 -25.42 5.72
N TYR J 289 -5.99 -25.33 5.94
CA TYR J 289 -6.77 -24.21 5.43
C TYR J 289 -6.48 -23.98 3.97
N SER J 290 -6.25 -25.07 3.24
CA SER J 290 -5.70 -25.00 1.90
C SER J 290 -6.55 -24.19 0.94
N VAL K 2 57.20 -29.74 0.14
CA VAL K 2 56.43 -30.29 1.25
C VAL K 2 57.17 -30.05 2.56
N GLN K 3 56.68 -29.08 3.35
CA GLN K 3 57.34 -28.75 4.60
C GLN K 3 56.33 -28.15 5.57
N LEU K 4 56.67 -28.23 6.85
CA LEU K 4 55.90 -27.63 7.93
C LEU K 4 56.86 -26.84 8.81
N VAL K 5 56.64 -25.54 8.92
CA VAL K 5 57.50 -24.65 9.70
C VAL K 5 56.72 -24.20 10.91
N GLU K 6 57.21 -24.53 12.09
CA GLU K 6 56.52 -24.25 13.34
C GLU K 6 57.08 -23.02 14.02
N SER K 7 56.24 -22.35 14.80
CA SER K 7 56.65 -21.13 15.47
C SER K 7 55.71 -20.86 16.63
N GLY K 8 56.13 -19.95 17.50
CA GLY K 8 55.32 -19.51 18.62
C GLY K 8 55.73 -20.04 19.98
N GLY K 9 56.70 -20.95 20.04
CA GLY K 9 57.14 -21.45 21.33
C GLY K 9 57.96 -20.42 22.08
N GLY K 10 57.92 -20.53 23.41
CA GLY K 10 58.62 -19.58 24.25
C GLY K 10 58.33 -19.83 25.71
N LEU K 11 58.72 -18.87 26.53
CA LEU K 11 58.52 -18.94 27.98
C LEU K 11 57.15 -18.40 28.34
N VAL K 12 56.49 -19.07 29.29
CA VAL K 12 55.16 -18.70 29.73
C VAL K 12 55.05 -18.98 31.23
N GLN K 13 54.18 -18.22 31.90
CA GLN K 13 53.95 -18.44 33.32
C GLN K 13 52.91 -19.54 33.52
N PRO K 14 52.93 -20.23 34.66
CA PRO K 14 51.85 -21.20 34.96
C PRO K 14 50.50 -20.52 34.91
N GLY K 15 49.50 -21.30 34.48
CA GLY K 15 48.18 -20.75 34.23
C GLY K 15 48.10 -19.89 32.99
N GLY K 16 49.24 -19.52 32.44
CA GLY K 16 49.29 -18.63 31.29
C GLY K 16 48.78 -19.29 30.03
N SER K 17 48.90 -18.55 28.93
CA SER K 17 48.38 -19.00 27.64
C SER K 17 49.44 -18.80 26.57
N LEU K 18 49.24 -19.47 25.45
CA LEU K 18 50.16 -19.40 24.32
C LEU K 18 49.43 -19.87 23.07
N ARG K 19 49.93 -19.45 21.92
CA ARG K 19 49.40 -19.88 20.63
C ARG K 19 50.56 -20.31 19.75
N LEU K 20 50.53 -21.56 19.30
CA LEU K 20 51.54 -22.08 18.39
C LEU K 20 50.98 -22.13 16.97
N SER K 21 51.85 -21.86 16.00
CA SER K 21 51.47 -21.86 14.60
C SER K 21 52.36 -22.80 13.81
N CYS K 22 51.82 -23.28 12.69
CA CYS K 22 52.50 -24.27 11.85
C CYS K 22 52.11 -23.98 10.42
N SER K 23 53.03 -23.40 9.65
CA SER K 23 52.77 -23.03 8.27
C SER K 23 53.16 -24.18 7.35
N ALA K 24 52.22 -24.61 6.51
CA ALA K 24 52.42 -25.70 5.58
C ALA K 24 52.77 -25.17 4.20
N SER K 25 53.65 -25.87 3.50
CA SER K 25 54.03 -25.49 2.15
C SER K 25 54.26 -26.73 1.31
N GLY K 26 54.05 -26.58 0.00
CA GLY K 26 54.37 -27.62 -0.95
C GLY K 26 53.29 -28.64 -1.20
N PHE K 27 52.08 -28.46 -0.67
CA PHE K 27 51.01 -29.42 -0.91
C PHE K 27 49.67 -28.73 -0.69
N THR K 28 48.61 -29.42 -1.08
CA THR K 28 47.24 -28.93 -0.90
C THR K 28 46.86 -29.14 0.56
N PHE K 29 46.98 -28.07 1.34
CA PHE K 29 46.79 -28.15 2.79
C PHE K 29 45.44 -28.76 3.16
N SER K 30 44.41 -28.46 2.39
CA SER K 30 43.06 -28.93 2.75
C SER K 30 42.92 -30.44 2.71
N THR K 31 43.75 -31.13 1.93
CA THR K 31 43.68 -32.58 1.81
C THR K 31 44.47 -33.30 2.89
N TYR K 32 45.03 -32.58 3.85
CA TYR K 32 45.92 -33.16 4.86
C TYR K 32 45.28 -33.01 6.23
N SER K 33 45.12 -34.14 6.93
CA SER K 33 44.80 -34.10 8.34
C SER K 33 46.03 -33.68 9.11
N MET K 34 45.86 -32.79 10.08
CA MET K 34 46.97 -32.25 10.84
C MET K 34 46.92 -32.78 12.27
N HIS K 35 48.09 -32.92 12.87
CA HIS K 35 48.19 -33.47 14.21
C HIS K 35 49.28 -32.74 14.98
N TRP K 36 49.11 -32.69 16.29
CA TRP K 36 50.10 -32.15 17.20
C TRP K 36 50.57 -33.26 18.13
N VAL K 37 51.88 -33.48 18.14
CA VAL K 37 52.52 -34.48 18.99
C VAL K 37 53.63 -33.79 19.78
N ARG K 38 53.64 -33.97 21.09
CA ARG K 38 54.63 -33.31 21.93
C ARG K 38 55.52 -34.35 22.61
N GLN K 39 56.72 -33.89 22.99
CA GLN K 39 57.69 -34.74 23.67
C GLN K 39 58.30 -33.95 24.82
N ALA K 40 58.04 -34.40 26.04
CA ALA K 40 58.66 -33.80 27.21
C ALA K 40 60.15 -34.19 27.25
N PRO K 41 60.97 -33.41 27.93
CA PRO K 41 62.40 -33.77 28.04
C PRO K 41 62.57 -35.12 28.72
N GLY K 42 63.36 -35.98 28.10
CA GLY K 42 63.57 -37.32 28.62
C GLY K 42 62.31 -38.15 28.70
N LYS K 43 61.41 -38.00 27.73
CA LYS K 43 60.15 -38.72 27.71
C LYS K 43 59.83 -39.14 26.29
N GLY K 44 58.96 -40.15 26.16
CA GLY K 44 58.53 -40.60 24.86
C GLY K 44 57.55 -39.63 24.21
N LEU K 45 57.35 -39.84 22.90
CA LEU K 45 56.42 -39.02 22.16
C LEU K 45 54.99 -39.22 22.66
N GLU K 46 54.22 -38.14 22.69
CA GLU K 46 52.83 -38.16 23.14
C GLU K 46 51.95 -37.50 22.10
N TYR K 47 51.06 -38.28 21.50
CA TYR K 47 50.10 -37.78 20.52
C TYR K 47 48.97 -37.07 21.24
N VAL K 48 48.87 -35.75 21.08
CA VAL K 48 48.00 -34.92 21.90
C VAL K 48 46.78 -34.43 21.15
N SER K 49 46.92 -34.00 19.90
CA SER K 49 45.77 -33.38 19.26
C SER K 49 45.73 -33.67 17.77
N ALA K 50 44.55 -33.51 17.18
CA ALA K 50 44.38 -33.74 15.75
C ALA K 50 43.20 -32.94 15.21
N ILE K 51 43.25 -32.60 13.93
CA ILE K 51 42.15 -31.95 13.23
C ILE K 51 42.07 -32.49 11.81
N THR K 52 40.84 -32.66 11.34
CA THR K 52 40.59 -33.15 9.99
C THR K 52 41.08 -32.16 8.94
N GLY K 53 41.13 -32.62 7.70
CA GLY K 53 41.59 -31.76 6.62
C GLY K 53 40.72 -30.53 6.45
N GLU K 54 39.41 -30.69 6.56
CA GLU K 54 38.48 -29.60 6.30
C GLU K 54 38.17 -28.77 7.54
N GLY K 55 38.69 -29.13 8.70
CA GLY K 55 38.41 -28.41 9.93
C GLY K 55 37.12 -28.81 10.61
N ASP K 56 36.33 -29.72 10.01
CA ASP K 56 35.04 -30.11 10.56
C ASP K 56 35.11 -30.49 12.03
N SER K 57 35.98 -31.45 12.37
CA SER K 57 36.01 -32.05 13.69
C SER K 57 37.43 -32.07 14.23
N ALA K 58 37.55 -32.08 15.55
CA ALA K 58 38.84 -32.04 16.22
C ALA K 58 38.87 -33.07 17.35
N PHE K 59 40.07 -33.57 17.63
CA PHE K 59 40.30 -34.57 18.67
C PHE K 59 41.38 -34.11 19.61
N TYR K 60 41.16 -34.34 20.91
CA TYR K 60 42.10 -33.93 21.95
C TYR K 60 42.32 -35.08 22.91
N ALA K 61 43.58 -35.35 23.24
CA ALA K 61 43.89 -36.37 24.23
C ALA K 61 43.50 -35.89 25.62
N ASP K 62 43.16 -36.84 26.49
CA ASP K 62 42.73 -36.50 27.85
C ASP K 62 43.74 -35.60 28.55
N SER K 63 45.04 -35.84 28.33
CA SER K 63 46.06 -35.02 28.94
C SER K 63 45.94 -33.54 28.62
N VAL K 64 45.26 -33.20 27.52
CA VAL K 64 45.09 -31.80 27.14
C VAL K 64 43.64 -31.40 26.94
N LYS K 65 42.71 -32.34 26.85
CA LYS K 65 41.31 -32.04 26.57
C LYS K 65 40.76 -31.01 27.55
N GLY K 66 40.34 -29.86 27.01
CA GLY K 66 39.76 -28.82 27.82
C GLY K 66 40.55 -27.53 27.82
N ARG K 67 41.88 -27.64 27.86
CA ARG K 67 42.74 -26.47 27.90
C ARG K 67 43.22 -26.05 26.52
N PHE K 68 43.44 -27.00 25.61
CA PHE K 68 44.06 -26.74 24.32
C PHE K 68 42.99 -26.76 23.24
N THR K 69 43.17 -25.93 22.21
CA THR K 69 42.24 -25.86 21.09
C THR K 69 43.03 -25.88 19.79
N ILE K 70 42.79 -26.88 18.96
CA ILE K 70 43.41 -26.97 17.65
C ILE K 70 42.48 -26.34 16.62
N SER K 71 43.06 -25.69 15.63
CA SER K 71 42.28 -25.03 14.59
C SER K 71 43.13 -24.95 13.33
N ARG K 72 42.49 -24.55 12.23
CA ARG K 72 43.23 -24.47 10.98
C ARG K 72 42.56 -23.47 10.04
N ASP K 73 43.40 -22.79 9.26
CA ASP K 73 42.96 -21.88 8.21
C ASP K 73 43.58 -22.39 6.91
N ASN K 74 42.73 -22.94 6.05
CA ASN K 74 43.17 -23.50 4.78
C ASN K 74 43.51 -22.44 3.75
N SER K 75 43.04 -21.20 3.94
CA SER K 75 43.42 -20.13 3.03
C SER K 75 44.79 -19.58 3.35
N LYS K 76 45.10 -19.42 4.64
CA LYS K 76 46.43 -19.02 5.07
C LYS K 76 47.38 -20.21 5.23
N ASN K 77 46.92 -21.43 4.91
CA ASN K 77 47.72 -22.63 5.04
C ASN K 77 48.42 -22.72 6.38
N THR K 78 47.64 -22.53 7.46
CA THR K 78 48.24 -22.49 8.78
C THR K 78 47.42 -23.32 9.77
N LEU K 79 48.13 -24.12 10.56
CA LEU K 79 47.55 -24.88 11.67
C LEU K 79 47.88 -24.17 12.97
N TYR K 80 46.94 -24.17 13.90
CA TYR K 80 47.09 -23.44 15.15
C TYR K 80 46.80 -24.35 16.33
N PHE K 81 47.53 -24.13 17.42
CA PHE K 81 47.33 -24.90 18.65
C PHE K 81 47.24 -23.94 19.84
N GLU K 82 46.11 -23.23 19.93
CA GLU K 82 45.86 -22.26 20.99
C GLU K 82 45.75 -22.99 22.33
N MET K 83 46.81 -22.98 23.13
CA MET K 83 46.82 -23.71 24.40
C MET K 83 46.78 -22.71 25.55
N ASN K 84 45.70 -22.75 26.32
CA ASN K 84 45.52 -21.90 27.48
C ASN K 84 45.62 -22.73 28.75
N SER K 85 45.69 -22.04 29.89
CA SER K 85 45.78 -22.68 31.21
C SER K 85 46.99 -23.61 31.30
N LEU K 86 48.09 -23.23 30.66
CA LEU K 86 49.28 -24.07 30.59
C LEU K 86 49.77 -24.45 31.99
N ARG K 87 50.24 -25.69 32.10
CA ARG K 87 50.81 -26.24 33.31
C ARG K 87 52.28 -26.58 33.08
N PRO K 88 53.09 -26.65 34.15
CA PRO K 88 54.50 -27.02 33.96
C PRO K 88 54.68 -28.37 33.29
N GLU K 89 53.70 -29.26 33.40
CA GLU K 89 53.77 -30.55 32.73
C GLU K 89 53.63 -30.43 31.22
N ASP K 90 53.31 -29.24 30.70
CA ASP K 90 53.22 -29.03 29.27
C ASP K 90 54.52 -28.53 28.66
N THR K 91 55.57 -28.37 29.46
CA THR K 91 56.86 -27.97 28.94
C THR K 91 57.44 -29.11 28.11
N ALA K 92 57.60 -28.88 26.81
CA ALA K 92 57.97 -29.95 25.90
C ALA K 92 58.26 -29.36 24.53
N VAL K 93 58.78 -30.19 23.64
CA VAL K 93 58.95 -29.83 22.25
C VAL K 93 57.73 -30.31 21.47
N TYR K 94 57.05 -29.40 20.80
CA TYR K 94 55.82 -29.70 20.06
C TYR K 94 56.14 -29.76 18.58
N TYR K 95 55.66 -30.82 17.93
CA TYR K 95 55.85 -30.94 16.49
C TYR K 95 54.52 -31.19 15.76
N CYS K 96 54.23 -30.33 14.78
CA CYS K 96 53.05 -30.51 13.95
C CYS K 96 53.38 -31.46 12.82
N VAL K 97 52.47 -32.38 12.56
CA VAL K 97 52.64 -33.39 11.52
C VAL K 97 51.41 -33.34 10.63
N GLY K 98 51.59 -33.75 9.39
CA GLY K 98 50.51 -33.70 8.43
C GLY K 98 50.51 -34.93 7.55
N GLY K 99 49.32 -35.42 7.24
CA GLY K 99 49.23 -36.57 6.37
C GLY K 99 48.03 -36.50 5.46
N TYR K 100 48.20 -36.89 4.20
CA TYR K 100 47.09 -36.88 3.26
C TYR K 100 45.95 -37.71 3.81
N SER K 101 44.79 -37.08 3.97
CA SER K 101 43.65 -37.73 4.61
C SER K 101 42.45 -37.73 3.68
N ASN K 102 41.80 -38.89 3.61
CA ASN K 102 40.52 -39.08 2.94
C ASN K 102 39.42 -39.43 3.91
N PHE K 103 39.76 -39.62 5.19
CA PHE K 103 38.82 -40.03 6.23
C PHE K 103 39.28 -39.29 7.47
N TYR K 104 38.34 -38.93 8.36
CA TYR K 104 38.49 -37.77 9.22
C TYR K 104 39.94 -37.51 9.66
N TYR K 105 40.59 -38.48 10.29
CA TYR K 105 41.95 -38.26 10.73
C TYR K 105 42.96 -39.25 10.17
N TYR K 106 42.54 -40.29 9.46
CA TYR K 106 43.46 -41.36 9.10
C TYR K 106 44.49 -40.89 8.09
N TYR K 107 45.72 -41.38 8.24
CA TYR K 107 46.82 -41.05 7.34
C TYR K 107 47.83 -42.18 7.37
N THR K 108 48.61 -42.31 6.28
CA THR K 108 49.60 -43.36 6.21
C THR K 108 51.02 -42.80 6.17
N MET K 109 51.33 -41.98 5.18
CA MET K 109 52.62 -41.31 5.11
C MET K 109 52.47 -39.88 5.62
N ASP K 110 53.38 -39.48 6.49
CA ASP K 110 53.26 -38.20 7.17
C ASP K 110 54.45 -37.30 6.83
N VAL K 111 54.37 -36.07 7.31
CA VAL K 111 55.43 -35.07 7.17
C VAL K 111 55.52 -34.32 8.48
N TRP K 112 56.75 -34.12 8.97
CA TRP K 112 56.99 -33.54 10.28
C TRP K 112 57.72 -32.21 10.16
N GLY K 113 57.41 -31.30 11.07
CA GLY K 113 58.16 -30.07 11.22
C GLY K 113 59.34 -30.26 12.15
N GLN K 114 60.10 -29.18 12.33
CA GLN K 114 61.28 -29.25 13.18
C GLN K 114 60.96 -29.19 14.67
N GLY K 115 59.76 -28.74 15.03
CA GLY K 115 59.38 -28.65 16.42
C GLY K 115 59.71 -27.29 17.02
N THR K 116 58.97 -26.96 18.09
CA THR K 116 59.18 -25.72 18.81
C THR K 116 59.09 -25.99 20.30
N THR K 117 60.02 -25.41 21.06
CA THR K 117 60.08 -25.66 22.49
C THR K 117 59.12 -24.73 23.23
N VAL K 118 58.33 -25.29 24.14
CA VAL K 118 57.46 -24.52 25.02
C VAL K 118 57.89 -24.80 26.45
N THR K 119 58.27 -23.76 27.17
CA THR K 119 58.73 -23.88 28.54
C THR K 119 57.75 -23.16 29.46
N VAL K 120 57.23 -23.92 30.42
CA VAL K 120 56.49 -23.33 31.52
C VAL K 120 57.64 -22.73 32.36
N SER K 121 57.41 -21.61 33.03
CA SER K 121 58.50 -20.96 33.78
C SER K 121 59.11 -21.83 34.89
N SER K 122 58.26 -22.56 35.59
CA SER K 122 58.63 -23.41 36.72
C SER K 122 57.42 -23.82 37.54
N GLU L 2 42.05 -47.07 26.32
CA GLU L 2 42.89 -46.79 25.17
C GLU L 2 43.91 -47.91 24.96
N ILE L 3 44.24 -48.14 23.69
CA ILE L 3 45.27 -49.14 23.37
C ILE L 3 46.63 -48.64 23.82
N VAL L 4 47.48 -49.58 24.24
CA VAL L 4 48.83 -49.26 24.71
C VAL L 4 49.82 -50.12 23.93
N LEU L 5 50.97 -49.52 23.60
CA LEU L 5 52.04 -50.22 22.92
C LEU L 5 53.23 -50.36 23.87
N THR L 6 53.75 -51.59 23.96
CA THR L 6 54.86 -51.90 24.85
C THR L 6 56.03 -52.40 24.02
N GLN L 7 57.11 -51.63 23.98
CA GLN L 7 58.33 -52.12 23.36
C GLN L 7 59.16 -52.89 24.39
N SER L 8 59.67 -54.05 23.98
CA SER L 8 60.31 -54.94 24.95
C SER L 8 61.63 -54.38 25.47
N PRO L 9 62.65 -54.16 24.64
CA PRO L 9 63.93 -53.67 25.19
C PRO L 9 63.84 -52.19 25.48
N ALA L 10 64.19 -51.80 26.70
CA ALA L 10 64.28 -50.38 27.02
C ALA L 10 65.46 -49.75 26.29
N THR L 11 66.62 -50.38 26.36
CA THR L 11 67.82 -49.92 25.69
C THR L 11 68.55 -51.11 25.10
N LEU L 12 69.05 -50.95 23.88
CA LEU L 12 69.73 -52.03 23.18
C LEU L 12 71.13 -51.56 22.79
N SER L 13 72.13 -52.37 23.13
CA SER L 13 73.52 -52.05 22.86
C SER L 13 74.07 -53.07 21.87
N LEU L 14 74.55 -52.59 20.73
CA LEU L 14 75.03 -53.45 19.66
C LEU L 14 76.23 -52.80 18.97
N SER L 15 77.13 -53.64 18.49
CA SER L 15 78.25 -53.15 17.69
C SER L 15 77.79 -52.85 16.28
N PRO L 16 78.53 -51.99 15.56
CA PRO L 16 78.17 -51.71 14.16
C PRO L 16 78.19 -52.98 13.33
N GLY L 17 77.19 -53.11 12.46
CA GLY L 17 77.07 -54.27 11.59
C GLY L 17 76.30 -55.43 12.19
N GLU L 18 75.94 -55.35 13.46
CA GLU L 18 75.19 -56.44 14.09
C GLU L 18 73.71 -56.35 13.77
N ARG L 19 73.03 -57.50 13.82
CA ARG L 19 71.60 -57.53 13.62
C ARG L 19 70.88 -56.86 14.79
N ALA L 20 69.84 -56.09 14.47
CA ALA L 20 69.06 -55.37 15.47
C ALA L 20 67.61 -55.80 15.38
N THR L 21 67.01 -56.15 16.52
CA THR L 21 65.64 -56.62 16.59
C THR L 21 64.88 -55.86 17.67
N LEU L 22 63.75 -55.26 17.29
CA LEU L 22 62.89 -54.56 18.24
C LEU L 22 61.48 -55.09 18.12
N SER L 23 60.83 -55.35 19.25
CA SER L 23 59.47 -55.89 19.26
C SER L 23 58.54 -54.93 19.98
N CYS L 24 57.37 -54.68 19.39
CA CYS L 24 56.34 -53.81 19.92
C CYS L 24 55.06 -54.63 20.02
N ARG L 25 54.46 -54.66 21.21
CA ARG L 25 53.26 -55.45 21.44
C ARG L 25 52.09 -54.54 21.77
N ALA L 26 50.96 -54.77 21.11
CA ALA L 26 49.73 -54.03 21.35
C ALA L 26 48.89 -54.74 22.39
N SER L 27 48.13 -53.95 23.15
CA SER L 27 47.21 -54.52 24.14
C SER L 27 46.01 -55.21 23.50
N GLN L 28 45.75 -54.98 22.22
CA GLN L 28 44.61 -55.59 21.54
C GLN L 28 44.90 -55.59 20.05
N SER L 29 44.06 -56.30 19.31
CA SER L 29 44.31 -56.46 17.90
C SER L 29 44.32 -55.18 17.07
N ILE L 30 45.41 -55.09 16.33
CA ILE L 30 45.67 -54.10 15.32
C ILE L 30 45.92 -55.10 14.20
N SER L 31 45.04 -55.17 13.21
CA SER L 31 45.24 -56.16 12.15
C SER L 31 46.48 -55.96 11.27
N THR L 32 46.69 -54.74 10.79
CA THR L 32 47.85 -54.42 9.97
C THR L 32 48.29 -52.98 10.12
N PHE L 33 47.84 -52.32 11.19
CA PHE L 33 48.13 -50.93 11.38
C PHE L 33 49.17 -50.71 12.45
N LEU L 34 50.41 -50.54 12.00
CA LEU L 34 51.50 -50.25 12.93
C LEU L 34 52.62 -49.59 12.14
N ALA L 35 53.18 -48.51 12.70
CA ALA L 35 54.24 -47.77 12.04
C ALA L 35 55.47 -47.72 12.93
N TRP L 36 56.63 -47.64 12.28
CA TRP L 36 57.92 -47.54 12.95
C TRP L 36 58.61 -46.26 12.51
N TYR L 37 59.10 -45.50 13.51
CA TYR L 37 59.75 -44.22 13.32
C TYR L 37 61.15 -44.26 13.92
N GLN L 38 62.06 -43.53 13.28
CA GLN L 38 63.42 -43.33 13.77
C GLN L 38 63.56 -41.88 14.20
N HIS L 39 63.98 -41.66 15.44
CA HIS L 39 64.14 -40.33 16.03
C HIS L 39 65.55 -40.20 16.59
N LYS L 40 66.30 -39.23 16.08
CA LYS L 40 67.62 -38.76 16.47
C LYS L 40 67.52 -37.47 17.27
N PRO L 41 68.35 -37.30 18.29
CA PRO L 41 68.32 -36.06 19.06
C PRO L 41 68.64 -34.85 18.18
N GLY L 42 67.89 -33.78 18.38
CA GLY L 42 68.02 -32.60 17.55
C GLY L 42 67.51 -32.77 16.14
N GLN L 43 66.58 -33.70 15.92
CA GLN L 43 66.01 -33.94 14.61
C GLN L 43 64.55 -34.32 14.76
N ALA L 44 63.78 -34.10 13.71
CA ALA L 44 62.39 -34.51 13.72
C ALA L 44 62.30 -36.02 13.56
N PRO L 45 61.33 -36.67 14.22
CA PRO L 45 61.15 -38.12 14.03
C PRO L 45 60.89 -38.44 12.57
N ARG L 46 61.56 -39.49 12.09
CA ARG L 46 61.53 -39.86 10.68
C ARG L 46 60.73 -41.15 10.52
N LEU L 47 59.74 -41.12 9.63
CA LEU L 47 58.93 -42.29 9.38
C LEU L 47 59.75 -43.32 8.61
N LEU L 48 59.81 -44.54 9.13
CA LEU L 48 60.51 -45.63 8.46
C LEU L 48 59.54 -46.58 7.78
N ILE L 49 58.59 -47.14 8.54
CA ILE L 49 57.71 -48.18 8.02
C ILE L 49 56.27 -47.85 8.39
N TYR L 50 55.35 -48.06 7.45
CA TYR L 50 53.93 -48.03 7.75
C TYR L 50 53.29 -49.34 7.30
N ASP L 51 52.10 -49.59 7.82
CA ASP L 51 51.36 -50.83 7.56
C ASP L 51 52.18 -52.06 7.94
N ALA L 52 53.03 -51.86 8.95
CA ALA L 52 53.90 -52.89 9.50
C ALA L 52 55.09 -53.26 8.63
N SER L 53 54.82 -53.72 7.42
CA SER L 53 55.88 -54.14 6.51
C SER L 53 56.13 -53.28 5.26
N THR L 54 55.57 -52.08 5.19
CA THR L 54 55.78 -51.30 3.97
C THR L 54 56.75 -50.17 4.26
N ARG L 55 57.83 -50.10 3.50
CA ARG L 55 58.86 -49.11 3.73
C ARG L 55 58.43 -47.76 3.17
N ALA L 56 58.66 -46.70 3.95
CA ALA L 56 58.33 -45.37 3.48
C ALA L 56 59.22 -44.98 2.29
N THR L 57 58.87 -43.87 1.66
CA THR L 57 59.59 -43.41 0.49
C THR L 57 61.04 -43.09 0.83
N GLY L 58 61.97 -43.73 0.12
CA GLY L 58 63.39 -43.48 0.30
C GLY L 58 64.04 -44.22 1.46
N VAL L 59 63.28 -44.95 2.25
CA VAL L 59 63.87 -45.72 3.36
C VAL L 59 64.70 -46.86 2.77
N PRO L 60 65.95 -47.05 3.22
CA PRO L 60 66.76 -48.14 2.69
C PRO L 60 66.14 -49.50 2.98
N ALA L 61 66.48 -50.47 2.13
CA ALA L 61 65.87 -51.80 2.19
C ALA L 61 66.26 -52.58 3.44
N ARG L 62 67.31 -52.17 4.16
CA ARG L 62 67.75 -52.94 5.31
C ARG L 62 66.69 -53.00 6.40
N PHE L 63 65.90 -51.95 6.55
CA PHE L 63 64.85 -51.92 7.55
C PHE L 63 63.69 -52.81 7.09
N SER L 64 63.27 -53.74 7.95
CA SER L 64 62.21 -54.68 7.61
C SER L 64 61.20 -54.74 8.75
N GLY L 65 59.94 -54.99 8.39
CA GLY L 65 58.88 -55.09 9.37
C GLY L 65 58.08 -56.37 9.22
N SER L 66 57.65 -56.91 10.35
CA SER L 66 56.90 -58.15 10.37
C SER L 66 55.84 -58.10 11.46
N ARG L 67 54.79 -58.89 11.29
CA ARG L 67 53.68 -58.94 12.23
C ARG L 67 53.34 -60.39 12.57
N SER L 68 52.90 -60.59 13.81
CA SER L 68 52.32 -61.87 14.24
C SER L 68 51.28 -61.60 15.31
N GLY L 69 50.01 -61.56 14.92
CA GLY L 69 48.96 -61.30 15.89
C GLY L 69 49.04 -59.90 16.44
N THR L 70 49.47 -59.77 17.68
CA THR L 70 49.68 -58.48 18.31
C THR L 70 51.14 -58.08 18.42
N ASP L 71 52.07 -58.95 18.03
CA ASP L 71 53.50 -58.70 18.19
C ASP L 71 54.09 -58.26 16.86
N PHE L 72 54.61 -57.04 16.81
CA PHE L 72 55.23 -56.50 15.61
C PHE L 72 56.74 -56.43 15.83
N THR L 73 57.49 -56.61 14.75
CA THR L 73 58.94 -56.67 14.84
C THR L 73 59.57 -55.77 13.78
N LEU L 74 60.52 -54.95 14.21
CA LEU L 74 61.35 -54.14 13.32
C LEU L 74 62.75 -54.72 13.35
N THR L 75 63.27 -55.06 12.18
CA THR L 75 64.57 -55.71 12.04
C THR L 75 65.50 -54.86 11.19
N ILE L 76 66.73 -54.73 11.66
CA ILE L 76 67.79 -54.03 10.93
C ILE L 76 68.90 -55.05 10.72
N SER L 77 69.04 -55.56 9.50
CA SER L 77 69.99 -56.61 9.20
C SER L 77 71.43 -56.16 9.43
N THR L 78 71.87 -55.16 8.70
CA THR L 78 73.25 -54.68 8.75
C THR L 78 73.25 -53.27 9.36
N LEU L 79 73.58 -53.21 10.64
CA LEU L 79 73.62 -51.91 11.32
C LEU L 79 74.72 -51.03 10.75
N GLU L 80 74.35 -49.81 10.38
CA GLU L 80 75.28 -48.76 10.00
C GLU L 80 75.34 -47.71 11.09
N PRO L 81 76.43 -46.93 11.18
CA PRO L 81 76.56 -45.98 12.30
C PRO L 81 75.44 -44.97 12.39
N GLU L 82 74.86 -44.56 11.26
CA GLU L 82 73.78 -43.57 11.30
C GLU L 82 72.45 -44.15 11.77
N ASP L 83 72.40 -45.42 12.16
CA ASP L 83 71.18 -46.07 12.62
C ASP L 83 71.01 -46.04 14.14
N PHE L 84 72.02 -45.59 14.88
CA PHE L 84 71.95 -45.64 16.34
C PHE L 84 71.19 -44.41 16.84
N ALA L 85 69.94 -44.64 17.22
CA ALA L 85 69.05 -43.57 17.70
C ALA L 85 67.94 -44.23 18.50
N VAL L 86 66.84 -43.51 18.68
CA VAL L 86 65.65 -44.03 19.36
C VAL L 86 64.65 -44.45 18.30
N TYR L 87 63.99 -45.58 18.52
CA TYR L 87 63.01 -46.11 17.59
C TYR L 87 61.66 -46.26 18.28
N TYR L 88 60.62 -45.74 17.66
CA TYR L 88 59.28 -45.73 18.24
C TYR L 88 58.31 -46.49 17.35
N CYS L 89 57.34 -47.15 17.98
CA CYS L 89 56.20 -47.72 17.27
C CYS L 89 54.96 -46.89 17.56
N GLN L 90 54.10 -46.78 16.56
CA GLN L 90 52.88 -45.99 16.66
C GLN L 90 51.72 -46.78 16.08
N GLN L 91 50.58 -46.73 16.76
CA GLN L 91 49.40 -47.46 16.33
C GLN L 91 48.52 -46.55 15.48
N ARG L 92 48.16 -47.04 14.30
CA ARG L 92 47.35 -46.29 13.35
C ARG L 92 45.96 -46.91 13.24
N TYR L 93 45.46 -47.47 14.33
CA TYR L 93 44.17 -48.14 14.34
C TYR L 93 43.05 -47.12 14.24
N ASN L 94 41.82 -47.61 14.16
CA ASN L 94 40.62 -46.93 13.68
C ASN L 94 40.59 -45.47 14.15
N TRP L 95 40.53 -45.20 15.45
CA TRP L 95 40.42 -43.81 15.91
C TRP L 95 41.71 -43.08 16.24
N PRO L 96 41.69 -41.75 16.18
CA PRO L 96 42.92 -40.97 16.41
C PRO L 96 43.60 -41.24 17.73
N PRO L 97 42.92 -41.68 18.78
CA PRO L 97 43.66 -42.12 19.96
C PRO L 97 44.81 -43.02 19.54
N TYR L 98 46.00 -42.42 19.47
CA TYR L 98 47.21 -43.06 18.96
C TYR L 98 48.24 -43.02 20.07
N THR L 99 48.90 -44.13 20.32
CA THR L 99 49.90 -44.22 21.36
C THR L 99 51.25 -44.56 20.74
N PHE L 100 52.27 -43.80 21.10
CA PHE L 100 53.65 -44.10 20.75
C PHE L 100 54.25 -44.95 21.87
N GLY L 101 54.88 -46.06 21.50
CA GLY L 101 55.62 -46.85 22.46
C GLY L 101 56.64 -46.04 23.23
N GLN L 102 57.10 -46.55 24.36
CA GLN L 102 58.07 -45.84 25.17
C GLN L 102 59.42 -45.69 24.49
N GLY L 103 59.65 -46.37 23.38
CA GLY L 103 60.89 -46.15 22.65
C GLY L 103 62.00 -47.07 23.12
N THR L 104 62.89 -47.41 22.19
CA THR L 104 64.06 -48.23 22.47
C THR L 104 65.30 -47.54 21.91
N LYS L 105 66.36 -47.49 22.71
CA LYS L 105 67.59 -46.85 22.30
C LYS L 105 68.55 -47.91 21.74
N VAL L 106 69.02 -47.69 20.52
CA VAL L 106 70.00 -48.55 19.88
C VAL L 106 71.36 -47.89 20.06
N GLU L 107 72.21 -48.50 20.89
CA GLU L 107 73.46 -47.90 21.32
C GLU L 107 74.65 -48.67 20.75
N ILE L 108 75.78 -47.98 20.61
CA ILE L 108 77.03 -48.58 20.14
C ILE L 108 77.74 -49.09 21.39
N LYS L 109 77.60 -50.38 21.66
CA LYS L 109 78.29 -50.98 22.79
C LYS L 109 79.80 -51.01 22.56
#